data_4W59
# 
_entry.id   4W59 
# 
_audit_conform.dict_name       mmcif_pdbx.dic 
_audit_conform.dict_version    5.379 
_audit_conform.dict_location   http://mmcif.pdb.org/dictionaries/ascii/mmcif_pdbx.dic 
# 
loop_
_database_2.database_id 
_database_2.database_code 
_database_2.pdbx_database_accession 
_database_2.pdbx_DOI 
PDB   4W59         pdb_00004w59 10.2210/pdb4w59/pdb 
WWPDB D_1000203178 ?            ?                   
# 
_pdbx_database_status.status_code                     REL 
_pdbx_database_status.status_code_sf                  REL 
_pdbx_database_status.status_code_mr                  ? 
_pdbx_database_status.entry_id                        4W59 
_pdbx_database_status.recvd_initial_deposition_date   2014-08-16 
_pdbx_database_status.SG_entry                        N 
_pdbx_database_status.deposit_site                    RCSB 
_pdbx_database_status.process_site                    RCSB 
_pdbx_database_status.status_code_cs                  ? 
_pdbx_database_status.methods_development_category    ? 
_pdbx_database_status.pdb_format_compatible           Y 
_pdbx_database_status.status_code_nmr_data            ? 
# 
loop_
_audit_author.name 
_audit_author.pdbx_ordinal 
'Merski, M.'     1 
'Shoichet, B.K.' 2 
'Eidam, O.'      3 
'Fischer, M.'    4 
# 
_citation.abstract                  ? 
_citation.abstract_id_CAS           ? 
_citation.book_id_ISBN              ? 
_citation.book_publisher            ? 
_citation.book_publisher_city       ? 
_citation.book_title                ? 
_citation.coordinate_linkage        ? 
_citation.country                   US 
_citation.database_id_Medline       ? 
_citation.details                   ? 
_citation.id                        primary 
_citation.journal_abbrev            Proc.Natl.Acad.Sci.USA 
_citation.journal_id_ASTM           PNASA6 
_citation.journal_id_CSD            0040 
_citation.journal_id_ISSN           1091-6490 
_citation.journal_full              ? 
_citation.journal_issue             ? 
_citation.journal_volume            112 
_citation.language                  ? 
_citation.page_first                5039 
_citation.page_last                 5044 
_citation.title                     'Homologous ligands accommodated by discrete conformations of a buried cavity.' 
_citation.year                      2015 
_citation.database_id_CSD           ? 
_citation.pdbx_database_id_DOI      10.1073/pnas.1500806112 
_citation.pdbx_database_id_PubMed   25847998 
_citation.unpublished_flag          ? 
# 
loop_
_citation_author.citation_id 
_citation_author.name 
_citation_author.ordinal 
_citation_author.identifier_ORCID 
primary 'Merski, M.'     1 ? 
primary 'Fischer, M.'    2 ? 
primary 'Balius, T.E.'   3 ? 
primary 'Eidam, O.'      4 ? 
primary 'Shoichet, B.K.' 5 ? 
# 
_cell.length_a           60.410 
_cell.length_b           60.410 
_cell.length_c           96.560 
_cell.angle_alpha        90.000 
_cell.angle_beta         90.000 
_cell.angle_gamma        120.000 
_cell.entry_id           4W59 
_cell.Z_PDB              6 
_cell.pdbx_unique_axis   ? 
# 
_symmetry.entry_id                         4W59 
_symmetry.cell_setting                     ? 
_symmetry.Int_Tables_number                154 
_symmetry.space_group_name_Hall            ? 
_symmetry.space_group_name_H-M             'P 32 2 1' 
_symmetry.pdbx_full_space_group_name_H-M   ? 
# 
loop_
_entity.id 
_entity.type 
_entity.src_method 
_entity.pdbx_description 
_entity.formula_weight 
_entity.pdbx_number_of_molecules 
_entity.pdbx_ec 
_entity.pdbx_mutation 
_entity.pdbx_fragment 
_entity.details 
1 polymer     man Endolysin                                             19691.541 1   3.2.1.17 L99A ? ? 
2 non-polymer syn hexylbenzene                                          162.271   1   ?        ?    ? ? 
3 non-polymer syn '4-(2-HYDROXYETHYL)-1-PIPERAZINE ETHANESULFONIC ACID' 238.305   1   ?        ?    ? ? 
4 water       nat water                                                 18.015    185 ?        ?    ? ? 
# 
_entity_name_com.entity_id   1 
_entity_name_com.name        'Lysis protein,Lysozyme,Muramidase' 
# 
_entity_poly.entity_id                      1 
_entity_poly.type                           'polypeptide(L)' 
_entity_poly.nstd_linkage                   no 
_entity_poly.nstd_monomer                   no 
_entity_poly.pdbx_seq_one_letter_code       
;MNIFEMLRIDEGLRLKIYKDTEGYYTIGIGHLLTKSPSLNAAKSELDKAIGRNCNGVITKDEAEKLFNQDVDAAVRGILR
NAKLKPVYDSLDAVRRCAAINMVFQMGETGVAGFTNSLRMLQQKRWDEAAVNLAKSRWYNQTPNRAKRVITTFRTGTWDA
YKNLLEHHHHHH
;
_entity_poly.pdbx_seq_one_letter_code_can   
;MNIFEMLRIDEGLRLKIYKDTEGYYTIGIGHLLTKSPSLNAAKSELDKAIGRNCNGVITKDEAEKLFNQDVDAAVRGILR
NAKLKPVYDSLDAVRRCAAINMVFQMGETGVAGFTNSLRMLQQKRWDEAAVNLAKSRWYNQTPNRAKRVITTFRTGTWDA
YKNLLEHHHHHH
;
_entity_poly.pdbx_strand_id                 A 
_entity_poly.pdbx_target_identifier         ? 
# 
loop_
_entity_poly_seq.entity_id 
_entity_poly_seq.num 
_entity_poly_seq.mon_id 
_entity_poly_seq.hetero 
1 1   MET n 
1 2   ASN n 
1 3   ILE n 
1 4   PHE n 
1 5   GLU n 
1 6   MET n 
1 7   LEU n 
1 8   ARG n 
1 9   ILE n 
1 10  ASP n 
1 11  GLU n 
1 12  GLY n 
1 13  LEU n 
1 14  ARG n 
1 15  LEU n 
1 16  LYS n 
1 17  ILE n 
1 18  TYR n 
1 19  LYS n 
1 20  ASP n 
1 21  THR n 
1 22  GLU n 
1 23  GLY n 
1 24  TYR n 
1 25  TYR n 
1 26  THR n 
1 27  ILE n 
1 28  GLY n 
1 29  ILE n 
1 30  GLY n 
1 31  HIS n 
1 32  LEU n 
1 33  LEU n 
1 34  THR n 
1 35  LYS n 
1 36  SER n 
1 37  PRO n 
1 38  SER n 
1 39  LEU n 
1 40  ASN n 
1 41  ALA n 
1 42  ALA n 
1 43  LYS n 
1 44  SER n 
1 45  GLU n 
1 46  LEU n 
1 47  ASP n 
1 48  LYS n 
1 49  ALA n 
1 50  ILE n 
1 51  GLY n 
1 52  ARG n 
1 53  ASN n 
1 54  CYS n 
1 55  ASN n 
1 56  GLY n 
1 57  VAL n 
1 58  ILE n 
1 59  THR n 
1 60  LYS n 
1 61  ASP n 
1 62  GLU n 
1 63  ALA n 
1 64  GLU n 
1 65  LYS n 
1 66  LEU n 
1 67  PHE n 
1 68  ASN n 
1 69  GLN n 
1 70  ASP n 
1 71  VAL n 
1 72  ASP n 
1 73  ALA n 
1 74  ALA n 
1 75  VAL n 
1 76  ARG n 
1 77  GLY n 
1 78  ILE n 
1 79  LEU n 
1 80  ARG n 
1 81  ASN n 
1 82  ALA n 
1 83  LYS n 
1 84  LEU n 
1 85  LYS n 
1 86  PRO n 
1 87  VAL n 
1 88  TYR n 
1 89  ASP n 
1 90  SER n 
1 91  LEU n 
1 92  ASP n 
1 93  ALA n 
1 94  VAL n 
1 95  ARG n 
1 96  ARG n 
1 97  CYS n 
1 98  ALA n 
1 99  ALA n 
1 100 ILE n 
1 101 ASN n 
1 102 MET n 
1 103 VAL n 
1 104 PHE n 
1 105 GLN n 
1 106 MET n 
1 107 GLY n 
1 108 GLU n 
1 109 THR n 
1 110 GLY n 
1 111 VAL n 
1 112 ALA n 
1 113 GLY n 
1 114 PHE n 
1 115 THR n 
1 116 ASN n 
1 117 SER n 
1 118 LEU n 
1 119 ARG n 
1 120 MET n 
1 121 LEU n 
1 122 GLN n 
1 123 GLN n 
1 124 LYS n 
1 125 ARG n 
1 126 TRP n 
1 127 ASP n 
1 128 GLU n 
1 129 ALA n 
1 130 ALA n 
1 131 VAL n 
1 132 ASN n 
1 133 LEU n 
1 134 ALA n 
1 135 LYS n 
1 136 SER n 
1 137 ARG n 
1 138 TRP n 
1 139 TYR n 
1 140 ASN n 
1 141 GLN n 
1 142 THR n 
1 143 PRO n 
1 144 ASN n 
1 145 ARG n 
1 146 ALA n 
1 147 LYS n 
1 148 ARG n 
1 149 VAL n 
1 150 ILE n 
1 151 THR n 
1 152 THR n 
1 153 PHE n 
1 154 ARG n 
1 155 THR n 
1 156 GLY n 
1 157 THR n 
1 158 TRP n 
1 159 ASP n 
1 160 ALA n 
1 161 TYR n 
1 162 LYS n 
1 163 ASN n 
1 164 LEU n 
1 165 LEU n 
1 166 GLU n 
1 167 HIS n 
1 168 HIS n 
1 169 HIS n 
1 170 HIS n 
1 171 HIS n 
1 172 HIS n 
# 
_entity_src_gen.entity_id                          1 
_entity_src_gen.pdbx_src_id                        1 
_entity_src_gen.pdbx_alt_source_flag               sample 
_entity_src_gen.pdbx_seq_type                      'Biological sequence' 
_entity_src_gen.pdbx_beg_seq_num                   1 
_entity_src_gen.pdbx_end_seq_num                   172 
_entity_src_gen.gene_src_common_name               ? 
_entity_src_gen.gene_src_genus                     ? 
_entity_src_gen.pdbx_gene_src_gene                 ? 
_entity_src_gen.gene_src_species                   ? 
_entity_src_gen.gene_src_strain                    ? 
_entity_src_gen.gene_src_tissue                    ? 
_entity_src_gen.gene_src_tissue_fraction           ? 
_entity_src_gen.gene_src_details                   ? 
_entity_src_gen.pdbx_gene_src_fragment             ? 
_entity_src_gen.pdbx_gene_src_scientific_name      'Enterobacteria phage T4' 
_entity_src_gen.pdbx_gene_src_ncbi_taxonomy_id     10665 
_entity_src_gen.pdbx_gene_src_variant              ? 
_entity_src_gen.pdbx_gene_src_cell_line            ? 
_entity_src_gen.pdbx_gene_src_atcc                 ? 
_entity_src_gen.pdbx_gene_src_organ                ? 
_entity_src_gen.pdbx_gene_src_organelle            ? 
_entity_src_gen.pdbx_gene_src_cell                 ? 
_entity_src_gen.pdbx_gene_src_cellular_location    ? 
_entity_src_gen.host_org_common_name               ? 
_entity_src_gen.pdbx_host_org_scientific_name      'Escherichia coli' 
_entity_src_gen.pdbx_host_org_ncbi_taxonomy_id     469008 
_entity_src_gen.host_org_genus                     ? 
_entity_src_gen.pdbx_host_org_gene                 ? 
_entity_src_gen.pdbx_host_org_organ                ? 
_entity_src_gen.host_org_species                   ? 
_entity_src_gen.pdbx_host_org_tissue               ? 
_entity_src_gen.pdbx_host_org_tissue_fraction      ? 
_entity_src_gen.pdbx_host_org_strain               'BL21(DE3)' 
_entity_src_gen.pdbx_host_org_variant              ? 
_entity_src_gen.pdbx_host_org_cell_line            ? 
_entity_src_gen.pdbx_host_org_atcc                 ? 
_entity_src_gen.pdbx_host_org_culture_collection   ? 
_entity_src_gen.pdbx_host_org_cell                 ? 
_entity_src_gen.pdbx_host_org_organelle            ? 
_entity_src_gen.pdbx_host_org_cellular_location    ? 
_entity_src_gen.pdbx_host_org_vector_type          plasmid 
_entity_src_gen.pdbx_host_org_vector               ? 
_entity_src_gen.host_org_details                   ? 
_entity_src_gen.expression_system_id               ? 
_entity_src_gen.plasmid_name                       pET29 
_entity_src_gen.plasmid_details                    ? 
_entity_src_gen.pdbx_description                   ? 
# 
_struct_ref.id                         1 
_struct_ref.db_name                    UNP 
_struct_ref.db_code                    ENLYS_BPT4 
_struct_ref.pdbx_db_accession          P00720 
_struct_ref.pdbx_db_isoform            ? 
_struct_ref.entity_id                  1 
_struct_ref.pdbx_seq_one_letter_code   
;MNIFEMLRIDERLRLKIYKDTEGYYTIGIGHLLTKSPSLNAAKSELDKAIGRNCNGVITKDEAEKLFNQDVDAAVRGILR
NAKLKPVYDSLDAVRRCALINMVFQMGETGVAGFTNSLRMLQQKRWDEAAVNLAKSIWYNQTPNRAKRVITTFRTGTWDA
YKNL
;
_struct_ref.pdbx_align_begin           1 
# 
_struct_ref_seq.align_id                      1 
_struct_ref_seq.ref_id                        1 
_struct_ref_seq.pdbx_PDB_id_code              4W59 
_struct_ref_seq.pdbx_strand_id                A 
_struct_ref_seq.seq_align_beg                 1 
_struct_ref_seq.pdbx_seq_align_beg_ins_code   ? 
_struct_ref_seq.seq_align_end                 164 
_struct_ref_seq.pdbx_seq_align_end_ins_code   ? 
_struct_ref_seq.pdbx_db_accession             P00720 
_struct_ref_seq.db_align_beg                  1 
_struct_ref_seq.pdbx_db_align_beg_ins_code    ? 
_struct_ref_seq.db_align_end                  164 
_struct_ref_seq.pdbx_db_align_end_ins_code    ? 
_struct_ref_seq.pdbx_auth_seq_align_beg       1 
_struct_ref_seq.pdbx_auth_seq_align_end       164 
# 
loop_
_struct_ref_seq_dif.align_id 
_struct_ref_seq_dif.pdbx_pdb_id_code 
_struct_ref_seq_dif.mon_id 
_struct_ref_seq_dif.pdbx_pdb_strand_id 
_struct_ref_seq_dif.seq_num 
_struct_ref_seq_dif.pdbx_pdb_ins_code 
_struct_ref_seq_dif.pdbx_seq_db_name 
_struct_ref_seq_dif.pdbx_seq_db_accession_code 
_struct_ref_seq_dif.db_mon_id 
_struct_ref_seq_dif.pdbx_seq_db_seq_num 
_struct_ref_seq_dif.details 
_struct_ref_seq_dif.pdbx_auth_seq_num 
_struct_ref_seq_dif.pdbx_ordinal 
1 4W59 GLY A 12  ? UNP P00720 ARG 12  variant               12  1  
1 4W59 ALA A 99  ? UNP P00720 LEU 99  'engineered mutation' 99  2  
1 4W59 ARG A 137 ? UNP P00720 ILE 137 variant               137 3  
1 4W59 LEU A 165 ? UNP P00720 ?   ?   'expression tag'      165 4  
1 4W59 GLU A 166 ? UNP P00720 ?   ?   'expression tag'      166 5  
1 4W59 HIS A 167 ? UNP P00720 ?   ?   'expression tag'      167 6  
1 4W59 HIS A 168 ? UNP P00720 ?   ?   'expression tag'      168 7  
1 4W59 HIS A 169 ? UNP P00720 ?   ?   'expression tag'      169 8  
1 4W59 HIS A 170 ? UNP P00720 ?   ?   'expression tag'      170 9  
1 4W59 HIS A 171 ? UNP P00720 ?   ?   'expression tag'      171 10 
1 4W59 HIS A 172 ? UNP P00720 ?   ?   'expression tag'      172 11 
# 
loop_
_chem_comp.id 
_chem_comp.type 
_chem_comp.mon_nstd_flag 
_chem_comp.name 
_chem_comp.pdbx_synonyms 
_chem_comp.formula 
_chem_comp.formula_weight 
3GZ non-polymer         . hexylbenzene                                          ?     'C12 H18'        162.271 
ALA 'L-peptide linking' y ALANINE                                               ?     'C3 H7 N O2'     89.093  
ARG 'L-peptide linking' y ARGININE                                              ?     'C6 H15 N4 O2 1' 175.209 
ASN 'L-peptide linking' y ASPARAGINE                                            ?     'C4 H8 N2 O3'    132.118 
ASP 'L-peptide linking' y 'ASPARTIC ACID'                                       ?     'C4 H7 N O4'     133.103 
CYS 'L-peptide linking' y CYSTEINE                                              ?     'C3 H7 N O2 S'   121.158 
EPE non-polymer         . '4-(2-HYDROXYETHYL)-1-PIPERAZINE ETHANESULFONIC ACID' HEPES 'C8 H18 N2 O4 S' 238.305 
GLN 'L-peptide linking' y GLUTAMINE                                             ?     'C5 H10 N2 O3'   146.144 
GLU 'L-peptide linking' y 'GLUTAMIC ACID'                                       ?     'C5 H9 N O4'     147.129 
GLY 'peptide linking'   y GLYCINE                                               ?     'C2 H5 N O2'     75.067  
HIS 'L-peptide linking' y HISTIDINE                                             ?     'C6 H10 N3 O2 1' 156.162 
HOH non-polymer         . WATER                                                 ?     'H2 O'           18.015  
ILE 'L-peptide linking' y ISOLEUCINE                                            ?     'C6 H13 N O2'    131.173 
LEU 'L-peptide linking' y LEUCINE                                               ?     'C6 H13 N O2'    131.173 
LYS 'L-peptide linking' y LYSINE                                                ?     'C6 H15 N2 O2 1' 147.195 
MET 'L-peptide linking' y METHIONINE                                            ?     'C5 H11 N O2 S'  149.211 
PHE 'L-peptide linking' y PHENYLALANINE                                         ?     'C9 H11 N O2'    165.189 
PRO 'L-peptide linking' y PROLINE                                               ?     'C5 H9 N O2'     115.130 
SER 'L-peptide linking' y SERINE                                                ?     'C3 H7 N O3'     105.093 
THR 'L-peptide linking' y THREONINE                                             ?     'C4 H9 N O3'     119.119 
TRP 'L-peptide linking' y TRYPTOPHAN                                            ?     'C11 H12 N2 O2'  204.225 
TYR 'L-peptide linking' y TYROSINE                                              ?     'C9 H11 N O3'    181.189 
VAL 'L-peptide linking' y VALINE                                                ?     'C5 H11 N O2'    117.146 
# 
_exptl.absorpt_coefficient_mu     ? 
_exptl.absorpt_correction_T_max   ? 
_exptl.absorpt_correction_T_min   ? 
_exptl.absorpt_correction_type    ? 
_exptl.absorpt_process_details    ? 
_exptl.entry_id                   4W59 
_exptl.crystals_number            1 
_exptl.details                    ? 
_exptl.method                     'X-RAY DIFFRACTION' 
_exptl.method_details             ? 
# 
_exptl_crystal.colour                      ? 
_exptl_crystal.density_diffrn              ? 
_exptl_crystal.density_Matthews            2.58 
_exptl_crystal.density_method              ? 
_exptl_crystal.density_percent_sol         52.38 
_exptl_crystal.description                 ? 
_exptl_crystal.F_000                       ? 
_exptl_crystal.id                          1 
_exptl_crystal.preparation                 ? 
_exptl_crystal.size_max                    ? 
_exptl_crystal.size_mid                    ? 
_exptl_crystal.size_min                    ? 
_exptl_crystal.size_rad                    ? 
_exptl_crystal.colour_lustre               ? 
_exptl_crystal.colour_modifier             ? 
_exptl_crystal.colour_primary              ? 
_exptl_crystal.density_meas                ? 
_exptl_crystal.density_meas_esd            ? 
_exptl_crystal.density_meas_gt             ? 
_exptl_crystal.density_meas_lt             ? 
_exptl_crystal.density_meas_temp           ? 
_exptl_crystal.density_meas_temp_esd       ? 
_exptl_crystal.density_meas_temp_gt        ? 
_exptl_crystal.density_meas_temp_lt        ? 
_exptl_crystal.pdbx_crystal_image_url      ? 
_exptl_crystal.pdbx_crystal_image_format   ? 
_exptl_crystal.pdbx_mosaicity              ? 
_exptl_crystal.pdbx_mosaicity_esd          ? 
# 
_exptl_crystal_grow.apparatus       ? 
_exptl_crystal_grow.atmosphere      ? 
_exptl_crystal_grow.crystal_id      1 
_exptl_crystal_grow.details         ? 
_exptl_crystal_grow.method          'VAPOR DIFFUSION, HANGING DROP' 
_exptl_crystal_grow.method_ref      ? 
_exptl_crystal_grow.pH              7.5 
_exptl_crystal_grow.pressure        ? 
_exptl_crystal_grow.pressure_esd    ? 
_exptl_crystal_grow.seeding         ? 
_exptl_crystal_grow.seeding_ref     ? 
_exptl_crystal_grow.temp            277 
_exptl_crystal_grow.temp_details    ? 
_exptl_crystal_grow.temp_esd        ? 
_exptl_crystal_grow.time            ? 
_exptl_crystal_grow.pdbx_details    
'20% (w/v) PEGF-4000, 10% 2-propanol, 0.1 M HEPES, 50 mM 2-mercaptoethanol, 50 mM 2-hydroxyethyl disulfide' 
_exptl_crystal_grow.pdbx_pH_range   ? 
# 
_diffrn.ambient_environment    ? 
_diffrn.ambient_temp           100 
_diffrn.ambient_temp_details   ? 
_diffrn.ambient_temp_esd       ? 
_diffrn.crystal_id             1 
_diffrn.crystal_support        ? 
_diffrn.crystal_treatment      ? 
_diffrn.details                ? 
_diffrn.id                     1 
_diffrn.ambient_pressure       ? 
_diffrn.ambient_pressure_esd   ? 
_diffrn.ambient_pressure_gt    ? 
_diffrn.ambient_pressure_lt    ? 
_diffrn.ambient_temp_gt        ? 
_diffrn.ambient_temp_lt        ? 
# 
_diffrn_detector.details                      ? 
_diffrn_detector.detector                     CCD 
_diffrn_detector.diffrn_id                    1 
_diffrn_detector.type                         'ADSC QUANTUM 315r' 
_diffrn_detector.area_resol_mean              ? 
_diffrn_detector.dtime                        ? 
_diffrn_detector.pdbx_frames_total            ? 
_diffrn_detector.pdbx_collection_time_total   ? 
_diffrn_detector.pdbx_collection_date         2009-05-29 
# 
_diffrn_radiation.collimation                      ? 
_diffrn_radiation.diffrn_id                        1 
_diffrn_radiation.filter_edge                      ? 
_diffrn_radiation.inhomogeneity                    ? 
_diffrn_radiation.monochromator                    'two flat Si(111) crystals, mounted in a model DCM from Khozu' 
_diffrn_radiation.polarisn_norm                    ? 
_diffrn_radiation.polarisn_ratio                   ? 
_diffrn_radiation.probe                            ? 
_diffrn_radiation.type                             ? 
_diffrn_radiation.xray_symbol                      ? 
_diffrn_radiation.wavelength_id                    1 
_diffrn_radiation.pdbx_monochromatic_or_laue_m_l   M 
_diffrn_radiation.pdbx_wavelength_list             ? 
_diffrn_radiation.pdbx_wavelength                  ? 
_diffrn_radiation.pdbx_diffrn_protocol             'SINGLE WAVELENGTH' 
_diffrn_radiation.pdbx_analyzer                    ? 
_diffrn_radiation.pdbx_scattering_type             x-ray 
# 
_diffrn_radiation_wavelength.id           1 
_diffrn_radiation_wavelength.wavelength   1.116 
_diffrn_radiation_wavelength.wt           1.0 
# 
_diffrn_source.current                     ? 
_diffrn_source.details                     ? 
_diffrn_source.diffrn_id                   1 
_diffrn_source.power                       ? 
_diffrn_source.size                        ? 
_diffrn_source.source                      SYNCHROTRON 
_diffrn_source.target                      ? 
_diffrn_source.type                        'ALS BEAMLINE 8.3.1' 
_diffrn_source.voltage                     ? 
_diffrn_source.take-off_angle              ? 
_diffrn_source.pdbx_wavelength_list        1.116 
_diffrn_source.pdbx_wavelength             ? 
_diffrn_source.pdbx_synchrotron_beamline   8.3.1 
_diffrn_source.pdbx_synchrotron_site       ALS 
# 
_reflns.B_iso_Wilson_estimate            13.450 
_reflns.entry_id                         4W59 
_reflns.data_reduction_details           ? 
_reflns.data_reduction_method            ? 
_reflns.d_resolution_high                1.39 
_reflns.d_resolution_low                 50.0 
_reflns.details                          ? 
_reflns.limit_h_max                      ? 
_reflns.limit_h_min                      ? 
_reflns.limit_k_max                      ? 
_reflns.limit_k_min                      ? 
_reflns.limit_l_max                      ? 
_reflns.limit_l_min                      ? 
_reflns.number_all                       ? 
_reflns.number_obs                       45280 
_reflns.observed_criterion               ? 
_reflns.observed_criterion_F_max         ? 
_reflns.observed_criterion_F_min         ? 
_reflns.observed_criterion_I_max         ? 
_reflns.observed_criterion_I_min         ? 
_reflns.observed_criterion_sigma_F       ? 
_reflns.observed_criterion_sigma_I       -3.000 
_reflns.percent_possible_obs             99.900 
_reflns.R_free_details                   ? 
_reflns.Rmerge_F_all                     ? 
_reflns.Rmerge_F_obs                     0.075 
_reflns.Friedel_coverage                 ? 
_reflns.number_gt                        ? 
_reflns.threshold_expression             ? 
_reflns.pdbx_redundancy                  7.0 
_reflns.pdbx_Rmerge_I_obs                0.049 
_reflns.pdbx_Rmerge_I_all                ? 
_reflns.pdbx_Rsym_value                  ? 
_reflns.pdbx_netI_over_av_sigmaI         ? 
_reflns.pdbx_netI_over_sigmaI            21.220 
_reflns.pdbx_res_netI_over_av_sigmaI_2   ? 
_reflns.pdbx_res_netI_over_sigmaI_2      ? 
_reflns.pdbx_chi_squared                 1.005 
_reflns.pdbx_scaling_rejects             ? 
_reflns.pdbx_d_res_high_opt              ? 
_reflns.pdbx_d_res_low_opt               ? 
_reflns.pdbx_d_res_opt_method            ? 
_reflns.phase_calculation_details        ? 
_reflns.pdbx_Rrim_I_all                  0.053 
_reflns.pdbx_Rpim_I_all                  ? 
_reflns.pdbx_d_opt                       ? 
_reflns.pdbx_number_measured_all         293546 
_reflns.pdbx_diffrn_id                   1 
_reflns.pdbx_ordinal                     1 
_reflns.pdbx_CC_half                     ? 
_reflns.pdbx_R_split                     ? 
# 
loop_
_reflns_shell.d_res_high 
_reflns_shell.d_res_low 
_reflns_shell.meanI_over_sigI_all 
_reflns_shell.meanI_over_sigI_obs 
_reflns_shell.number_measured_all 
_reflns_shell.number_measured_obs 
_reflns_shell.number_possible 
_reflns_shell.number_unique_all 
_reflns_shell.number_unique_obs 
_reflns_shell.percent_possible_all 
_reflns_shell.percent_possible_obs 
_reflns_shell.Rmerge_F_all 
_reflns_shell.Rmerge_F_obs 
_reflns_shell.Rmerge_I_all 
_reflns_shell.Rmerge_I_obs 
_reflns_shell.meanI_over_sigI_gt 
_reflns_shell.meanI_over_uI_all 
_reflns_shell.meanI_over_uI_gt 
_reflns_shell.number_measured_gt 
_reflns_shell.number_unique_gt 
_reflns_shell.percent_possible_gt 
_reflns_shell.Rmerge_F_gt 
_reflns_shell.Rmerge_I_gt 
_reflns_shell.pdbx_redundancy 
_reflns_shell.pdbx_Rsym_value 
_reflns_shell.pdbx_chi_squared 
_reflns_shell.pdbx_netI_over_sigmaI_all 
_reflns_shell.pdbx_netI_over_sigmaI_obs 
_reflns_shell.pdbx_Rrim_I_all 
_reflns_shell.pdbx_Rpim_I_all 
_reflns_shell.pdbx_rejects 
_reflns_shell.pdbx_ordinal 
_reflns_shell.pdbx_diffrn_id 
_reflns_shell.pdbx_CC_half 
_reflns_shell.pdbx_R_split 
1.390  1.480  ? 3.700  ? 48537 7050 ? 7049 100.000 ? ? 0.472 ? 0.529 ? ? ? ? ? ? ? ? ? ? ? ? ? 0.573 ? 0 1  1 ? ? 
1.480  1.580  ? 6.760  ? 42945 6079 ? 6078 100.000 ? ? 0.245 ? 0.285 ? ? ? ? ? ? ? ? ? ? ? ? ? 0.308 ? 0 2  1 ? ? 
1.580  1.690  ? 10.040 ? 36696 5119 ? 5119 100.000 ? ? 0.160 ? 0.185 ? ? ? ? ? ? ? ? ? ? ? ? ? 0.199 ? 0 3  1 ? ? 
1.690  1.810  ? 14.230 ? 30860 4277 ? 4276 100.000 ? ? 0.108 ? 0.126 ? ? ? ? ? ? ? ? ? ? ? ? ? 0.136 ? 0 4  1 ? ? 
1.810  2.020  ? 21.980 ? 38234 5296 ? 5296 100.000 ? ? 0.060 ? 0.077 ? ? ? ? ? ? ? ? ? ? ? ? ? 0.083 ? 0 5  1 ? ? 
2.020  2.340  ? 34.130 ? 34591 4846 ? 4846 100.000 ? ? 0.034 ? 0.047 ? ? ? ? ? ? ? ? ? ? ? ? ? 0.051 ? 0 6  1 ? ? 
2.340  2.860  ? 41.600 ? 27971 4003 ? 4001 100.000 ? ? 0.025 ? 0.040 ? ? ? ? ? ? ? ? ? ? ? ? ? 0.043 ? 0 7  1 ? ? 
2.860  4.040  ? 50.690 ? 21965 3191 ? 3187 99.900  ? ? 0.016 ? 0.028 ? ? ? ? ? ? ? ? ? ? ? ? ? 0.030 ? 0 8  1 ? ? 
4.040  10.000 ? 53.300 ? 11270 1702 ? 1685 99.000  ? ? 0.013 ? 0.024 ? ? ? ? ? ? ? ? ? ? ? ? ? 0.026 ? 0 9  1 ? ? 
10.000 ?      ? 42.550 ? 477   142  ? 109  76.800  ? ? 0.017 ? 0.025 ? ? ? ? ? ? ? ? ? ? ? ? ? 0.029 ? 0 10 1 ? ? 
# 
_refine.aniso_B[1][1]                            0.9387 
_refine.aniso_B[1][2]                            0.0000 
_refine.aniso_B[1][3]                            0.0000 
_refine.aniso_B[2][2]                            0.9387 
_refine.aniso_B[2][3]                            0.0000 
_refine.aniso_B[3][3]                            -1.8774 
_refine.B_iso_max                                46.970 
_refine.B_iso_mean                               16.1706 
_refine.B_iso_min                                6.730 
_refine.correlation_coeff_Fo_to_Fc               ? 
_refine.correlation_coeff_Fo_to_Fc_free          ? 
_refine.details                                  ? 
_refine.diff_density_max                         ? 
_refine.diff_density_max_esd                     ? 
_refine.diff_density_min                         ? 
_refine.diff_density_min_esd                     ? 
_refine.diff_density_rms                         ? 
_refine.diff_density_rms_esd                     ? 
_refine.entry_id                                 4W59 
_refine.pdbx_refine_id                           'X-RAY DIFFRACTION' 
_refine.ls_abs_structure_details                 ? 
_refine.ls_abs_structure_Flack                   ? 
_refine.ls_abs_structure_Flack_esd               ? 
_refine.ls_abs_structure_Rogers                  ? 
_refine.ls_abs_structure_Rogers_esd              ? 
_refine.ls_d_res_high                            1.3900 
_refine.ls_d_res_low                             45.9990 
_refine.ls_extinction_coef                       ? 
_refine.ls_extinction_coef_esd                   ? 
_refine.ls_extinction_expression                 ? 
_refine.ls_extinction_method                     ? 
_refine.ls_goodness_of_fit_all                   ? 
_refine.ls_goodness_of_fit_all_esd               ? 
_refine.ls_goodness_of_fit_obs                   ? 
_refine.ls_goodness_of_fit_obs_esd               ? 
_refine.ls_hydrogen_treatment                    ? 
_refine.ls_matrix_type                           ? 
_refine.ls_number_constraints                    ? 
_refine.ls_number_parameters                     ? 
_refine.ls_number_reflns_all                     ? 
_refine.ls_number_reflns_obs                     41645 
_refine.ls_number_reflns_R_free                  1250 
_refine.ls_number_reflns_R_work                  40395 
_refine.ls_number_restraints                     ? 
_refine.ls_percent_reflns_obs                    99.8600 
_refine.ls_percent_reflns_R_free                 3.0000 
_refine.ls_R_factor_all                          ? 
_refine.ls_R_factor_obs                          0.1760 
_refine.ls_R_factor_R_free                       0.1873 
_refine.ls_R_factor_R_free_error                 ? 
_refine.ls_R_factor_R_free_error_details         ? 
_refine.ls_R_factor_R_work                       0.1757 
_refine.ls_R_Fsqd_factor_obs                     ? 
_refine.ls_R_I_factor_obs                        ? 
_refine.ls_redundancy_reflns_all                 ? 
_refine.ls_redundancy_reflns_obs                 ? 
_refine.ls_restrained_S_all                      ? 
_refine.ls_restrained_S_obs                      ? 
_refine.ls_shift_over_esd_max                    ? 
_refine.ls_shift_over_esd_mean                   ? 
_refine.ls_structure_factor_coef                 ? 
_refine.ls_weighting_details                     ? 
_refine.ls_weighting_scheme                      ? 
_refine.ls_wR_factor_all                         ? 
_refine.ls_wR_factor_obs                         ? 
_refine.ls_wR_factor_R_free                      ? 
_refine.ls_wR_factor_R_work                      ? 
_refine.occupancy_max                            ? 
_refine.occupancy_min                            ? 
_refine.solvent_model_details                    'FLAT BULK SOLVENT MODEL' 
_refine.solvent_model_param_bsol                 47.8880 
_refine.solvent_model_param_ksol                 0.3860 
_refine.ls_R_factor_gt                           ? 
_refine.ls_goodness_of_fit_gt                    ? 
_refine.ls_goodness_of_fit_ref                   ? 
_refine.ls_shift_over_su_max                     ? 
_refine.ls_shift_over_su_max_lt                  ? 
_refine.ls_shift_over_su_mean                    ? 
_refine.ls_shift_over_su_mean_lt                 ? 
_refine.pdbx_ls_sigma_I                          ? 
_refine.pdbx_ls_sigma_F                          2.000 
_refine.pdbx_ls_sigma_Fsqd                       ? 
_refine.pdbx_data_cutoff_high_absF               ? 
_refine.pdbx_data_cutoff_high_rms_absF           ? 
_refine.pdbx_data_cutoff_low_absF                ? 
_refine.pdbx_isotropic_thermal_model             ? 
_refine.pdbx_ls_cross_valid_method               'FREE R-VALUE' 
_refine.pdbx_method_to_determine_struct          'MOLECULAR REPLACEMENT' 
_refine.pdbx_starting_model                      181L 
_refine.pdbx_stereochemistry_target_values       ML 
_refine.pdbx_R_Free_selection_details            'Random selection' 
_refine.pdbx_stereochem_target_val_spec_case     ? 
_refine.pdbx_overall_ESU_R                       ? 
_refine.pdbx_overall_ESU_R_Free                  ? 
_refine.pdbx_solvent_vdw_probe_radii             1.0000 
_refine.pdbx_solvent_ion_probe_radii             ? 
_refine.pdbx_solvent_shrinkage_radii             0.7200 
_refine.pdbx_real_space_R                        ? 
_refine.pdbx_density_correlation                 ? 
_refine.pdbx_pd_number_of_powder_patterns        ? 
_refine.pdbx_pd_number_of_points                 ? 
_refine.pdbx_pd_meas_number_of_points            ? 
_refine.pdbx_pd_proc_ls_prof_R_factor            ? 
_refine.pdbx_pd_proc_ls_prof_wR_factor           ? 
_refine.pdbx_pd_Marquardt_correlation_coeff      ? 
_refine.pdbx_pd_Fsqrd_R_factor                   ? 
_refine.pdbx_pd_ls_matrix_band_width             ? 
_refine.pdbx_overall_phase_error                 16.1100 
_refine.pdbx_overall_SU_R_free_Cruickshank_DPI   ? 
_refine.pdbx_overall_SU_R_free_Blow_DPI          ? 
_refine.pdbx_overall_SU_R_Blow_DPI               ? 
_refine.pdbx_TLS_residual_ADP_flag               ? 
_refine.pdbx_diffrn_id                           1 
_refine.overall_SU_B                             ? 
_refine.overall_SU_ML                            0.2300 
_refine.overall_SU_R_Cruickshank_DPI             ? 
_refine.overall_SU_R_free                        ? 
_refine.overall_FOM_free_R_set                   ? 
_refine.overall_FOM_work_R_set                   ? 
# 
_refine_hist.cycle_id                         final 
_refine_hist.pdbx_refine_id                   'X-RAY DIFFRACTION' 
_refine_hist.d_res_high                       1.3900 
_refine_hist.d_res_low                        45.9990 
_refine_hist.pdbx_number_atoms_ligand         27 
_refine_hist.number_atoms_solvent             185 
_refine_hist.number_atoms_total               1507 
_refine_hist.pdbx_number_residues_total       164 
_refine_hist.pdbx_B_iso_mean_ligand           22.25 
_refine_hist.pdbx_B_iso_mean_solvent          26.43 
_refine_hist.pdbx_number_atoms_protein        1295 
_refine_hist.pdbx_number_atoms_nucleic_acid   0 
# 
loop_
_refine_ls_restr.pdbx_refine_id 
_refine_ls_restr.criterion 
_refine_ls_restr.dev_ideal 
_refine_ls_restr.dev_ideal_target 
_refine_ls_restr.number 
_refine_ls_restr.rejects 
_refine_ls_restr.type 
_refine_ls_restr.weight 
_refine_ls_restr.pdbx_restraint_function 
'X-RAY DIFFRACTION' ? 0.012  ? 1460 ? f_bond_d           ? ? 
'X-RAY DIFFRACTION' ? 1.254  ? 1983 ? f_angle_d          ? ? 
'X-RAY DIFFRACTION' ? 0.068  ? 219  ? f_chiral_restr     ? ? 
'X-RAY DIFFRACTION' ? 0.006  ? 255  ? f_plane_restr      ? ? 
'X-RAY DIFFRACTION' ? 14.486 ? 568  ? f_dihedral_angle_d ? ? 
# 
loop_
_refine_ls_shell.pdbx_refine_id 
_refine_ls_shell.d_res_high 
_refine_ls_shell.d_res_low 
_refine_ls_shell.number_reflns_all 
_refine_ls_shell.number_reflns_obs 
_refine_ls_shell.number_reflns_R_free 
_refine_ls_shell.number_reflns_R_work 
_refine_ls_shell.percent_reflns_obs 
_refine_ls_shell.percent_reflns_R_free 
_refine_ls_shell.R_factor_all 
_refine_ls_shell.R_factor_obs 
_refine_ls_shell.R_factor_R_free 
_refine_ls_shell.R_factor_R_free_error 
_refine_ls_shell.R_factor_R_work 
_refine_ls_shell.redundancy_reflns_all 
_refine_ls_shell.redundancy_reflns_obs 
_refine_ls_shell.wR_factor_all 
_refine_ls_shell.wR_factor_obs 
_refine_ls_shell.wR_factor_R_free 
_refine_ls_shell.wR_factor_R_work 
_refine_ls_shell.pdbx_total_number_of_bins_used 
_refine_ls_shell.pdbx_phase_error 
'X-RAY DIFFRACTION' 1.3900 1.4457  4565 . 137 4428 100.0000 . . . 0.2174 . 0.2089 . . . . . . 9 . 
'X-RAY DIFFRACTION' 1.4457 1.5115  4565 . 137 4428 100.0000 . . . 0.2324 . 0.1844 . . . . . . 9 . 
'X-RAY DIFFRACTION' 1.5115 1.5911  4583 . 138 4445 100.0000 . . . 0.1934 . 0.1716 . . . . . . 9 . 
'X-RAY DIFFRACTION' 1.5911 1.6908  4573 . 137 4436 100.0000 . . . 0.1737 . 0.1649 . . . . . . 9 . 
'X-RAY DIFFRACTION' 1.6908 1.8214  4600 . 138 4462 100.0000 . . . 0.1677 . 0.1645 . . . . . . 9 . 
'X-RAY DIFFRACTION' 1.8214 2.0047  4625 . 139 4486 100.0000 . . . 0.1904 . 0.1729 . . . . . . 9 . 
'X-RAY DIFFRACTION' 2.0047 2.2948  4621 . 138 4483 100.0000 . . . 0.1932 . 0.1716 . . . . . . 9 . 
'X-RAY DIFFRACTION' 2.2948 2.8911  4687 . 141 4546 100.0000 . . . 0.2254 . 0.1837 . . . . . . 9 . 
'X-RAY DIFFRACTION' 2.8911 46.0241 4826 . 145 4681 99.0000  . . . 0.1609 . 0.1740 . . . . . . 9 . 
# 
_struct.entry_id                     4W59 
_struct.title                        'T4 Lysozyme L99A with n-Hexylbenzene Bound' 
_struct.pdbx_model_details           ? 
_struct.pdbx_formula_weight          ? 
_struct.pdbx_formula_weight_method   ? 
_struct.pdbx_model_type_details      ? 
_struct.pdbx_CASP_flag               ? 
# 
_struct_keywords.entry_id        4W59 
_struct_keywords.text            HYDROLASE 
_struct_keywords.pdbx_keywords   HYDROLASE 
# 
loop_
_struct_asym.id 
_struct_asym.pdbx_blank_PDB_chainid_flag 
_struct_asym.pdbx_modified 
_struct_asym.entity_id 
_struct_asym.details 
A N N 1 ? 
B N N 2 ? 
C N N 3 ? 
D N N 4 ? 
# 
loop_
_struct_conf.conf_type_id 
_struct_conf.id 
_struct_conf.pdbx_PDB_helix_id 
_struct_conf.beg_label_comp_id 
_struct_conf.beg_label_asym_id 
_struct_conf.beg_label_seq_id 
_struct_conf.pdbx_beg_PDB_ins_code 
_struct_conf.end_label_comp_id 
_struct_conf.end_label_asym_id 
_struct_conf.end_label_seq_id 
_struct_conf.pdbx_end_PDB_ins_code 
_struct_conf.beg_auth_comp_id 
_struct_conf.beg_auth_asym_id 
_struct_conf.beg_auth_seq_id 
_struct_conf.end_auth_comp_id 
_struct_conf.end_auth_asym_id 
_struct_conf.end_auth_seq_id 
_struct_conf.pdbx_PDB_helix_class 
_struct_conf.details 
_struct_conf.pdbx_PDB_helix_length 
HELX_P HELX_P1  AA1 ASN A 2   ? GLY A 12  ? ASN A 2   GLY A 12  1 ? 11 
HELX_P HELX_P2  AA2 SER A 38  ? GLY A 51  ? SER A 38  GLY A 51  1 ? 14 
HELX_P HELX_P3  AA3 THR A 59  ? ASN A 81  ? THR A 59  ASN A 81  1 ? 23 
HELX_P HELX_P4  AA4 LYS A 83  ? LEU A 91  ? LYS A 83  LEU A 91  1 ? 9  
HELX_P HELX_P5  AA5 ASP A 92  ? GLY A 107 ? ASP A 92  GLY A 107 1 ? 16 
HELX_P HELX_P6  AA6 GLY A 110 ? GLY A 113 ? GLY A 110 GLY A 113 5 ? 4  
HELX_P HELX_P7  AA7 PHE A 114 ? GLN A 123 ? PHE A 114 GLN A 123 1 ? 10 
HELX_P HELX_P8  AA8 ARG A 125 ? LYS A 135 ? ARG A 125 LYS A 135 1 ? 11 
HELX_P HELX_P9  AA9 SER A 136 ? THR A 142 ? SER A 136 THR A 142 1 ? 7  
HELX_P HELX_P10 AB1 THR A 142 ? GLY A 156 ? THR A 142 GLY A 156 1 ? 15 
HELX_P HELX_P11 AB2 TRP A 158 ? ASN A 163 ? TRP A 158 ASN A 163 1 ? 6  
# 
_struct_conf_type.id          HELX_P 
_struct_conf_type.criteria    ? 
_struct_conf_type.reference   ? 
# 
_struct_sheet.id               AA1 
_struct_sheet.type             ? 
_struct_sheet.number_strands   3 
_struct_sheet.details          ? 
# 
loop_
_struct_sheet_order.sheet_id 
_struct_sheet_order.range_id_1 
_struct_sheet_order.range_id_2 
_struct_sheet_order.offset 
_struct_sheet_order.sense 
AA1 1 2 ? anti-parallel 
AA1 2 3 ? anti-parallel 
# 
loop_
_struct_sheet_range.sheet_id 
_struct_sheet_range.id 
_struct_sheet_range.beg_label_comp_id 
_struct_sheet_range.beg_label_asym_id 
_struct_sheet_range.beg_label_seq_id 
_struct_sheet_range.pdbx_beg_PDB_ins_code 
_struct_sheet_range.end_label_comp_id 
_struct_sheet_range.end_label_asym_id 
_struct_sheet_range.end_label_seq_id 
_struct_sheet_range.pdbx_end_PDB_ins_code 
_struct_sheet_range.beg_auth_comp_id 
_struct_sheet_range.beg_auth_asym_id 
_struct_sheet_range.beg_auth_seq_id 
_struct_sheet_range.end_auth_comp_id 
_struct_sheet_range.end_auth_asym_id 
_struct_sheet_range.end_auth_seq_id 
AA1 1 ARG A 14 ? LYS A 19 ? ARG A 14 LYS A 19 
AA1 2 TYR A 25 ? GLY A 28 ? TYR A 25 GLY A 28 
AA1 3 HIS A 31 ? LEU A 32 ? HIS A 31 LEU A 32 
# 
loop_
_pdbx_struct_sheet_hbond.sheet_id 
_pdbx_struct_sheet_hbond.range_id_1 
_pdbx_struct_sheet_hbond.range_id_2 
_pdbx_struct_sheet_hbond.range_1_label_atom_id 
_pdbx_struct_sheet_hbond.range_1_label_comp_id 
_pdbx_struct_sheet_hbond.range_1_label_asym_id 
_pdbx_struct_sheet_hbond.range_1_label_seq_id 
_pdbx_struct_sheet_hbond.range_1_PDB_ins_code 
_pdbx_struct_sheet_hbond.range_1_auth_atom_id 
_pdbx_struct_sheet_hbond.range_1_auth_comp_id 
_pdbx_struct_sheet_hbond.range_1_auth_asym_id 
_pdbx_struct_sheet_hbond.range_1_auth_seq_id 
_pdbx_struct_sheet_hbond.range_2_label_atom_id 
_pdbx_struct_sheet_hbond.range_2_label_comp_id 
_pdbx_struct_sheet_hbond.range_2_label_asym_id 
_pdbx_struct_sheet_hbond.range_2_label_seq_id 
_pdbx_struct_sheet_hbond.range_2_PDB_ins_code 
_pdbx_struct_sheet_hbond.range_2_auth_atom_id 
_pdbx_struct_sheet_hbond.range_2_auth_comp_id 
_pdbx_struct_sheet_hbond.range_2_auth_asym_id 
_pdbx_struct_sheet_hbond.range_2_auth_seq_id 
AA1 1 2 N TYR A 18 ? N TYR A 18 O THR A 26 ? O THR A 26 
AA1 2 3 N ILE A 27 ? N ILE A 27 O HIS A 31 ? O HIS A 31 
# 
loop_
_struct_site.id 
_struct_site.pdbx_evidence_code 
_struct_site.pdbx_auth_asym_id 
_struct_site.pdbx_auth_comp_id 
_struct_site.pdbx_auth_seq_id 
_struct_site.pdbx_auth_ins_code 
_struct_site.pdbx_num_residues 
_struct_site.details 
AC1 Software A 3GZ 200 ? 7 'binding site for residue 3GZ A 200' 
AC2 Software A EPE 201 ? 8 'binding site for residue EPE A 201' 
# 
loop_
_struct_site_gen.id 
_struct_site_gen.site_id 
_struct_site_gen.pdbx_num_res 
_struct_site_gen.label_comp_id 
_struct_site_gen.label_asym_id 
_struct_site_gen.label_seq_id 
_struct_site_gen.pdbx_auth_ins_code 
_struct_site_gen.auth_comp_id 
_struct_site_gen.auth_asym_id 
_struct_site_gen.auth_seq_id 
_struct_site_gen.label_atom_id 
_struct_site_gen.label_alt_id 
_struct_site_gen.symmetry 
_struct_site_gen.details 
1  AC1 7 ALA A 99  ? ALA A 99  . ? 1_555 ? 
2  AC1 7 VAL A 103 ? VAL A 103 . ? 1_555 ? 
3  AC1 7 MET A 106 ? MET A 106 . ? 1_555 ? 
4  AC1 7 GLY A 110 ? GLY A 110 . ? 1_555 ? 
5  AC1 7 VAL A 111 ? VAL A 111 . ? 1_555 ? 
6  AC1 7 ALA A 112 ? ALA A 112 . ? 1_555 ? 
7  AC1 7 LEU A 118 ? LEU A 118 . ? 1_555 ? 
8  AC2 8 GLY A 30  ? GLY A 30  . ? 1_555 ? 
9  AC2 8 HIS A 31  ? HIS A 31  . ? 1_555 ? 
10 AC2 8 LEU A 32  ? LEU A 32  . ? 1_555 ? 
11 AC2 8 LYS A 35  ? LYS A 35  . ? 1_555 ? 
12 AC2 8 ASP A 70  ? ASP A 70  . ? 1_555 ? 
13 AC2 8 PHE A 104 ? PHE A 104 . ? 1_555 ? 
14 AC2 8 HOH D .   ? HOH A 411 . ? 1_555 ? 
15 AC2 8 HOH D .   ? HOH A 437 . ? 1_555 ? 
# 
_atom_sites.entry_id                    4W59 
_atom_sites.fract_transf_matrix[1][1]   -0.01439745 
_atom_sites.fract_transf_matrix[1][2]   -0.00567153 
_atom_sites.fract_transf_matrix[1][3]   0.01122134 
_atom_sites.fract_transf_matrix[2][1]   -0.01627215 
_atom_sites.fract_transf_matrix[2][2]   -0.00631451 
_atom_sites.fract_transf_matrix[2][3]   -0.00779032 
_atom_sites.fract_transf_matrix[3][1]   0.00376519 
_atom_sites.fract_transf_matrix[3][2]   -0.00964718 
_atom_sites.fract_transf_matrix[3][3]   -0.00004501 
_atom_sites.fract_transf_vector[1]      -0.323454 
_atom_sites.fract_transf_vector[2]      0.222716 
_atom_sites.fract_transf_vector[3]      0.100419 
# 
loop_
_atom_type.symbol 
C 
N 
O 
S 
# 
loop_
_atom_site.group_PDB 
_atom_site.id 
_atom_site.type_symbol 
_atom_site.label_atom_id 
_atom_site.label_alt_id 
_atom_site.label_comp_id 
_atom_site.label_asym_id 
_atom_site.label_entity_id 
_atom_site.label_seq_id 
_atom_site.pdbx_PDB_ins_code 
_atom_site.Cartn_x 
_atom_site.Cartn_y 
_atom_site.Cartn_z 
_atom_site.occupancy 
_atom_site.B_iso_or_equiv 
_atom_site.pdbx_formal_charge 
_atom_site.auth_seq_id 
_atom_site.auth_comp_id 
_atom_site.auth_asym_id 
_atom_site.auth_atom_id 
_atom_site.pdbx_PDB_model_num 
ATOM   1    N N   . MET A 1 1   ? 8.777   4.212   14.523  1.00 24.26 ? 1   MET A N   1 
ATOM   2    C CA  A MET A 1 1   ? 7.913   3.912   13.398  0.50 15.39 ? 1   MET A CA  1 
ATOM   3    C CA  B MET A 1 1   ? 7.957   3.858   13.387  0.50 15.38 ? 1   MET A CA  1 
ATOM   4    C C   . MET A 1 1   ? 8.779   3.610   12.147  1.00 15.14 ? 1   MET A C   1 
ATOM   5    O O   . MET A 1 1   ? 9.774   4.204   11.871  1.00 17.16 ? 1   MET A O   1 
ATOM   6    C CB  A MET A 1 1   ? 6.886   5.009   13.049  0.50 18.04 ? 1   MET A CB  1 
ATOM   7    C CB  B MET A 1 1   ? 6.863   4.899   13.215  0.50 18.84 ? 1   MET A CB  1 
ATOM   8    C CG  A MET A 1 1   ? 5.671   5.159   13.996  0.50 15.32 ? 1   MET A CG  1 
ATOM   9    C CG  B MET A 1 1   ? 5.866   4.636   12.200  0.50 17.58 ? 1   MET A CG  1 
ATOM   10   S SD  A MET A 1 1   ? 4.533   3.755   13.984  0.50 22.96 ? 1   MET A SD  1 
ATOM   11   S SD  B MET A 1 1   ? 4.490   3.536   12.530  0.50 22.91 ? 1   MET A SD  1 
ATOM   12   C CE  A MET A 1 1   ? 4.000   3.786   12.274  0.50 26.26 ? 1   MET A CE  1 
ATOM   13   C CE  B MET A 1 1   ? 4.433   3.915   14.151  0.50 24.46 ? 1   MET A CE  1 
ATOM   14   N N   . ASN A 1 2   ? 8.351   2.616   11.413  1.00 12.63 ? 2   ASN A N   1 
ATOM   15   C CA  . ASN A 1 2   ? 8.974   2.251   10.148  1.00 13.20 ? 2   ASN A CA  1 
ATOM   16   C C   . ASN A 1 2   ? 7.864   1.758   9.226   1.00 12.28 ? 2   ASN A C   1 
ATOM   17   O O   . ASN A 1 2   ? 6.708   1.661   9.652   1.00 11.55 ? 2   ASN A O   1 
ATOM   18   C CB  . ASN A 1 2   ? 10.071  1.185   10.348  1.00 11.98 ? 2   ASN A CB  1 
ATOM   19   C CG  . ASN A 1 2   ? 9.550   -0.079  10.997  1.00 12.46 ? 2   ASN A CG  1 
ATOM   20   O OD1 . ASN A 1 2   ? 8.623   -0.716  10.490  1.00 12.15 ? 2   ASN A OD1 1 
ATOM   21   N ND2 . ASN A 1 2   ? 10.143  -0.462  12.120  1.00 13.89 ? 2   ASN A ND2 1 
ATOM   22   N N   . ILE A 1 3   ? 8.198   1.446   7.980   1.00 11.27 ? 3   ILE A N   1 
ATOM   23   C CA  . ILE A 1 3   ? 7.182   1.091   6.999   1.00 11.27 ? 3   ILE A CA  1 
ATOM   24   C C   . ILE A 1 3   ? 6.382   -0.156  7.397   1.00 11.29 ? 3   ILE A C   1 
ATOM   25   O O   . ILE A 1 3   ? 5.179   -0.260  7.102   1.00 10.67 ? 3   ILE A O   1 
ATOM   26   C CB  . ILE A 1 3   ? 7.792   0.940   5.579   1.00 11.18 ? 3   ILE A CB  1 
ATOM   27   C CG1 . ILE A 1 3   ? 6.723   0.626   4.543   1.00 11.07 ? 3   ILE A CG1 1 
ATOM   28   C CG2 . ILE A 1 3   ? 8.872   -0.148  5.559   1.00 12.23 ? 3   ILE A CG2 1 
ATOM   29   C CD1 . ILE A 1 3   ? 5.639   1.700   4.408   1.00 11.94 ? 3   ILE A CD1 1 
ATOM   30   N N   . PHE A 1 4   ? 7.031   -1.106  8.067   1.00 9.59  ? 4   PHE A N   1 
ATOM   31   C CA  . PHE A 1 4   ? 6.317   -2.309  8.499   1.00 9.53  ? 4   PHE A CA  1 
ATOM   32   C C   . PHE A 1 4   ? 5.290   -1.999  9.574   1.00 11.03 ? 4   PHE A C   1 
ATOM   33   O O   . PHE A 1 4   ? 4.150   -2.454  9.497   1.00 11.33 ? 4   PHE A O   1 
ATOM   34   C CB  . PHE A 1 4   ? 7.309   -3.398  8.939   1.00 10.85 ? 4   PHE A CB  1 
ATOM   35   C CG  . PHE A 1 4   ? 8.110   -3.955  7.797   1.00 9.92  ? 4   PHE A CG  1 
ATOM   36   C CD1 . PHE A 1 4   ? 7.614   -5.012  7.044   1.00 13.28 ? 4   PHE A CD1 1 
ATOM   37   C CD2 . PHE A 1 4   ? 9.334   -3.407  7.455   1.00 12.56 ? 4   PHE A CD2 1 
ATOM   38   C CE1 . PHE A 1 4   ? 8.335   -5.510  5.965   1.00 14.95 ? 4   PHE A CE1 1 
ATOM   39   C CE2 . PHE A 1 4   ? 10.054  -3.908  6.375   1.00 13.47 ? 4   PHE A CE2 1 
ATOM   40   C CZ  . PHE A 1 4   ? 9.556   -4.954  5.643   1.00 13.43 ? 4   PHE A CZ  1 
ATOM   41   N N   . GLU A 1 5   ? 5.668   -1.192  10.560  1.00 10.81 ? 5   GLU A N   1 
ATOM   42   C CA  . GLU A 1 5   ? 4.739   -0.807  11.619  1.00 11.08 ? 5   GLU A CA  1 
ATOM   43   C C   . GLU A 1 5   ? 3.591   0.020   11.051  1.00 10.75 ? 5   GLU A C   1 
ATOM   44   O O   . GLU A 1 5   ? 2.442   -0.174  11.429  1.00 10.80 ? 5   GLU A O   1 
ATOM   45   C CB  . GLU A 1 5   ? 5.461   -0.028  12.717  1.00 11.33 ? 5   GLU A CB  1 
ATOM   46   C CG  . GLU A 1 5   ? 6.448   -0.903  13.483  1.00 11.69 ? 5   GLU A CG  1 
ATOM   47   C CD  . GLU A 1 5   ? 7.242   -0.179  14.546  1.00 17.06 ? 5   GLU A CD  1 
ATOM   48   O OE1 . GLU A 1 5   ? 7.320   1.060   14.509  1.00 25.76 ? 5   GLU A OE1 1 
ATOM   49   O OE2 . GLU A 1 5   ? 7.809   -0.869  15.426  1.00 18.17 ? 5   GLU A OE2 1 
ATOM   50   N N   . MET A 1 6   ? 3.911   0.915   10.130  1.00 9.58  ? 6   MET A N   1 
ATOM   51   C CA  . MET A 1 6   ? 2.913   1.778   9.498   1.00 10.60 ? 6   MET A CA  1 
ATOM   52   C C   . MET A 1 6   ? 1.869   0.962   8.737   1.00 9.90  ? 6   MET A C   1 
ATOM   53   O O   . MET A 1 6   ? 0.658   1.125   8.938   1.00 10.06 ? 6   MET A O   1 
ATOM   54   C CB  . MET A 1 6   ? 3.618   2.720   8.539   1.00 10.29 ? 6   MET A CB  1 
ATOM   55   C CG  . MET A 1 6   ? 2.700   3.752   7.912   1.00 9.38  ? 6   MET A CG  1 
ATOM   56   S SD  . MET A 1 6   ? 3.517   4.464   6.467   1.00 10.09 ? 6   MET A SD  1 
ATOM   57   C CE  . MET A 1 6   ? 2.711   6.072   6.335   1.00 11.04 ? 6   MET A CE  1 
ATOM   58   N N   . LEU A 1 7   ? 2.328   0.079   7.855   1.00 9.47  ? 7   LEU A N   1 
ATOM   59   C CA  . LEU A 1 7   ? 1.405   -0.748  7.093   1.00 9.85  ? 7   LEU A CA  1 
ATOM   60   C C   . LEU A 1 7   ? 0.684   -1.769  7.963   1.00 11.04 ? 7   LEU A C   1 
ATOM   61   O O   . LEU A 1 7   ? -0.454  -2.106  7.672   1.00 11.15 ? 7   LEU A O   1 
ATOM   62   C CB  . LEU A 1 7   ? 2.114   -1.427  5.910   1.00 10.37 ? 7   LEU A CB  1 
ATOM   63   C CG  . LEU A 1 7   ? 2.248   -0.512  4.697   1.00 8.57  ? 7   LEU A CG  1 
ATOM   64   C CD1 . LEU A 1 7   ? 3.259   -1.090  3.692   1.00 11.52 ? 7   LEU A CD1 1 
ATOM   65   C CD2 . LEU A 1 7   ? 0.894   -0.311  4.041   1.00 11.02 ? 7   LEU A CD2 1 
ATOM   66   N N   . ARG A 1 8   ? 1.314   -2.249  9.029   1.00 10.89 ? 8   ARG A N   1 
ATOM   67   C CA  . ARG A 1 8   ? 0.623   -3.160  9.937   1.00 10.94 ? 8   ARG A CA  1 
ATOM   68   C C   . ARG A 1 8   ? -0.561  -2.454  10.594  1.00 11.11 ? 8   ARG A C   1 
ATOM   69   O O   . ARG A 1 8   ? -1.628  -3.057  10.773  1.00 12.86 ? 8   ARG A O   1 
ATOM   70   C CB  . ARG A 1 8   ? 1.598   -3.724  10.976  1.00 13.34 ? 8   ARG A CB  1 
ATOM   71   C CG  . ARG A 1 8   ? 0.957   -4.512  12.116  1.00 15.76 ? 8   ARG A CG  1 
ATOM   72   C CD  . ARG A 1 8   ? 0.253   -5.772  11.659  1.00 16.05 ? 8   ARG A CD  1 
ATOM   73   N NE  . ARG A 1 8   ? -0.301  -6.489  12.809  1.00 19.79 ? 8   ARG A NE  1 
ATOM   74   C CZ  . ARG A 1 8   ? -1.456  -6.180  13.395  1.00 23.08 ? 8   ARG A CZ  1 
ATOM   75   N NH1 . ARG A 1 8   ? -2.195  -5.182  12.935  1.00 21.03 ? 8   ARG A NH1 1 
ATOM   76   N NH2 . ARG A 1 8   ? -1.881  -6.878  14.445  1.00 26.86 ? 8   ARG A NH2 1 
ATOM   77   N N   . ILE A 1 9   ? -0.383  -1.183  10.950  1.00 10.19 ? 9   ILE A N   1 
ATOM   78   C CA  . ILE A 1 9   ? -1.494  -0.396  11.479  1.00 12.75 ? 9   ILE A CA  1 
ATOM   79   C C   . ILE A 1 9   ? -2.589  -0.218  10.431  1.00 12.29 ? 9   ILE A C   1 
ATOM   80   O O   . ILE A 1 9   ? -3.773  -0.412  10.713  1.00 14.08 ? 9   ILE A O   1 
ATOM   81   C CB  . ILE A 1 9   ? -0.994  0.966   11.987  1.00 13.04 ? 9   ILE A CB  1 
ATOM   82   C CG1 . ILE A 1 9   ? -0.206  0.786   13.282  1.00 13.78 ? 9   ILE A CG1 1 
ATOM   83   C CG2 . ILE A 1 9   ? -2.151  1.951   12.176  1.00 14.18 ? 9   ILE A CG2 1 
ATOM   84   C CD1 . ILE A 1 9   ? 0.657   1.971   13.622  1.00 15.25 ? 9   ILE A CD1 1 
ATOM   85   N N   . ASP A 1 10  ? -2.198  0.136   9.208   1.00 9.61  ? 10  ASP A N   1 
ATOM   86   C CA  . ASP A 1 10  ? -3.187  0.434   8.179   1.00 11.46 ? 10  ASP A CA  1 
ATOM   87   C C   . ASP A 1 10  ? -3.911  -0.797  7.636   1.00 11.54 ? 10  ASP A C   1 
ATOM   88   O O   . ASP A 1 10  ? -5.063  -0.708  7.243   1.00 13.15 ? 10  ASP A O   1 
ATOM   89   C CB  . ASP A 1 10  ? -2.557  1.225   7.020   1.00 10.58 ? 10  ASP A CB  1 
ATOM   90   C CG  . ASP A 1 10  ? -2.261  2.666   7.383   1.00 12.32 ? 10  ASP A CG  1 
ATOM   91   O OD1 . ASP A 1 10  ? -2.929  3.205   8.295   1.00 11.67 ? 10  ASP A OD1 1 
ATOM   92   O OD2 . ASP A 1 10  ? -1.369  3.260   6.750   1.00 11.09 ? 10  ASP A OD2 1 
ATOM   93   N N   . GLU A 1 11  ? -3.238  -1.939  7.597   1.00 10.64 ? 11  GLU A N   1 
ATOM   94   C CA  . GLU A 1 11  ? -3.823  -3.132  6.978   1.00 10.78 ? 11  GLU A CA  1 
ATOM   95   C C   . GLU A 1 11  ? -4.388  -4.126  7.973   1.00 11.20 ? 11  GLU A C   1 
ATOM   96   O O   . GLU A 1 11  ? -5.193  -4.969  7.590   1.00 14.20 ? 11  GLU A O   1 
ATOM   97   C CB  . GLU A 1 11  ? -2.770  -3.854  6.130   1.00 12.76 ? 11  GLU A CB  1 
ATOM   98   C CG  . GLU A 1 11  ? -2.233  -3.042  4.948   1.00 12.69 ? 11  GLU A CG  1 
ATOM   99   C CD  . GLU A 1 11  ? -3.250  -2.815  3.835   1.00 14.32 ? 11  GLU A CD  1 
ATOM   100  O OE1 . GLU A 1 11  ? -4.370  -3.376  3.897   1.00 16.35 ? 11  GLU A OE1 1 
ATOM   101  O OE2 . GLU A 1 11  ? -2.932  -2.071  2.882   1.00 18.77 ? 11  GLU A OE2 1 
ATOM   102  N N   . GLY A 1 12  ? -3.941  -4.071  9.222   1.00 11.03 ? 12  GLY A N   1 
ATOM   103  C CA  . GLY A 1 12  ? -4.344  -5.071  10.202  1.00 12.26 ? 12  GLY A CA  1 
ATOM   104  C C   . GLY A 1 12  ? -3.671  -6.416  9.982   1.00 14.84 ? 12  GLY A C   1 
ATOM   105  O O   . GLY A 1 12  ? -2.768  -6.552  9.155   1.00 13.64 ? 12  GLY A O   1 
ATOM   106  N N   . LEU A 1 13  ? -4.096  -7.417  10.748  1.00 13.89 ? 13  LEU A N   1 
ATOM   107  C CA  . LEU A 1 13  ? -3.602  -8.788  10.584  1.00 13.86 ? 13  LEU A CA  1 
ATOM   108  C C   . LEU A 1 13  ? -4.766  -9.742  10.767  1.00 14.87 ? 13  LEU A C   1 
ATOM   109  O O   . LEU A 1 13  ? -5.392  -9.759  11.835  1.00 18.44 ? 13  LEU A O   1 
ATOM   110  C CB  . LEU A 1 13  ? -2.504  -9.110  11.602  1.00 15.21 ? 13  LEU A CB  1 
ATOM   111  C CG  . LEU A 1 13  ? -2.087  -10.583 11.736  1.00 17.83 ? 13  LEU A CG  1 
ATOM   112  C CD1 . LEU A 1 13  ? -1.376  -11.077 10.484  1.00 17.13 ? 13  LEU A CD1 1 
ATOM   113  C CD2 . LEU A 1 13  ? -1.190  -10.749 12.953  1.00 21.17 ? 13  LEU A CD2 1 
ATOM   114  N N   . ARG A 1 14  ? -5.060  -10.524 9.734   1.00 13.81 ? 14  ARG A N   1 
ATOM   115  C CA  . ARG A 1 14  ? -6.096  -11.542 9.819   1.00 15.55 ? 14  ARG A CA  1 
ATOM   116  C C   . ARG A 1 14  ? -5.554  -12.815 9.199   1.00 14.87 ? 14  ARG A C   1 
ATOM   117  O O   . ARG A 1 14  ? -4.957  -12.781 8.129   1.00 15.48 ? 14  ARG A O   1 
ATOM   118  C CB  . ARG A 1 14  ? -7.379  -11.075 9.128   1.00 16.93 ? 14  ARG A CB  1 
ATOM   119  C CG  . ARG A 1 14  ? -7.948  -9.807  9.778   1.00 18.53 ? 14  ARG A CG  1 
ATOM   120  C CD  . ARG A 1 14  ? -9.228  -9.315  9.122   1.00 26.19 ? 14  ARG A CD  1 
ATOM   121  N NE  . ARG A 1 14  ? -10.344 -10.209 9.405   1.00 30.03 ? 14  ARG A NE  1 
ATOM   122  C CZ  . ARG A 1 14  ? -11.577 -10.041 8.938   1.00 29.00 ? 14  ARG A CZ  1 
ATOM   123  N NH1 . ARG A 1 14  ? -11.862 -9.005  8.157   1.00 23.08 ? 14  ARG A NH1 1 
ATOM   124  N NH2 . ARG A 1 14  ? -12.522 -10.916 9.249   1.00 32.15 ? 14  ARG A NH2 1 
ATOM   125  N N   . LEU A 1 15  ? -5.748  -13.944 9.876   1.00 13.47 ? 15  LEU A N   1 
ATOM   126  C CA  . LEU A 1 15  ? -5.120  -15.192 9.474   1.00 15.25 ? 15  LEU A CA  1 
ATOM   127  C C   . LEU A 1 15  ? -6.006  -16.065 8.590   1.00 15.72 ? 15  LEU A C   1 
ATOM   128  O O   . LEU A 1 15  ? -5.563  -17.092 8.076   1.00 16.81 ? 15  LEU A O   1 
ATOM   129  C CB  . LEU A 1 15  ? -4.666  -15.965 10.716  1.00 14.53 ? 15  LEU A CB  1 
ATOM   130  C CG  . LEU A 1 15  ? -3.583  -15.288 11.558  1.00 15.60 ? 15  LEU A CG  1 
ATOM   131  C CD1 . LEU A 1 15  ? -3.142  -16.230 12.686  1.00 19.21 ? 15  LEU A CD1 1 
ATOM   132  C CD2 . LEU A 1 15  ? -2.380  -14.856 10.714  1.00 17.06 ? 15  LEU A CD2 1 
ATOM   133  N N   . LYS A 1 16  ? -7.243  -15.647 8.387   1.00 14.22 ? 16  LYS A N   1 
ATOM   134  C CA  . LYS A 1 16  ? -8.163  -16.352 7.514   1.00 13.50 ? 16  LYS A CA  1 
ATOM   135  C C   . LYS A 1 16  ? -8.554  -15.442 6.360   1.00 13.49 ? 16  LYS A C   1 
ATOM   136  O O   . LYS A 1 16  ? -8.576  -14.207 6.513   1.00 14.27 ? 16  LYS A O   1 
ATOM   137  C CB  . LYS A 1 16  ? -9.417  -16.769 8.292   1.00 16.92 ? 16  LYS A CB  1 
ATOM   138  C CG  . LYS A 1 16  ? -9.126  -17.660 9.488   1.00 29.89 ? 16  LYS A CG  1 
ATOM   139  N N   . ILE A 1 17  ? -8.850  -16.015 5.204   1.00 10.98 ? 17  ILE A N   1 
ATOM   140  C CA  . ILE A 1 17  ? -9.258  -15.216 4.051   1.00 11.01 ? 17  ILE A CA  1 
ATOM   141  C C   . ILE A 1 17  ? -10.392 -14.286 4.439   1.00 13.75 ? 17  ILE A C   1 
ATOM   142  O O   . ILE A 1 17  ? -11.356 -14.709 5.087   1.00 15.52 ? 17  ILE A O   1 
ATOM   143  C CB  . ILE A 1 17  ? -9.664  -16.094 2.851   1.00 12.13 ? 17  ILE A CB  1 
ATOM   144  C CG1 . ILE A 1 17  ? -8.442  -16.843 2.284   1.00 12.77 ? 17  ILE A CG1 1 
ATOM   145  C CG2 . ILE A 1 17  ? -10.335 -15.261 1.760   1.00 14.88 ? 17  ILE A CG2 1 
ATOM   146  C CD1 . ILE A 1 17  ? -8.807  -17.824 1.183   1.00 17.06 ? 17  ILE A CD1 1 
ATOM   147  N N   . TYR A 1 18  ? -10.252 -13.015 4.070   1.00 12.19 ? 18  TYR A N   1 
ATOM   148  C CA  . TYR A 1 18  ? -11.278 -12.004 4.333   1.00 13.62 ? 18  TYR A CA  1 
ATOM   149  C C   . TYR A 1 18  ? -11.449 -11.151 3.086   1.00 13.26 ? 18  TYR A C   1 
ATOM   150  O O   . TYR A 1 18  ? -10.648 -11.227 2.163   1.00 14.04 ? 18  TYR A O   1 
ATOM   151  C CB  . TYR A 1 18  ? -10.917 -11.129 5.549   1.00 13.98 ? 18  TYR A CB  1 
ATOM   152  C CG  . TYR A 1 18  ? -9.667  -10.265 5.396   1.00 14.68 ? 18  TYR A CG  1 
ATOM   153  C CD1 . TYR A 1 18  ? -8.407  -10.788 5.651   1.00 15.06 ? 18  TYR A CD1 1 
ATOM   154  C CD2 . TYR A 1 18  ? -9.751  -8.903  5.043   1.00 16.54 ? 18  TYR A CD2 1 
ATOM   155  C CE1 . TYR A 1 18  ? -7.256  -10.014 5.538   1.00 14.57 ? 18  TYR A CE1 1 
ATOM   156  C CE2 . TYR A 1 18  ? -8.582  -8.122  4.924   1.00 17.18 ? 18  TYR A CE2 1 
ATOM   157  C CZ  . TYR A 1 18  ? -7.347  -8.690  5.172   1.00 19.35 ? 18  TYR A CZ  1 
ATOM   158  O OH  . TYR A 1 18  ? -6.175  -7.946  5.066   1.00 18.33 ? 18  TYR A OH  1 
ATOM   159  N N   . LYS A 1 19  ? -12.505 -10.342 3.039   1.00 15.64 ? 19  LYS A N   1 
ATOM   160  C CA  . LYS A 1 19  ? -12.653 -9.378  1.956   1.00 16.06 ? 19  LYS A CA  1 
ATOM   161  C C   . LYS A 1 19  ? -12.145 -8.024  2.400   1.00 13.59 ? 19  LYS A C   1 
ATOM   162  O O   . LYS A 1 19  ? -12.470 -7.573  3.507   1.00 15.72 ? 19  LYS A O   1 
ATOM   163  C CB  . LYS A 1 19  ? -14.112 -9.259  1.516   1.00 13.71 ? 19  LYS A CB  1 
ATOM   164  C CG  . LYS A 1 19  ? -14.597 -10.466 0.750   1.00 15.01 ? 19  LYS A CG  1 
ATOM   165  C CD  . LYS A 1 19  ? -16.018 -10.243 0.285   1.00 16.23 ? 19  LYS A CD  1 
ATOM   166  C CE  . LYS A 1 19  ? -16.526 -11.433 -0.497  1.00 19.58 ? 19  LYS A CE  1 
ATOM   167  N NZ  . LYS A 1 19  ? -17.927 -11.166 -0.922  1.00 20.93 ? 19  LYS A NZ  1 
ATOM   168  N N   . ASP A 1 20  ? -11.340 -7.389  1.548   1.00 13.26 ? 20  ASP A N   1 
ATOM   169  C CA  . ASP A 1 20  ? -10.797 -6.068  1.837   1.00 12.13 ? 20  ASP A CA  1 
ATOM   170  C C   . ASP A 1 20  ? -11.854 -4.987  1.647   1.00 14.45 ? 20  ASP A C   1 
ATOM   171  O O   . ASP A 1 20  ? -13.030 -5.282  1.412   1.00 13.90 ? 20  ASP A O   1 
ATOM   172  C CB  . ASP A 1 20  ? -9.528  -5.792  1.007   1.00 14.97 ? 20  ASP A CB  1 
ATOM   173  C CG  . ASP A 1 20  ? -9.799  -5.562  -0.480  1.00 15.84 ? 20  ASP A CG  1 
ATOM   174  O OD1 . ASP A 1 20  ? -10.965 -5.497  -0.912  1.00 14.75 ? 20  ASP A OD1 1 
ATOM   175  O OD2 . ASP A 1 20  ? -8.818  -5.431  -1.251  1.00 20.56 ? 20  ASP A OD2 1 
ATOM   176  N N   . THR A 1 21  ? -11.447 -3.731  1.727   1.00 12.72 ? 21  THR A N   1 
ATOM   177  C CA  A THR A 1 21  ? -12.388 -2.612  1.657   0.60 12.89 ? 21  THR A CA  1 
ATOM   178  C CA  B THR A 1 21  ? -12.446 -2.677  1.686   0.40 12.77 ? 21  THR A CA  1 
ATOM   179  C C   . THR A 1 21  ? -13.116 -2.552  0.317   1.00 12.70 ? 21  THR A C   1 
ATOM   180  O O   . THR A 1 21  ? -14.188 -1.946  0.209   1.00 14.13 ? 21  THR A O   1 
ATOM   181  C CB  A THR A 1 21  ? -11.678 -1.254  1.901   0.60 13.54 ? 21  THR A CB  1 
ATOM   182  C CB  B THR A 1 21  ? -11.873 -1.335  2.121   0.40 17.01 ? 21  THR A CB  1 
ATOM   183  O OG1 A THR A 1 21  ? -10.744 -0.994  0.847   0.60 16.14 ? 21  THR A OG1 1 
ATOM   184  O OG1 B THR A 1 21  ? -12.951 -0.423  2.349   0.40 16.11 ? 21  THR A OG1 1 
ATOM   185  C CG2 A THR A 1 21  ? -10.952 -1.245  3.246   0.60 15.15 ? 21  THR A CG2 1 
ATOM   186  C CG2 B THR A 1 21  ? -10.950 -0.787  1.053   0.40 14.86 ? 21  THR A CG2 1 
ATOM   187  N N   . GLU A 1 22  ? -12.506 -3.141  -0.722  1.00 12.50 ? 22  GLU A N   1 
ATOM   188  C CA  . GLU A 1 22  ? -13.084 -3.161  -2.066  1.00 12.40 ? 22  GLU A CA  1 
ATOM   189  C C   . GLU A 1 22  ? -13.880 -4.440  -2.367  1.00 13.13 ? 22  GLU A C   1 
ATOM   190  O O   . GLU A 1 22  ? -14.392 -4.622  -3.475  1.00 16.92 ? 22  GLU A O   1 
ATOM   191  C CB  . GLU A 1 22  ? -11.985 -2.997  -3.122  1.00 14.88 ? 22  GLU A CB  1 
ATOM   192  C CG  . GLU A 1 22  ? -11.217 -1.685  -3.041  1.00 17.94 ? 22  GLU A CG  1 
ATOM   193  C CD  . GLU A 1 22  ? -12.013 -0.484  -3.533  1.00 24.75 ? 22  GLU A CD  1 
ATOM   194  O OE1 . GLU A 1 22  ? -13.079 -0.671  -4.153  1.00 24.98 ? 22  GLU A OE1 1 
ATOM   195  O OE2 . GLU A 1 22  ? -11.570 0.657   -3.282  1.00 28.21 ? 22  GLU A OE2 1 
ATOM   196  N N   . GLY A 1 23  ? -13.986 -5.327  -1.383  1.00 12.80 ? 23  GLY A N   1 
ATOM   197  C CA  . GLY A 1 23  ? -14.669 -6.595  -1.577  1.00 14.34 ? 23  GLY A CA  1 
ATOM   198  C C   . GLY A 1 23  ? -13.817 -7.724  -2.133  1.00 14.21 ? 23  GLY A C   1 
ATOM   199  O O   . GLY A 1 23  ? -14.363 -8.754  -2.513  1.00 16.59 ? 23  GLY A O   1 
ATOM   200  N N   . TYR A 1 24  ? -12.494 -7.553  -2.160  1.00 12.38 ? 24  TYR A N   1 
ATOM   201  C CA  . TYR A 1 24  ? -11.597 -8.555  -2.769  1.00 13.28 ? 24  TYR A CA  1 
ATOM   202  C C   . TYR A 1 24  ? -10.983 -9.484  -1.736  1.00 11.20 ? 24  TYR A C   1 
ATOM   203  O O   . TYR A 1 24  ? -10.569 -9.041  -0.664  1.00 11.90 ? 24  TYR A O   1 
ATOM   204  C CB  . TYR A 1 24  ? -10.458 -7.869  -3.518  1.00 13.88 ? 24  TYR A CB  1 
ATOM   205  C CG  . TYR A 1 24  ? -10.886 -6.992  -4.665  1.00 17.49 ? 24  TYR A CG  1 
ATOM   206  C CD1 . TYR A 1 24  ? -11.896 -7.392  -5.525  1.00 19.08 ? 24  TYR A CD1 1 
ATOM   207  C CD2 . TYR A 1 24  ? -10.280 -5.760  -4.887  1.00 17.69 ? 24  TYR A CD2 1 
ATOM   208  C CE1 . TYR A 1 24  ? -12.292 -6.592  -6.590  1.00 25.02 ? 24  TYR A CE1 1 
ATOM   209  C CE2 . TYR A 1 24  ? -10.671 -4.949  -5.946  1.00 19.60 ? 24  TYR A CE2 1 
ATOM   210  C CZ  . TYR A 1 24  ? -11.677 -5.374  -6.788  1.00 26.40 ? 24  TYR A CZ  1 
ATOM   211  O OH  . TYR A 1 24  ? -12.066 -4.577  -7.846  1.00 33.55 ? 24  TYR A OH  1 
ATOM   212  N N   . TYR A 1 25  ? -10.900 -10.778 -2.057  1.00 11.52 ? 25  TYR A N   1 
ATOM   213  C CA  . TYR A 1 25  ? -10.289 -11.739 -1.149  1.00 11.68 ? 25  TYR A CA  1 
ATOM   214  C C   . TYR A 1 25  ? -8.821  -11.436 -0.872  1.00 10.62 ? 25  TYR A C   1 
ATOM   215  O O   . TYR A 1 25  ? -8.035  -11.234 -1.796  1.00 11.87 ? 25  TYR A O   1 
ATOM   216  C CB  . TYR A 1 25  ? -10.428 -13.147 -1.709  1.00 11.79 ? 25  TYR A CB  1 
ATOM   217  C CG  . TYR A 1 25  ? -11.864 -13.623 -1.766  1.00 13.34 ? 25  TYR A CG  1 
ATOM   218  C CD1 . TYR A 1 25  ? -12.618 -13.744 -0.603  1.00 14.01 ? 25  TYR A CD1 1 
ATOM   219  C CD2 . TYR A 1 25  ? -12.461 -13.954 -2.979  1.00 14.82 ? 25  TYR A CD2 1 
ATOM   220  C CE1 . TYR A 1 25  ? -13.939 -14.193 -0.653  1.00 16.30 ? 25  TYR A CE1 1 
ATOM   221  C CE2 . TYR A 1 25  ? -13.776 -14.398 -3.031  1.00 18.23 ? 25  TYR A CE2 1 
ATOM   222  C CZ  . TYR A 1 25  ? -14.499 -14.507 -1.868  1.00 16.80 ? 25  TYR A CZ  1 
ATOM   223  O OH  . TYR A 1 25  ? -15.811 -14.947 -1.904  1.00 23.84 ? 25  TYR A OH  1 
ATOM   224  N N   . THR A 1 26  ? -8.499  -11.444 0.417   1.00 9.51  ? 26  THR A N   1 
ATOM   225  C CA  . THR A 1 26  ? -7.245  -10.949 0.964   1.00 9.91  ? 26  THR A CA  1 
ATOM   226  C C   . THR A 1 26  ? -6.893  -11.825 2.158   1.00 10.07 ? 26  THR A C   1 
ATOM   227  O O   . THR A 1 26  ? -7.760  -12.508 2.707   1.00 11.50 ? 26  THR A O   1 
ATOM   228  C CB  . THR A 1 26  ? -7.455  -9.474  1.392   1.00 10.64 ? 26  THR A CB  1 
ATOM   229  O OG1 . THR A 1 26  ? -7.830  -8.711  0.247   1.00 12.59 ? 26  THR A OG1 1 
ATOM   230  C CG2 . THR A 1 26  ? -6.203  -8.824  1.970   1.00 10.90 ? 26  THR A CG2 1 
ATOM   231  N N   . ILE A 1 27  ? -5.639  -11.830 2.583   1.00 10.23 ? 27  ILE A N   1 
ATOM   232  C CA  . ILE A 1 27  ? -5.290  -12.516 3.817   1.00 11.33 ? 27  ILE A CA  1 
ATOM   233  C C   . ILE A 1 27  ? -4.083  -11.830 4.446   1.00 10.44 ? 27  ILE A C   1 
ATOM   234  O O   . ILE A 1 27  ? -3.403  -11.033 3.789   1.00 10.47 ? 27  ILE A O   1 
ATOM   235  C CB  . ILE A 1 27  ? -4.988  -14.013 3.567   1.00 11.78 ? 27  ILE A CB  1 
ATOM   236  C CG1 . ILE A 1 27  ? -5.016  -14.823 4.874   1.00 11.80 ? 27  ILE A CG1 1 
ATOM   237  C CG2 . ILE A 1 27  ? -3.648  -14.170 2.846   1.00 11.73 ? 27  ILE A CG2 1 
ATOM   238  C CD1 . ILE A 1 27  ? -5.242  -16.327 4.670   1.00 13.79 ? 27  ILE A CD1 1 
ATOM   239  N N   . GLY A 1 28  ? -3.821  -12.126 5.714   1.00 10.08 ? 28  GLY A N   1 
ATOM   240  C CA  . GLY A 1 28  ? -2.611  -11.655 6.371   1.00 12.46 ? 28  GLY A CA  1 
ATOM   241  C C   . GLY A 1 28  ? -2.657  -10.162 6.623   1.00 12.28 ? 28  GLY A C   1 
ATOM   242  O O   . GLY A 1 28  ? -3.636  -9.638  7.156   1.00 12.71 ? 28  GLY A O   1 
ATOM   243  N N   . ILE A 1 29  ? -1.582  -9.483  6.239   1.00 9.68  ? 29  ILE A N   1 
ATOM   244  C CA  . ILE A 1 29  ? -1.445  -8.035  6.408   1.00 9.97  ? 29  ILE A CA  1 
ATOM   245  C C   . ILE A 1 29  ? -1.672  -7.397  5.038   1.00 9.85  ? 29  ILE A C   1 
ATOM   246  O O   . ILE A 1 29  ? -0.747  -6.967  4.353   1.00 11.29 ? 29  ILE A O   1 
ATOM   247  C CB  . ILE A 1 29  ? -0.067  -7.696  7.011   1.00 10.85 ? 29  ILE A CB  1 
ATOM   248  C CG1 . ILE A 1 29  ? 0.119   -8.473  8.327   1.00 11.91 ? 29  ILE A CG1 1 
ATOM   249  C CG2 . ILE A 1 29  ? 0.069   -6.193  7.255   1.00 12.29 ? 29  ILE A CG2 1 
ATOM   250  C CD1 . ILE A 1 29  ? 1.543   -8.513  8.855   1.00 15.12 ? 29  ILE A CD1 1 
ATOM   251  N N   . GLY A 1 30  ? -2.933  -7.405  4.617   1.00 10.90 ? 30  GLY A N   1 
ATOM   252  C CA  . GLY A 1 30  ? -3.318  -6.802  3.357   1.00 12.51 ? 30  GLY A CA  1 
ATOM   253  C C   . GLY A 1 30  ? -2.744  -7.473  2.126   1.00 9.94  ? 30  GLY A C   1 
ATOM   254  O O   . GLY A 1 30  ? -2.486  -6.807  1.127   1.00 12.22 ? 30  GLY A O   1 
ATOM   255  N N   . HIS A 1 31  ? -2.540  -8.789  2.181   1.00 10.27 ? 31  HIS A N   1 
ATOM   256  C CA  . HIS A 1 31  ? -2.084  -9.487  0.982   1.00 10.81 ? 31  HIS A CA  1 
ATOM   257  C C   . HIS A 1 31  ? -3.267  -9.811  0.072   1.00 10.11 ? 31  HIS A C   1 
ATOM   258  O O   . HIS A 1 31  ? -4.064  -10.701 0.388   1.00 11.34 ? 31  HIS A O   1 
ATOM   259  C CB  . HIS A 1 31  ? -1.339  -10.774 1.319   1.00 11.76 ? 31  HIS A CB  1 
ATOM   260  C CG  . HIS A 1 31  ? -0.862  -11.482 0.096   1.00 11.63 ? 31  HIS A CG  1 
ATOM   261  N ND1 . HIS A 1 31  ? 0.279   -11.105 -0.577  1.00 12.58 ? 31  HIS A ND1 1 
ATOM   262  C CD2 . HIS A 1 31  ? -1.415  -12.481 -0.631  1.00 11.95 ? 31  HIS A CD2 1 
ATOM   263  C CE1 . HIS A 1 31  ? 0.427   -11.864 -1.650  1.00 13.56 ? 31  HIS A CE1 1 
ATOM   264  N NE2 . HIS A 1 31  ? -0.590  -12.706 -1.708  1.00 13.45 ? 31  HIS A NE2 1 
ATOM   265  N N   . LEU A 1 32  ? -3.392  -9.098  -1.043  1.00 10.58 ? 32  LEU A N   1 
ATOM   266  C CA  . LEU A 1 32  ? -4.463  -9.359  -2.008  1.00 10.82 ? 32  LEU A CA  1 
ATOM   267  C C   . LEU A 1 32  ? -4.266  -10.718 -2.661  1.00 11.15 ? 32  LEU A C   1 
ATOM   268  O O   . LEU A 1 32  ? -3.174  -11.012 -3.151  1.00 14.20 ? 32  LEU A O   1 
ATOM   269  C CB  . LEU A 1 32  ? -4.475  -8.276  -3.085  1.00 11.82 ? 32  LEU A CB  1 
ATOM   270  C CG  . LEU A 1 32  ? -5.454  -8.457  -4.248  1.00 13.64 ? 32  LEU A CG  1 
ATOM   271  C CD1 . LEU A 1 32  ? -6.881  -8.350  -3.749  1.00 13.60 ? 32  LEU A CD1 1 
ATOM   272  C CD2 . LEU A 1 32  ? -5.195  -7.433  -5.351  1.00 16.66 ? 32  LEU A CD2 1 
ATOM   273  N N   . LEU A 1 33  ? -5.307  -11.548 -2.673  1.00 10.44 ? 33  LEU A N   1 
ATOM   274  C CA  . LEU A 1 33  ? -5.191  -12.867 -3.292  1.00 12.31 ? 33  LEU A CA  1 
ATOM   275  C C   . LEU A 1 33  ? -5.668  -12.853 -4.738  1.00 13.49 ? 33  LEU A C   1 
ATOM   276  O O   . LEU A 1 33  ? -5.006  -13.405 -5.629  1.00 14.97 ? 33  LEU A O   1 
ATOM   277  C CB  . LEU A 1 33  ? -5.957  -13.907 -2.477  1.00 11.40 ? 33  LEU A CB  1 
ATOM   278  C CG  . LEU A 1 33  ? -5.325  -14.255 -1.132  1.00 10.93 ? 33  LEU A CG  1 
ATOM   279  C CD1 . LEU A 1 33  ? -6.313  -15.034 -0.269  1.00 11.99 ? 33  LEU A CD1 1 
ATOM   280  C CD2 . LEU A 1 33  ? -4.025  -15.058 -1.300  1.00 12.49 ? 33  LEU A CD2 1 
ATOM   281  N N   . THR A 1 34  ? -6.810  -12.214 -4.975  1.00 13.81 ? 34  THR A N   1 
ATOM   282  C CA  . THR A 1 34  ? -7.394  -12.146 -6.307  1.00 14.03 ? 34  THR A CA  1 
ATOM   283  C C   . THR A 1 34  ? -8.518  -11.136 -6.313  1.00 16.01 ? 34  THR A C   1 
ATOM   284  O O   . THR A 1 34  ? -9.093  -10.828 -5.272  1.00 15.30 ? 34  THR A O   1 
ATOM   285  C CB  . THR A 1 34  ? -7.963  -13.523 -6.744  1.00 19.02 ? 34  THR A CB  1 
ATOM   286  O OG1 . THR A 1 34  ? -8.471  -13.420 -8.080  1.00 19.03 ? 34  THR A OG1 1 
ATOM   287  C CG2 . THR A 1 34  ? -9.083  -13.982 -5.823  1.00 17.18 ? 34  THR A CG2 1 
ATOM   288  N N   . LYS A 1 35  ? -8.838  -10.633 -7.495  1.00 16.90 ? 35  LYS A N   1 
ATOM   289  C CA  . LYS A 1 35  ? -10.003 -9.781  -7.657  1.00 19.30 ? 35  LYS A CA  1 
ATOM   290  C C   . LYS A 1 35  ? -11.202 -10.581 -8.160  1.00 18.20 ? 35  LYS A C   1 
ATOM   291  O O   . LYS A 1 35  ? -12.300 -10.036 -8.308  1.00 21.72 ? 35  LYS A O   1 
ATOM   292  C CB  . LYS A 1 35  ? -9.679  -8.608  -8.584  1.00 21.40 ? 35  LYS A CB  1 
ATOM   293  C CG  . LYS A 1 35  ? -8.692  -7.633  -7.962  1.00 17.85 ? 35  LYS A CG  1 
ATOM   294  C CD  . LYS A 1 35  ? -8.503  -6.399  -8.828  1.00 25.40 ? 35  LYS A CD  1 
ATOM   295  C CE  . LYS A 1 35  ? -7.502  -5.458  -8.183  1.00 26.00 ? 35  LYS A CE  1 
ATOM   296  N NZ  . LYS A 1 35  ? -7.334  -4.195  -8.955  1.00 37.29 ? 35  LYS A NZ  1 
ATOM   297  N N   . SER A 1 36  ? -10.992 -11.872 -8.391  1.00 20.18 ? 36  SER A N   1 
ATOM   298  C CA  . SER A 1 36  ? -12.075 -12.774 -8.795  1.00 19.67 ? 36  SER A CA  1 
ATOM   299  C C   . SER A 1 36  ? -13.090 -12.949 -7.678  1.00 21.69 ? 36  SER A C   1 
ATOM   300  O O   . SER A 1 36  ? -12.720 -13.039 -6.511  1.00 19.22 ? 36  SER A O   1 
ATOM   301  C CB  . SER A 1 36  ? -11.514 -14.145 -9.159  1.00 21.56 ? 36  SER A CB  1 
ATOM   302  O OG  . SER A 1 36  ? -12.561 -15.105 -9.246  1.00 23.28 ? 36  SER A OG  1 
ATOM   303  N N   . PRO A 1 37  ? -14.383 -13.013 -8.032  1.00 22.59 ? 37  PRO A N   1 
ATOM   304  C CA  . PRO A 1 37  ? -15.448 -13.279 -7.058  1.00 19.69 ? 37  PRO A CA  1 
ATOM   305  C C   . PRO A 1 37  ? -15.416 -14.696 -6.481  1.00 20.35 ? 37  PRO A C   1 
ATOM   306  O O   . PRO A 1 37  ? -16.134 -14.989 -5.525  1.00 22.97 ? 37  PRO A O   1 
ATOM   307  C CB  . PRO A 1 37  ? -16.731 -13.114 -7.888  1.00 24.58 ? 37  PRO A CB  1 
ATOM   308  C CG  . PRO A 1 37  ? -16.327 -12.320 -9.081  1.00 34.22 ? 37  PRO A CG  1 
ATOM   309  C CD  . PRO A 1 37  ? -14.919 -12.723 -9.372  1.00 26.08 ? 37  PRO A CD  1 
ATOM   310  N N   . SER A 1 38  ? -14.580 -15.561 -7.049  1.00 19.56 ? 38  SER A N   1 
ATOM   311  C CA  . SER A 1 38  ? -14.537 -16.961 -6.645  1.00 22.09 ? 38  SER A CA  1 
ATOM   312  C C   . SER A 1 38  ? -13.648 -17.207 -5.423  1.00 19.04 ? 38  SER A C   1 
ATOM   313  O O   . SER A 1 38  ? -12.441 -16.979 -5.466  1.00 17.60 ? 38  SER A O   1 
ATOM   314  C CB  . SER A 1 38  ? -14.063 -17.830 -7.816  1.00 19.18 ? 38  SER A CB  1 
ATOM   315  O OG  . SER A 1 38  ? -13.809 -19.154 -7.378  1.00 24.48 ? 38  SER A OG  1 
ATOM   316  N N   . LEU A 1 39  ? -14.237 -17.679 -4.335  1.00 18.17 ? 39  LEU A N   1 
ATOM   317  C CA  . LEU A 1 39  ? -13.457 -18.046 -3.162  1.00 16.46 ? 39  LEU A CA  1 
ATOM   318  C C   . LEU A 1 39  ? -12.496 -19.185 -3.499  1.00 17.72 ? 39  LEU A C   1 
ATOM   319  O O   . LEU A 1 39  ? -11.374 -19.239 -2.979  1.00 15.95 ? 39  LEU A O   1 
ATOM   320  C CB  . LEU A 1 39  ? -14.371 -18.443 -1.997  1.00 18.32 ? 39  LEU A CB  1 
ATOM   321  C CG  . LEU A 1 39  ? -13.661 -18.914 -0.730  1.00 17.29 ? 39  LEU A CG  1 
ATOM   322  C CD1 . LEU A 1 39  ? -12.707 -17.846 -0.201  1.00 16.96 ? 39  LEU A CD1 1 
ATOM   323  C CD2 . LEU A 1 39  ? -14.668 -19.332 0.345   1.00 25.64 ? 39  LEU A CD2 1 
ATOM   324  N N   . ASN A 1 40  ? -12.925 -20.104 -4.361  1.00 17.32 ? 40  ASN A N   1 
ATOM   325  C CA  . ASN A 1 40  ? -12.031 -21.182 -4.765  1.00 16.82 ? 40  ASN A CA  1 
ATOM   326  C C   . ASN A 1 40  ? -10.781 -20.643 -5.462  1.00 14.75 ? 40  ASN A C   1 
ATOM   327  O O   . ASN A 1 40  ? -9.677  -21.130 -5.211  1.00 15.96 ? 40  ASN A O   1 
ATOM   328  C CB  . ASN A 1 40  ? -12.751 -22.191 -5.663  1.00 21.95 ? 40  ASN A CB  1 
ATOM   329  C CG  . ASN A 1 40  ? -13.664 -23.113 -4.883  1.00 28.44 ? 40  ASN A CG  1 
ATOM   330  O OD1 . ASN A 1 40  ? -13.472 -23.335 -3.688  1.00 30.08 ? 40  ASN A OD1 1 
ATOM   331  N ND2 . ASN A 1 40  ? -14.661 -23.667 -5.565  1.00 35.82 ? 40  ASN A ND2 1 
ATOM   332  N N   . ALA A 1 41  ? -10.958 -19.659 -6.337  1.00 14.61 ? 41  ALA A N   1 
ATOM   333  C CA  . ALA A 1 41  ? -9.834  -19.000 -6.993  1.00 13.84 ? 41  ALA A CA  1 
ATOM   334  C C   . ALA A 1 41  ? -8.895  -18.372 -5.969  1.00 15.25 ? 41  ALA A C   1 
ATOM   335  O O   . ALA A 1 41  ? -7.676  -18.497 -6.078  1.00 13.48 ? 41  ALA A O   1 
ATOM   336  C CB  . ALA A 1 41  ? -10.323 -17.958 -7.989  1.00 17.10 ? 41  ALA A CB  1 
ATOM   337  N N   . ALA A 1 42  ? -9.454  -17.721 -4.957  1.00 12.06 ? 42  ALA A N   1 
ATOM   338  C CA  . ALA A 1 42  ? -8.643  -17.141 -3.899  1.00 12.13 ? 42  ALA A CA  1 
ATOM   339  C C   . ALA A 1 42  ? -7.880  -18.203 -3.112  1.00 12.90 ? 42  ALA A C   1 
ATOM   340  O O   . ALA A 1 42  ? -6.717  -18.008 -2.781  1.00 13.07 ? 42  ALA A O   1 
ATOM   341  C CB  . ALA A 1 42  ? -9.511  -16.286 -2.965  1.00 12.98 ? 42  ALA A CB  1 
ATOM   342  N N   . LYS A 1 43  ? -8.523  -19.335 -2.829  1.00 13.26 ? 43  LYS A N   1 
ATOM   343  C CA  . LYS A 1 43  ? -7.871  -20.420 -2.108  1.00 12.44 ? 43  LYS A CA  1 
ATOM   344  C C   . LYS A 1 43  ? -6.727  -21.017 -2.928  1.00 11.08 ? 43  LYS A C   1 
ATOM   345  O O   . LYS A 1 43  ? -5.686  -21.353 -2.369  1.00 13.00 ? 43  LYS A O   1 
ATOM   346  C CB  . LYS A 1 43  ? -8.884  -21.499 -1.716  1.00 14.57 ? 43  LYS A CB  1 
ATOM   347  C CG  . LYS A 1 43  ? -9.793  -21.066 -0.570  1.00 16.77 ? 43  LYS A CG  1 
ATOM   348  C CD  . LYS A 1 43  ? -10.847 -22.130 -0.249  1.00 19.59 ? 43  LYS A CD  1 
ATOM   349  C CE  . LYS A 1 43  ? -11.616 -21.754 1.009   1.00 24.63 ? 43  LYS A CE  1 
ATOM   350  N NZ  . LYS A 1 43  ? -12.593 -22.803 1.402   1.00 36.08 ? 43  LYS A NZ  1 
ATOM   351  N N   . SER A 1 44  ? -6.899  -21.102 -4.241  1.00 12.38 ? 44  SER A N   1 
ATOM   352  C CA  A SER A 1 44  ? -5.817  -21.575 -5.114  0.70 12.64 ? 44  SER A CA  1 
ATOM   353  C CA  B SER A 1 44  ? -5.819  -21.572 -5.107  0.30 12.61 ? 44  SER A CA  1 
ATOM   354  C C   . SER A 1 44  ? -4.631  -20.615 -5.048  1.00 11.99 ? 44  SER A C   1 
ATOM   355  O O   . SER A 1 44  ? -3.487  -21.036 -4.886  1.00 12.49 ? 44  SER A O   1 
ATOM   356  C CB  A SER A 1 44  ? -6.291  -21.722 -6.564  0.70 16.46 ? 44  SER A CB  1 
ATOM   357  C CB  B SER A 1 44  ? -6.299  -21.723 -6.549  0.30 16.54 ? 44  SER A CB  1 
ATOM   358  O OG  A SER A 1 44  ? -7.190  -22.813 -6.712  0.70 16.61 ? 44  SER A OG  1 
ATOM   359  O OG  B SER A 1 44  ? -5.302  -22.335 -7.348  0.30 15.14 ? 44  SER A OG  1 
ATOM   360  N N   . GLU A 1 45  ? -4.904  -19.319 -5.155  1.00 12.70 ? 45  GLU A N   1 
ATOM   361  C CA  . GLU A 1 45  ? -3.832  -18.331 -5.061  1.00 12.06 ? 45  GLU A CA  1 
ATOM   362  C C   . GLU A 1 45  ? -3.123  -18.397 -3.724  1.00 11.55 ? 45  GLU A C   1 
ATOM   363  O O   . GLU A 1 45  ? -1.895  -18.290 -3.664  1.00 11.70 ? 45  GLU A O   1 
ATOM   364  C CB  . GLU A 1 45  ? -4.369  -16.916 -5.298  1.00 10.72 ? 45  GLU A CB  1 
ATOM   365  C CG  . GLU A 1 45  ? -4.819  -16.687 -6.728  1.00 11.72 ? 45  GLU A CG  1 
ATOM   366  C CD  . GLU A 1 45  ? -3.691  -16.866 -7.739  1.00 16.05 ? 45  GLU A CD  1 
ATOM   367  O OE1 . GLU A 1 45  ? -2.646  -16.197 -7.601  1.00 16.30 ? 45  GLU A OE1 1 
ATOM   368  O OE2 . GLU A 1 45  ? -3.845  -17.676 -8.684  1.00 16.89 ? 45  GLU A OE2 1 
ATOM   369  N N   . LEU A 1 46  ? -3.873  -18.570 -2.637  1.00 10.70 ? 46  LEU A N   1 
ATOM   370  C CA  . LEU A 1 46  ? -3.259  -18.706 -1.325  1.00 11.09 ? 46  LEU A CA  1 
ATOM   371  C C   . LEU A 1 46  ? -2.310  -19.904 -1.262  1.00 11.32 ? 46  LEU A C   1 
ATOM   372  O O   . LEU A 1 46  ? -1.181  -19.789 -0.787  1.00 11.98 ? 46  LEU A O   1 
ATOM   373  C CB  . LEU A 1 46  ? -4.328  -18.838 -0.244  1.00 11.37 ? 46  LEU A CB  1 
ATOM   374  C CG  . LEU A 1 46  ? -3.766  -18.999 1.163   1.00 11.15 ? 46  LEU A CG  1 
ATOM   375  C CD1 . LEU A 1 46  ? -2.943  -17.782 1.554   1.00 13.85 ? 46  LEU A CD1 1 
ATOM   376  C CD2 . LEU A 1 46  ? -4.922  -19.194 2.156   1.00 14.24 ? 46  LEU A CD2 1 
ATOM   377  N N   . ASP A 1 47  ? -2.779  -21.059 -1.728  1.00 11.65 ? 47  ASP A N   1 
ATOM   378  C CA  . ASP A 1 47  ? -1.958  -22.258 -1.656  1.00 12.53 ? 47  ASP A CA  1 
ATOM   379  C C   . ASP A 1 47  ? -0.676  -22.108 -2.478  1.00 11.28 ? 47  ASP A C   1 
ATOM   380  O O   . ASP A 1 47  ? 0.396   -22.551 -2.051  1.00 12.20 ? 47  ASP A O   1 
ATOM   381  C CB  . ASP A 1 47  ? -2.761  -23.478 -2.104  1.00 14.00 ? 47  ASP A CB  1 
ATOM   382  C CG  . ASP A 1 47  ? -3.832  -23.864 -1.105  1.00 17.48 ? 47  ASP A CG  1 
ATOM   383  O OD1 . ASP A 1 47  ? -3.899  -23.250 -0.023  1.00 15.81 ? 47  ASP A OD1 1 
ATOM   384  O OD2 . ASP A 1 47  ? -4.611  -24.798 -1.400  1.00 21.62 ? 47  ASP A OD2 1 
ATOM   385  N N   . LYS A 1 48  ? -0.787  -21.454 -3.626  1.00 11.57 ? 48  LYS A N   1 
ATOM   386  C CA  . LYS A 1 48  ? 0.372   -21.156 -4.474  1.00 11.20 ? 48  LYS A CA  1 
ATOM   387  C C   . LYS A 1 48  ? 1.338   -20.183 -3.774  1.00 12.22 ? 48  LYS A C   1 
ATOM   388  O O   . LYS A 1 48  ? 2.565   -20.336 -3.843  1.00 11.11 ? 48  LYS A O   1 
ATOM   389  C CB  . LYS A 1 48  ? -0.111  -20.582 -5.813  1.00 12.32 ? 48  LYS A CB  1 
ATOM   390  C CG  . LYS A 1 48  ? 1.001   -20.160 -6.771  1.00 13.67 ? 48  LYS A CG  1 
ATOM   391  C CD  . LYS A 1 48  ? 0.468   -19.904 -8.210  1.00 14.14 ? 48  LYS A CD  1 
ATOM   392  C CE  . LYS A 1 48  ? -0.728  -18.986 -8.249  1.00 16.56 ? 48  LYS A CE  1 
ATOM   393  N NZ  . LYS A 1 48  ? -0.341  -17.563 -8.307  1.00 15.36 ? 48  LYS A NZ  1 
ATOM   394  N N   . ALA A 1 49  ? 0.790   -19.193 -3.075  1.00 10.66 ? 49  ALA A N   1 
ATOM   395  C CA  . ALA A 1 49  ? 1.630   -18.190 -2.413  1.00 10.57 ? 49  ALA A CA  1 
ATOM   396  C C   . ALA A 1 49  ? 2.395   -18.767 -1.234  1.00 10.63 ? 49  ALA A C   1 
ATOM   397  O O   . ALA A 1 49  ? 3.530   -18.384 -0.985  1.00 11.26 ? 49  ALA A O   1 
ATOM   398  C CB  . ALA A 1 49  ? 0.786   -17.003 -1.961  1.00 12.16 ? 49  ALA A CB  1 
ATOM   399  N N   . ILE A 1 50  ? 1.762   -19.671 -0.498  1.00 11.16 ? 50  ILE A N   1 
ATOM   400  C CA  . ILE A 1 50  ? 2.356   -20.227 0.701   1.00 11.34 ? 50  ILE A CA  1 
ATOM   401  C C   . ILE A 1 50  ? 3.136   -21.508 0.432   1.00 11.66 ? 50  ILE A C   1 
ATOM   402  O O   . ILE A 1 50  ? 4.075   -21.827 1.159   1.00 14.06 ? 50  ILE A O   1 
ATOM   403  C CB  . ILE A 1 50  ? 1.252   -20.514 1.773   1.00 11.41 ? 50  ILE A CB  1 
ATOM   404  C CG1 . ILE A 1 50  ? 0.455   -19.244 2.062   1.00 14.87 ? 50  ILE A CG1 1 
ATOM   405  C CG2 . ILE A 1 50  ? 1.840   -21.076 3.055   1.00 15.02 ? 50  ILE A CG2 1 
ATOM   406  C CD1 . ILE A 1 50  ? 1.294   -18.122 2.611   1.00 17.73 ? 50  ILE A CD1 1 
ATOM   407  N N   . GLY A 1 51  ? 2.742   -22.236 -0.609  1.00 11.98 ? 51  GLY A N   1 
ATOM   408  C CA  . GLY A 1 51  ? 3.400   -23.479 -0.986  1.00 12.20 ? 51  GLY A CA  1 
ATOM   409  C C   . GLY A 1 51  ? 2.917   -24.712 -0.242  1.00 18.77 ? 51  GLY A C   1 
ATOM   410  O O   . GLY A 1 51  ? 3.649   -25.693 -0.119  1.00 19.83 ? 51  GLY A O   1 
ATOM   411  N N   . ARG A 1 52  ? 1.695   -24.666 0.274   1.00 15.38 ? 52  ARG A N   1 
ATOM   412  C CA  . ARG A 1 52  ? 1.070   -25.829 0.905   1.00 15.41 ? 52  ARG A CA  1 
ATOM   413  C C   . ARG A 1 52  ? -0.438  -25.654 0.800   1.00 16.30 ? 52  ARG A C   1 
ATOM   414  O O   . ARG A 1 52  ? -0.921  -24.588 0.402   1.00 16.21 ? 52  ARG A O   1 
ATOM   415  C CB  . ARG A 1 52  ? 1.489   -25.963 2.368   1.00 15.98 ? 52  ARG A CB  1 
ATOM   416  C CG  . ARG A 1 52  ? 0.976   -24.834 3.250   1.00 15.27 ? 52  ARG A CG  1 
ATOM   417  C CD  . ARG A 1 52  ? 1.394   -24.991 4.709   1.00 17.12 ? 52  ARG A CD  1 
ATOM   418  N NE  . ARG A 1 52  ? 0.885   -23.876 5.500   1.00 16.85 ? 52  ARG A NE  1 
ATOM   419  C CZ  . ARG A 1 52  ? -0.317  -23.842 6.064   1.00 16.07 ? 52  ARG A CZ  1 
ATOM   420  N NH1 . ARG A 1 52  ? -1.147  -24.880 5.960   1.00 18.53 ? 52  ARG A NH1 1 
ATOM   421  N NH2 . ARG A 1 52  ? -0.695  -22.767 6.743   1.00 17.50 ? 52  ARG A NH2 1 
ATOM   422  N N   . ASN A 1 53  ? -1.183  -26.713 1.113   1.00 16.74 ? 53  ASN A N   1 
ATOM   423  C CA  A ASN A 1 53  ? -2.633  -26.649 1.122   0.60 15.87 ? 53  ASN A CA  1 
ATOM   424  C CA  B ASN A 1 53  ? -2.638  -26.651 1.122   0.40 15.81 ? 53  ASN A CA  1 
ATOM   425  C C   . ASN A 1 53  ? -3.121  -26.031 2.426   1.00 14.84 ? 53  ASN A C   1 
ATOM   426  O O   . ASN A 1 53  ? -3.071  -26.661 3.481   1.00 18.41 ? 53  ASN A O   1 
ATOM   427  C CB  A ASN A 1 53  ? -3.228  -28.045 0.939   0.60 19.22 ? 53  ASN A CB  1 
ATOM   428  C CB  B ASN A 1 53  ? -3.240  -28.048 0.948   0.40 19.25 ? 53  ASN A CB  1 
ATOM   429  C CG  A ASN A 1 53  ? -2.857  -28.660 -0.392  0.60 21.36 ? 53  ASN A CG  1 
ATOM   430  C CG  B ASN A 1 53  ? -4.744  -28.014 0.730   0.40 19.63 ? 53  ASN A CG  1 
ATOM   431  O OD1 A ASN A 1 53  ? -2.752  -27.966 -1.403  0.60 27.60 ? 53  ASN A OD1 1 
ATOM   432  O OD1 B ASN A 1 53  ? -5.413  -27.039 1.074   0.40 29.20 ? 53  ASN A OD1 1 
ATOM   433  N ND2 A ASN A 1 53  ? -2.652  -29.971 -0.401  0.60 29.75 ? 53  ASN A ND2 1 
ATOM   434  N ND2 B ASN A 1 53  ? -5.283  -29.085 0.157   0.40 33.88 ? 53  ASN A ND2 1 
ATOM   435  N N   . CYS A 1 54  ? -3.587  -24.782 2.342   1.00 14.33 ? 54  CYS A N   1 
ATOM   436  C CA  . CYS A 1 54  ? -3.899  -23.966 3.513   1.00 16.54 ? 54  CYS A CA  1 
ATOM   437  C C   . CYS A 1 54  ? -5.361  -24.016 3.914   1.00 14.71 ? 54  CYS A C   1 
ATOM   438  O O   . CYS A 1 54  ? -5.695  -23.666 5.041   1.00 17.33 ? 54  CYS A O   1 
ATOM   439  C CB  . CYS A 1 54  ? -3.532  -22.492 3.243   1.00 14.01 ? 54  CYS A CB  1 
ATOM   440  S SG  . CYS A 1 54  ? -1.778  -22.183 2.946   1.00 15.70 ? 54  CYS A SG  1 
ATOM   441  N N   . ASN A 1 55  ? -6.209  -24.378 2.957   1.00 17.80 ? 55  ASN A N   1 
ATOM   442  C CA  . ASN A 1 55  ? -7.655  -24.297 3.128   1.00 20.18 ? 55  ASN A CA  1 
ATOM   443  C C   . ASN A 1 55  ? -8.103  -22.965 3.739   1.00 19.18 ? 55  ASN A C   1 
ATOM   444  O O   . ASN A 1 55  ? -8.948  -22.914 4.641   1.00 21.02 ? 55  ASN A O   1 
ATOM   445  C CB  . ASN A 1 55  ? -8.161  -25.463 3.964   1.00 24.01 ? 55  ASN A CB  1 
ATOM   446  C CG  . ASN A 1 55  ? -9.665  -25.604 3.905   1.00 31.46 ? 55  ASN A CG  1 
ATOM   447  O OD1 . ASN A 1 55  ? -10.295 -25.289 2.886   1.00 29.87 ? 55  ASN A OD1 1 
ATOM   448  N ND2 . ASN A 1 55  ? -10.252 -26.059 4.998   1.00 28.57 ? 55  ASN A ND2 1 
ATOM   449  N N   . GLY A 1 56  ? -7.517  -21.886 3.247   1.00 15.09 ? 56  GLY A N   1 
ATOM   450  C CA  . GLY A 1 56  ? -7.963  -20.550 3.615   1.00 15.31 ? 56  GLY A CA  1 
ATOM   451  C C   . GLY A 1 56  ? -7.463  -19.973 4.923   1.00 14.44 ? 56  GLY A C   1 
ATOM   452  O O   . GLY A 1 56  ? -7.935  -18.918 5.344   1.00 15.05 ? 56  GLY A O   1 
ATOM   453  N N   . VAL A 1 57  ? -6.505  -20.631 5.559   1.00 13.55 ? 57  VAL A N   1 
ATOM   454  C CA  A VAL A 1 57  ? -5.966  -20.188 6.837   0.60 15.21 ? 57  VAL A CA  1 
ATOM   455  C CA  B VAL A 1 57  ? -5.959  -20.142 6.815   0.40 15.32 ? 57  VAL A CA  1 
ATOM   456  C C   . VAL A 1 57  ? -4.439  -20.265 6.833   1.00 14.81 ? 57  VAL A C   1 
ATOM   457  O O   . VAL A 1 57  ? -3.870  -21.236 6.332   1.00 15.91 ? 57  VAL A O   1 
ATOM   458  C CB  A VAL A 1 57  ? -6.517  -21.044 7.996   0.60 21.19 ? 57  VAL A CB  1 
ATOM   459  C CB  B VAL A 1 57  ? -6.584  -20.858 8.035   0.40 19.36 ? 57  VAL A CB  1 
ATOM   460  C CG1 A VAL A 1 57  ? -5.940  -20.585 9.325   0.60 23.75 ? 57  VAL A CG1 1 
ATOM   461  C CG1 B VAL A 1 57  ? -6.228  -22.334 8.030   0.40 20.15 ? 57  VAL A CG1 1 
ATOM   462  C CG2 A VAL A 1 57  ? -8.038  -20.996 8.016   0.60 19.84 ? 57  VAL A CG2 1 
ATOM   463  C CG2 B VAL A 1 57  ? -6.139  -20.199 9.332   0.40 22.41 ? 57  VAL A CG2 1 
ATOM   464  N N   . ILE A 1 58  ? -3.777  -19.255 7.392   1.00 13.46 ? 58  ILE A N   1 
ATOM   465  C CA  . ILE A 1 58  ? -2.320  -19.262 7.503   1.00 11.94 ? 58  ILE A CA  1 
ATOM   466  C C   . ILE A 1 58  ? -1.871  -18.945 8.923   1.00 12.80 ? 58  ILE A C   1 
ATOM   467  O O   . ILE A 1 58  ? -2.686  -18.557 9.766   1.00 16.87 ? 58  ILE A O   1 
ATOM   468  C CB  . ILE A 1 58  ? -1.643  -18.267 6.512   1.00 11.68 ? 58  ILE A CB  1 
ATOM   469  C CG1 . ILE A 1 58  ? -2.097  -16.819 6.775   1.00 12.06 ? 58  ILE A CG1 1 
ATOM   470  C CG2 . ILE A 1 58  ? -1.903  -18.680 5.074   1.00 13.72 ? 58  ILE A CG2 1 
ATOM   471  C CD1 . ILE A 1 58  ? -1.376  -15.773 5.886   1.00 14.32 ? 58  ILE A CD1 1 
ATOM   472  N N   . THR A 1 59  ? -0.585  -19.139 9.198   1.00 14.11 ? 59  THR A N   1 
ATOM   473  C CA  . THR A 1 59  ? -0.010  -18.762 10.486  1.00 15.58 ? 59  THR A CA  1 
ATOM   474  C C   . THR A 1 59  ? 0.473   -17.313 10.481  1.00 14.80 ? 59  THR A C   1 
ATOM   475  O O   . THR A 1 59  ? 0.645   -16.701 9.421   1.00 13.85 ? 59  THR A O   1 
ATOM   476  C CB  . THR A 1 59  ? 1.194   -19.646 10.851  1.00 15.04 ? 59  THR A CB  1 
ATOM   477  O OG1 . THR A 1 59  ? 2.251   -19.406 9.915   1.00 16.42 ? 59  THR A OG1 1 
ATOM   478  C CG2 . THR A 1 59  ? 0.825   -21.124 10.814  1.00 20.56 ? 59  THR A CG2 1 
ATOM   479  N N   . LYS A 1 60  ? 0.731   -16.764 11.664  1.00 14.25 ? 60  LYS A N   1 
ATOM   480  C CA  . LYS A 1 60  ? 1.276   -15.420 11.752  1.00 15.24 ? 60  LYS A CA  1 
ATOM   481  C C   . LYS A 1 60  ? 2.621   -15.338 11.032  1.00 15.49 ? 60  LYS A C   1 
ATOM   482  O O   . LYS A 1 60  ? 2.892   -14.349 10.354  1.00 14.84 ? 60  LYS A O   1 
ATOM   483  C CB  . LYS A 1 60  ? 1.404   -14.968 13.212  1.00 16.74 ? 60  LYS A CB  1 
ATOM   484  C CG  . LYS A 1 60  ? 1.859   -13.525 13.371  1.00 19.60 ? 60  LYS A CG  1 
ATOM   485  C CD  . LYS A 1 60  ? 1.756   -13.086 14.831  1.00 23.72 ? 60  LYS A CD  1 
ATOM   486  C CE  . LYS A 1 60  ? 2.019   -11.598 14.994  1.00 30.58 ? 60  LYS A CE  1 
ATOM   487  N N   . ASP A 1 61  ? 3.461   -16.367 11.160  1.00 15.40 ? 61  ASP A N   1 
ATOM   488  C CA  . ASP A 1 61  ? 4.759   -16.344 10.487  1.00 16.47 ? 61  ASP A CA  1 
ATOM   489  C C   . ASP A 1 61  ? 4.579   -16.277 8.975   1.00 14.40 ? 61  ASP A C   1 
ATOM   490  O O   . ASP A 1 61  ? 5.305   -15.546 8.283   1.00 13.37 ? 61  ASP A O   1 
ATOM   491  C CB  . ASP A 1 61  ? 5.601   -17.578 10.833  1.00 17.55 ? 61  ASP A CB  1 
ATOM   492  C CG  . ASP A 1 61  ? 6.104   -17.573 12.263  1.00 26.25 ? 61  ASP A CG  1 
ATOM   493  O OD1 . ASP A 1 61  ? 5.930   -16.559 12.968  1.00 29.56 ? 61  ASP A OD1 1 
ATOM   494  O OD2 . ASP A 1 61  ? 6.690   -18.597 12.677  1.00 31.07 ? 61  ASP A OD2 1 
ATOM   495  N N   . GLU A 1 62  ? 3.611   -17.026 8.461   1.00 13.63 ? 62  GLU A N   1 
ATOM   496  C CA  . GLU A 1 62  ? 3.329   -17.004 7.026   1.00 11.28 ? 62  GLU A CA  1 
ATOM   497  C C   . GLU A 1 62  ? 2.813   -15.634 6.587   1.00 12.45 ? 62  GLU A C   1 
ATOM   498  O O   . GLU A 1 62  ? 3.206   -15.118 5.535   1.00 11.86 ? 62  GLU A O   1 
ATOM   499  C CB  . GLU A 1 62  ? 2.346   -18.114 6.651   1.00 11.70 ? 62  GLU A CB  1 
ATOM   500  C CG  . GLU A 1 62  ? 3.012   -19.494 6.675   1.00 14.50 ? 62  GLU A CG  1 
ATOM   501  C CD  . GLU A 1 62  ? 2.035   -20.640 6.688   1.00 18.16 ? 62  GLU A CD  1 
ATOM   502  O OE1 . GLU A 1 62  ? 0.831   -20.430 6.936   1.00 15.67 ? 62  GLU A OE1 1 
ATOM   503  O OE2 . GLU A 1 62  ? 2.489   -21.785 6.451   1.00 18.05 ? 62  GLU A OE2 1 
ATOM   504  N N   . ALA A 1 63  ? 1.948   -15.033 7.397   1.00 11.48 ? 63  ALA A N   1 
ATOM   505  C CA  . ALA A 1 63  ? 1.452   -13.694 7.090   1.00 12.08 ? 63  ALA A CA  1 
ATOM   506  C C   . ALA A 1 63  ? 2.598   -12.692 7.027   1.00 11.02 ? 63  ALA A C   1 
ATOM   507  O O   . ALA A 1 63  ? 2.636   -11.829 6.145   1.00 10.53 ? 63  ALA A O   1 
ATOM   508  C CB  . ALA A 1 63  ? 0.426   -13.252 8.131   1.00 11.46 ? 63  ALA A CB  1 
ATOM   509  N N   . GLU A 1 64  ? 3.528   -12.784 7.974   1.00 11.18 ? 64  GLU A N   1 
ATOM   510  C CA  . GLU A 1 64  ? 4.646   -11.855 8.018   1.00 10.40 ? 64  GLU A CA  1 
ATOM   511  C C   . GLU A 1 64  ? 5.602   -12.083 6.850   1.00 10.87 ? 64  GLU A C   1 
ATOM   512  O O   . GLU A 1 64  ? 6.192   -11.137 6.339   1.00 11.89 ? 64  GLU A O   1 
ATOM   513  C CB  . GLU A 1 64  ? 5.348   -11.937 9.379   1.00 13.36 ? 64  GLU A CB  1 
ATOM   514  C CG  . GLU A 1 64  ? 4.486   -11.323 10.481  1.00 14.15 ? 64  GLU A CG  1 
ATOM   515  C CD  . GLU A 1 64  ? 4.965   -11.649 11.873  1.00 21.90 ? 64  GLU A CD  1 
ATOM   516  O OE1 . GLU A 1 64  ? 5.774   -12.592 12.028  1.00 22.69 ? 64  GLU A OE1 1 
ATOM   517  O OE2 . GLU A 1 64  ? 4.506   -10.961 12.812  1.00 25.93 ? 64  GLU A OE2 1 
ATOM   518  N N   . LYS A 1 65  ? 5.730   -13.329 6.392   1.00 11.46 ? 65  LYS A N   1 
ATOM   519  C CA  . LYS A 1 65  ? 6.559   -13.588 5.222   1.00 11.75 ? 65  LYS A CA  1 
ATOM   520  C C   . LYS A 1 65  ? 5.959   -12.956 3.963   1.00 10.17 ? 65  LYS A C   1 
ATOM   521  O O   . LYS A 1 65  ? 6.663   -12.302 3.189   1.00 10.91 ? 65  LYS A O   1 
ATOM   522  C CB  . LYS A 1 65  ? 6.772   -15.091 5.022   1.00 11.85 ? 65  LYS A CB  1 
ATOM   523  C CG  . LYS A 1 65  ? 7.675   -15.392 3.849   1.00 14.42 ? 65  LYS A CG  1 
ATOM   524  C CD  . LYS A 1 65  ? 8.221   -16.812 3.909   1.00 16.59 ? 65  LYS A CD  1 
ATOM   525  C CE  . LYS A 1 65  ? 9.324   -17.007 2.870   1.00 21.54 ? 65  LYS A CE  1 
ATOM   526  N NZ  . LYS A 1 65  ? 9.927   -18.355 2.995   1.00 22.33 ? 65  LYS A NZ  1 
ATOM   527  N N   . LEU A 1 66  ? 4.654   -13.136 3.757   1.00 9.97  ? 66  LEU A N   1 
ATOM   528  C CA  . LEU A 1 66  ? 3.992   -12.485 2.624   1.00 10.41 ? 66  LEU A CA  1 
ATOM   529  C C   . LEU A 1 66  ? 4.146   -10.972 2.715   1.00 10.32 ? 66  LEU A C   1 
ATOM   530  O O   . LEU A 1 66  ? 4.374   -10.309 1.715   1.00 10.55 ? 66  LEU A O   1 
ATOM   531  C CB  . LEU A 1 66  ? 2.494   -12.824 2.546   1.00 11.99 ? 66  LEU A CB  1 
ATOM   532  C CG  . LEU A 1 66  ? 2.147   -14.294 2.280   1.00 12.69 ? 66  LEU A CG  1 
ATOM   533  C CD1 . LEU A 1 66  ? 0.621   -14.463 2.268   1.00 17.07 ? 66  LEU A CD1 1 
ATOM   534  C CD2 . LEU A 1 66  ? 2.766   -14.787 0.978   1.00 16.98 ? 66  LEU A CD2 1 
ATOM   535  N N   . PHE A 1 67  ? 4.048   -10.425 3.926   1.00 9.93  ? 67  PHE A N   1 
ATOM   536  C CA  . PHE A 1 67  ? 4.170   -8.986  4.135   1.00 10.27 ? 67  PHE A CA  1 
ATOM   537  C C   . PHE A 1 67  ? 5.564   -8.493  3.748   1.00 10.56 ? 67  PHE A C   1 
ATOM   538  O O   . PHE A 1 67  ? 5.702   -7.480  3.056   1.00 10.61 ? 67  PHE A O   1 
ATOM   539  C CB  . PHE A 1 67  ? 3.858   -8.701  5.611   1.00 9.81  ? 67  PHE A CB  1 
ATOM   540  C CG  . PHE A 1 67  ? 3.759   -7.236  5.984   1.00 10.23 ? 67  PHE A CG  1 
ATOM   541  C CD1 . PHE A 1 67  ? 3.213   -6.287  5.132   1.00 10.80 ? 67  PHE A CD1 1 
ATOM   542  C CD2 . PHE A 1 67  ? 4.178   -6.835  7.247   1.00 12.08 ? 67  PHE A CD2 1 
ATOM   543  C CE1 . PHE A 1 67  ? 3.118   -4.950  5.540   1.00 11.36 ? 67  PHE A CE1 1 
ATOM   544  C CE2 . PHE A 1 67  ? 4.079   -5.504  7.645   1.00 12.69 ? 67  PHE A CE2 1 
ATOM   545  C CZ  . PHE A 1 67  ? 3.543   -4.576  6.790   1.00 11.81 ? 67  PHE A CZ  1 
ATOM   546  N N   . ASN A 1 68  ? 6.606   -9.211  4.161   1.00 10.65 ? 68  ASN A N   1 
ATOM   547  C CA  A ASN A 1 68  ? 7.964   -8.866  3.761   0.70 11.12 ? 68  ASN A CA  1 
ATOM   548  C CA  B ASN A 1 68  ? 7.952   -8.828  3.764   0.30 11.02 ? 68  ASN A CA  1 
ATOM   549  C C   . ASN A 1 68  ? 8.102   -8.838  2.242   1.00 10.84 ? 68  ASN A C   1 
ATOM   550  O O   . ASN A 1 68  ? 8.668   -7.911  1.662   1.00 11.98 ? 68  ASN A O   1 
ATOM   551  C CB  A ASN A 1 68  ? 8.964   -9.871  4.343   0.70 12.72 ? 68  ASN A CB  1 
ATOM   552  C CB  B ASN A 1 68  ? 8.999   -9.731  4.420   0.30 12.58 ? 68  ASN A CB  1 
ATOM   553  C CG  A ASN A 1 68  ? 9.247   -9.628  5.806   0.70 13.79 ? 68  ASN A CG  1 
ATOM   554  C CG  B ASN A 1 68  ? 10.390  -9.124  4.394   0.30 11.89 ? 68  ASN A CG  1 
ATOM   555  O OD1 A ASN A 1 68  ? 9.199   -8.495  6.272   0.70 16.42 ? 68  ASN A OD1 1 
ATOM   556  O OD1 B ASN A 1 68  ? 10.692  -8.261  3.571   0.30 19.97 ? 68  ASN A OD1 1 
ATOM   557  N ND2 A ASN A 1 68  ? 9.548   -10.691 6.542   0.70 15.37 ? 68  ASN A ND2 1 
ATOM   558  N ND2 B ASN A 1 68  ? 11.247  -9.581  5.297   0.30 13.08 ? 68  ASN A ND2 1 
ATOM   559  N N   . GLN A 1 69  ? 7.589   -9.881  1.586   1.00 9.45  ? 69  GLN A N   1 
ATOM   560  C CA  . GLN A 1 69  ? 7.624   -9.939  0.131   1.00 10.01 ? 69  GLN A CA  1 
ATOM   561  C C   . GLN A 1 69  ? 6.861   -8.789  -0.490  1.00 10.44 ? 69  GLN A C   1 
ATOM   562  O O   . GLN A 1 69  ? 7.314   -8.217  -1.473  1.00 11.49 ? 69  GLN A O   1 
ATOM   563  C CB  . GLN A 1 69  ? 7.054   -11.264 -0.360  1.00 9.83  ? 69  GLN A CB  1 
ATOM   564  C CG  . GLN A 1 69  ? 7.908   -12.441 0.026   1.00 10.83 ? 69  GLN A CG  1 
ATOM   565  C CD  . GLN A 1 69  ? 7.296   -13.780 -0.329  1.00 12.16 ? 69  GLN A CD  1 
ATOM   566  O OE1 . GLN A 1 69  ? 6.128   -13.882 -0.742  1.00 14.14 ? 69  GLN A OE1 1 
ATOM   567  N NE2 . GLN A 1 69  ? 8.077   -14.817 -0.164  1.00 10.16 ? 69  GLN A NE2 1 
ATOM   568  N N   . ASP A 1 70  ? 5.705   -8.446  0.080   1.00 10.13 ? 70  ASP A N   1 
ATOM   569  C CA  . ASP A 1 70  ? 4.859   -7.416  -0.496  1.00 10.28 ? 70  ASP A CA  1 
ATOM   570  C C   . ASP A 1 70  ? 5.454   -6.019  -0.341  1.00 9.96  ? 70  ASP A C   1 
ATOM   571  O O   . ASP A 1 70  ? 5.362   -5.213  -1.261  1.00 10.66 ? 70  ASP A O   1 
ATOM   572  C CB  . ASP A 1 70  ? 3.458   -7.489  0.125   1.00 11.54 ? 70  ASP A CB  1 
ATOM   573  C CG  . ASP A 1 70  ? 2.685   -8.737  -0.307  1.00 12.83 ? 70  ASP A CG  1 
ATOM   574  O OD1 . ASP A 1 70  ? 3.054   -9.391  -1.310  1.00 12.98 ? 70  ASP A OD1 1 
ATOM   575  O OD2 . ASP A 1 70  ? 1.684   -9.055  0.368   1.00 13.12 ? 70  ASP A OD2 1 
ATOM   576  N N   . VAL A 1 71  ? 6.109   -5.756  0.763   1.00 10.38 ? 71  VAL A N   1 
ATOM   577  C CA  . VAL A 1 71  ? 6.770   -4.463  0.959   1.00 10.47 ? 71  VAL A CA  1 
ATOM   578  C C   . VAL A 1 71  ? 7.949   -4.330  -0.012  1.00 11.84 ? 71  VAL A C   1 
ATOM   579  O O   . VAL A 1 71  ? 8.097   -3.352  -0.657  1.00 11.65 ? 71  VAL A O   1 
ATOM   580  C CB  . VAL A 1 71  ? 7.185   -4.282  2.430   1.00 11.03 ? 71  VAL A CB  1 
ATOM   581  C CG1 . VAL A 1 71  ? 8.089   -3.060  2.553   1.00 12.00 ? 71  VAL A CG1 1 
ATOM   582  C CG2 . VAL A 1 71  ? 5.953   -4.133  3.338   1.00 12.34 ? 71  VAL A CG2 1 
ATOM   583  N N   . ASP A 1 72  ? 8.737   -5.388  -0.087  1.00 11.40 ? 72  ASP A N   1 
ATOM   584  C CA  A ASP A 1 72  ? 9.849   -5.454  -1.041  0.70 11.44 ? 72  ASP A CA  1 
ATOM   585  C CA  B ASP A 1 72  ? 9.870   -5.423  -1.031  0.30 11.44 ? 72  ASP A CA  1 
ATOM   586  C C   . ASP A 1 72  ? 9.389   -5.203  -2.483  1.00 11.48 ? 72  ASP A C   1 
ATOM   587  O O   . ASP A 1 72  ? 9.921   -4.420  -3.173  1.00 12.59 ? 72  ASP A O   1 
ATOM   588  C CB  A ASP A 1 72  ? 10.553  -6.788  -0.871  0.70 11.99 ? 72  ASP A CB  1 
ATOM   589  C CB  B ASP A 1 72  ? 10.561  -6.786  -0.987  0.30 11.94 ? 72  ASP A CB  1 
ATOM   590  C CG  A ASP A 1 72  ? 11.706  -7.017  -1.825  0.70 21.77 ? 72  ASP A CG  1 
ATOM   591  C CG  B ASP A 1 72  ? 12.020  -6.714  -1.396  0.30 17.97 ? 72  ASP A CG  1 
ATOM   592  O OD1 A ASP A 1 72  ? 11.574  -6.844  -2.987  0.70 22.33 ? 72  ASP A OD1 1 
ATOM   593  O OD1 B ASP A 1 72  ? 12.538  -5.589  -1.555  0.30 22.49 ? 72  ASP A OD1 1 
ATOM   594  O OD2 A ASP A 1 72  ? 12.651  -7.561  -1.386  0.70 28.60 ? 72  ASP A OD2 1 
ATOM   595  O OD2 B ASP A 1 72  ? 12.647  -7.781  -1.558  0.30 28.99 ? 72  ASP A OD2 1 
ATOM   596  N N   . ALA A 1 73  ? 8.334   -5.863  -2.867  1.00 13.02 ? 73  ALA A N   1 
ATOM   597  C CA  . ALA A 1 73  ? 7.774   -5.664  -4.161  1.00 14.16 ? 73  ALA A CA  1 
ATOM   598  C C   . ALA A 1 73  ? 7.278   -4.256  -4.415  1.00 13.41 ? 73  ALA A C   1 
ATOM   599  O O   . ALA A 1 73  ? 7.453   -3.763  -5.477  1.00 13.84 ? 73  ALA A O   1 
ATOM   600  C CB  . ALA A 1 73  ? 6.665   -6.652  -4.423  1.00 16.64 ? 73  ALA A CB  1 
ATOM   601  N N   . ALA A 1 74  ? 6.689   -3.627  -3.428  1.00 11.93 ? 74  ALA A N   1 
ATOM   602  C CA  . ALA A 1 74  ? 6.242   -2.243  -3.551  1.00 13.33 ? 74  ALA A CA  1 
ATOM   603  C C   . ALA A 1 74  ? 7.436   -1.313  -3.773  1.00 12.15 ? 74  ALA A C   1 
ATOM   604  O O   . ALA A 1 74  ? 7.407   -0.456  -4.652  1.00 12.86 ? 74  ALA A O   1 
ATOM   605  C CB  . ALA A 1 74  ? 5.460   -1.824  -2.325  1.00 12.64 ? 74  ALA A CB  1 
ATOM   606  N N   . VAL A 1 75  ? 8.496   -1.515  -2.992  1.00 11.06 ? 75  VAL A N   1 
ATOM   607  C CA  . VAL A 1 75  ? 9.718   -0.728  -3.160  1.00 12.00 ? 75  VAL A CA  1 
ATOM   608  C C   . VAL A 1 75  ? 10.340  -0.949  -4.536  1.00 12.18 ? 75  VAL A C   1 
ATOM   609  O O   . VAL A 1 75  ? 10.685  0.013   -5.228  1.00 12.58 ? 75  VAL A O   1 
ATOM   610  C CB  . VAL A 1 75  ? 10.745  -1.048  -2.066  1.00 11.59 ? 75  VAL A CB  1 
ATOM   611  C CG1 . VAL A 1 75  ? 12.058  -0.321  -2.350  1.00 17.04 ? 75  VAL A CG1 1 
ATOM   612  C CG2 . VAL A 1 75  ? 10.205  -0.660  -0.703  1.00 13.15 ? 75  VAL A CG2 1 
ATOM   613  N N   . ARG A 1 76  ? 10.482  -2.207  -4.949  1.00 13.28 ? 76  ARG A N   1 
ATOM   614  C CA  . ARG A 1 76  ? 11.060  -2.467  -6.262  1.00 14.67 ? 76  ARG A CA  1 
ATOM   615  C C   . ARG A 1 76  ? 10.239  -1.851  -7.372  1.00 15.75 ? 76  ARG A C   1 
ATOM   616  O O   . ARG A 1 76  ? 10.792  -1.371  -8.370  1.00 16.19 ? 76  ARG A O   1 
ATOM   617  C CB  . ARG A 1 76  ? 11.193  -3.963  -6.503  1.00 17.09 ? 76  ARG A CB  1 
ATOM   618  C CG  . ARG A 1 76  ? 12.277  -4.586  -5.697  1.00 19.69 ? 76  ARG A CG  1 
ATOM   619  C CD  . ARG A 1 76  ? 12.490  -6.034  -6.103  0.60 21.09 ? 76  ARG A CD  1 
ATOM   620  N NE  . ARG A 1 76  ? 13.508  -6.647  -5.263  0.60 20.94 ? 76  ARG A NE  1 
ATOM   621  C CZ  . ARG A 1 76  ? 14.809  -6.644  -5.541  0.60 24.88 ? 76  ARG A CZ  1 
ATOM   622  N NH1 . ARG A 1 76  ? 15.258  -6.058  -6.642  0.60 33.26 ? 76  ARG A NH1 1 
ATOM   623  N NH2 . ARG A 1 76  ? 15.662  -7.219  -4.709  0.60 17.93 ? 76  ARG A NH2 1 
ATOM   624  N N   . GLY A 1 77  ? 8.921   -1.876  -7.218  1.00 13.62 ? 77  GLY A N   1 
ATOM   625  C CA  . GLY A 1 77  ? 8.041   -1.299  -8.210  1.00 14.81 ? 77  GLY A CA  1 
ATOM   626  C C   . GLY A 1 77  ? 8.289   0.193   -8.356  1.00 14.38 ? 77  GLY A C   1 
ATOM   627  O O   . GLY A 1 77  ? 8.344   0.722   -9.477  1.00 16.49 ? 77  GLY A O   1 
ATOM   628  N N   . ILE A 1 78  ? 8.461   0.879   -7.231  1.00 11.27 ? 78  ILE A N   1 
ATOM   629  C CA  . ILE A 1 78  ? 8.799   2.292   -7.268  1.00 11.41 ? 78  ILE A CA  1 
ATOM   630  C C   . ILE A 1 78  ? 10.113  2.524   -8.002  1.00 12.24 ? 78  ILE A C   1 
ATOM   631  O O   . ILE A 1 78  ? 10.199  3.408   -8.862  1.00 13.02 ? 78  ILE A O   1 
ATOM   632  C CB  . ILE A 1 78  ? 8.866   2.881   -5.850  1.00 12.15 ? 78  ILE A CB  1 
ATOM   633  C CG1 . ILE A 1 78  ? 7.451   3.028   -5.286  1.00 12.12 ? 78  ILE A CG1 1 
ATOM   634  C CG2 . ILE A 1 78  ? 9.553   4.244   -5.862  1.00 11.56 ? 78  ILE A CG2 1 
ATOM   635  C CD1 . ILE A 1 78  ? 7.410   3.246   -3.798  1.00 13.45 ? 78  ILE A CD1 1 
ATOM   636  N N   . LEU A 1 79  ? 11.123  1.726   -7.677  1.00 11.71 ? 79  LEU A N   1 
ATOM   637  C CA  . LEU A 1 79  ? 12.451  1.922   -8.262  1.00 13.61 ? 79  LEU A CA  1 
ATOM   638  C C   . LEU A 1 79  ? 12.471  1.649   -9.763  1.00 16.27 ? 79  LEU A C   1 
ATOM   639  O O   . LEU A 1 79  ? 13.286  2.236   -10.488 1.00 18.55 ? 79  LEU A O   1 
ATOM   640  C CB  . LEU A 1 79  ? 13.490  1.067   -7.534  1.00 15.18 ? 79  LEU A CB  1 
ATOM   641  C CG  . LEU A 1 79  ? 13.703  1.393   -6.050  1.00 16.16 ? 79  LEU A CG  1 
ATOM   642  C CD1 . LEU A 1 79  ? 14.749  0.452   -5.448  1.00 23.63 ? 79  LEU A CD1 1 
ATOM   643  C CD2 . LEU A 1 79  ? 14.095  2.856   -5.837  1.00 21.64 ? 79  LEU A CD2 1 
ATOM   644  N N   . ARG A 1 80  ? 11.574  0.801   -10.235 1.00 14.37 ? 80  ARG A N   1 
ATOM   645  C CA  . ARG A 1 80  ? 11.456  0.457   -11.647 1.00 16.37 ? 80  ARG A CA  1 
ATOM   646  C C   . ARG A 1 80  ? 10.569  1.387   -12.451 1.00 17.31 ? 80  ARG A C   1 
ATOM   647  O O   . ARG A 1 80  ? 10.487  1.274   -13.640 1.00 20.10 ? 80  ARG A O   1 
ATOM   648  C CB  . ARG A 1 80  ? 10.979  -0.991  -11.826 1.00 17.48 ? 80  ARG A CB  1 
ATOM   649  C CG  . ARG A 1 80  ? 11.983  -1.988  -11.364 1.00 24.90 ? 80  ARG A CG  1 
ATOM   650  C CD  . ARG A 1 80  ? 11.623  -3.470  -11.543 1.00 29.86 ? 80  ARG A CD  1 
ATOM   651  N NE  . ARG A 1 80  ? 12.732  -4.185  -10.948 0.50 29.05 ? 80  ARG A NE  1 
ATOM   652  C CZ  . ARG A 1 80  ? 12.835  -5.471  -10.762 0.50 32.64 ? 80  ARG A CZ  1 
ATOM   653  N NH1 . ARG A 1 80  ? 11.897  -6.309  -11.195 0.50 39.38 ? 80  ARG A NH1 1 
ATOM   654  N NH2 . ARG A 1 80  ? 13.925  -5.935  -10.182 0.50 34.64 ? 80  ARG A NH2 1 
ATOM   655  N N   . ASN A 1 81  ? 9.878   2.280   -11.779 1.00 14.37 ? 81  ASN A N   1 
ATOM   656  C CA  . ASN A 1 81  ? 8.900   3.140   -12.424 1.00 15.27 ? 81  ASN A CA  1 
ATOM   657  C C   . ASN A 1 81  ? 9.488   4.516   -12.691 1.00 14.99 ? 81  ASN A C   1 
ATOM   658  O O   . ASN A 1 81  ? 9.864   5.230   -11.761 1.00 15.15 ? 81  ASN A O   1 
ATOM   659  C CB  . ASN A 1 81  ? 7.649   3.253   -11.553 1.00 13.98 ? 81  ASN A CB  1 
ATOM   660  C CG  . ASN A 1 81  ? 6.521   3.957   -12.246 1.00 18.28 ? 81  ASN A CG  1 
ATOM   661  O OD1 . ASN A 1 81  ? 6.615   5.143   -12.552 1.00 18.49 ? 81  ASN A OD1 1 
ATOM   662  N ND2 . ASN A 1 81  ? 5.428   3.237   -12.481 1.00 19.42 ? 81  ASN A ND2 1 
ATOM   663  N N   . ALA A 1 82  ? 9.567   4.893   -13.963 1.00 16.34 ? 82  ALA A N   1 
ATOM   664  C CA  . ALA A 1 82  ? 10.238  6.127   -14.346 1.00 18.22 ? 82  ALA A CA  1 
ATOM   665  C C   . ALA A 1 82  ? 9.582   7.389   -13.785 1.00 16.76 ? 82  ALA A C   1 
ATOM   666  O O   . ALA A 1 82  ? 10.238  8.419   -13.628 1.00 17.86 ? 82  ALA A O   1 
ATOM   667  C CB  . ALA A 1 82  ? 10.346  6.217   -15.869 1.00 23.05 ? 82  ALA A CB  1 
ATOM   668  N N   . LYS A 1 83  ? 8.292   7.310   -13.487 1.00 15.55 ? 83  LYS A N   1 
ATOM   669  C CA  . LYS A 1 83  ? 7.588   8.443   -12.904 1.00 14.55 ? 83  LYS A CA  1 
ATOM   670  C C   . LYS A 1 83  ? 7.756   8.502   -11.392 1.00 15.96 ? 83  LYS A C   1 
ATOM   671  O O   . LYS A 1 83  ? 7.814   9.582   -10.805 1.00 18.84 ? 83  LYS A O   1 
ATOM   672  C CB  . LYS A 1 83  ? 6.100   8.399   -13.255 1.00 19.09 ? 83  LYS A CB  1 
ATOM   673  C CG  . LYS A 1 83  ? 5.818   8.574   -14.741 1.00 26.57 ? 83  LYS A CG  1 
ATOM   674  C CD  . LYS A 1 83  ? 4.349   8.351   -15.047 0.50 26.87 ? 83  LYS A CD  1 
ATOM   675  N N   . LEU A 1 84  ? 7.844   7.341   -10.755 1.00 11.70 ? 84  LEU A N   1 
ATOM   676  C CA  . LEU A 1 84  ? 7.870   7.293   -9.295  1.00 12.28 ? 84  LEU A CA  1 
ATOM   677  C C   . LEU A 1 84  ? 9.266   7.426   -8.715  1.00 10.81 ? 84  LEU A C   1 
ATOM   678  O O   . LEU A 1 84  ? 9.451   8.106   -7.698  1.00 12.64 ? 84  LEU A O   1 
ATOM   679  C CB  . LEU A 1 84  ? 7.224   6.008   -8.776  1.00 11.55 ? 84  LEU A CB  1 
ATOM   680  C CG  . LEU A 1 84  ? 5.744   5.830   -9.123  1.00 10.76 ? 84  LEU A CG  1 
ATOM   681  C CD1 . LEU A 1 84  ? 5.288   4.502   -8.548  1.00 13.26 ? 84  LEU A CD1 1 
ATOM   682  C CD2 . LEU A 1 84  ? 4.895   6.973   -8.603  1.00 13.84 ? 84  LEU A CD2 1 
ATOM   683  N N   . LYS A 1 85  ? 10.250  6.805   -9.354  1.00 11.35 ? 85  LYS A N   1 
ATOM   684  C CA  . LYS A 1 85  ? 11.599  6.811   -8.800  1.00 12.32 ? 85  LYS A CA  1 
ATOM   685  C C   . LYS A 1 85  ? 12.170  8.212   -8.496  1.00 12.36 ? 85  LYS A C   1 
ATOM   686  O O   . LYS A 1 85  ? 12.699  8.430   -7.405  1.00 12.18 ? 85  LYS A O   1 
ATOM   687  C CB  . LYS A 1 85  ? 12.572  6.004   -9.660  1.00 14.54 ? 85  LYS A CB  1 
ATOM   688  C CG  . LYS A 1 85  ? 13.941  5.867   -9.013  1.00 16.79 ? 85  LYS A CG  1 
ATOM   689  C CD  . LYS A 1 85  ? 14.875  5.002   -9.843  1.00 20.58 ? 85  LYS A CD  1 
ATOM   690  C CE  . LYS A 1 85  ? 16.169  4.716   -9.093  1.00 26.61 ? 85  LYS A CE  1 
ATOM   691  N NZ  . LYS A 1 85  ? 16.880  5.947   -8.685  1.00 32.90 ? 85  LYS A NZ  1 
ATOM   692  N N   . PRO A 1 86  ? 12.076  9.165   -9.442  1.00 12.81 ? 86  PRO A N   1 
ATOM   693  C CA  . PRO A 1 86  ? 12.691  10.461  -9.120  1.00 13.02 ? 86  PRO A CA  1 
ATOM   694  C C   . PRO A 1 86  ? 12.017  11.137  -7.936  1.00 11.60 ? 86  PRO A C   1 
ATOM   695  O O   . PRO A 1 86  ? 12.677  11.784  -7.115  1.00 13.46 ? 86  PRO A O   1 
ATOM   696  C CB  . PRO A 1 86  ? 12.509  11.295  -10.395 1.00 15.27 ? 86  PRO A CB  1 
ATOM   697  C CG  . PRO A 1 86  ? 11.570  10.524  -11.256 1.00 19.46 ? 86  PRO A CG  1 
ATOM   698  C CD  . PRO A 1 86  ? 11.636  9.083   -10.841 1.00 14.23 ? 86  PRO A CD  1 
ATOM   699  N N   . VAL A 1 87  ? 10.703  10.989  -7.826  1.00 10.59 ? 87  VAL A N   1 
ATOM   700  C CA  . VAL A 1 87  ? 9.998   11.588  -6.699  1.00 12.69 ? 87  VAL A CA  1 
ATOM   701  C C   . VAL A 1 87  ? 10.418  10.898  -5.392  1.00 10.44 ? 87  VAL A C   1 
ATOM   702  O O   . VAL A 1 87  ? 10.785  11.540  -4.412  1.00 11.69 ? 87  VAL A O   1 
ATOM   703  C CB  . VAL A 1 87  ? 8.474   11.537  -6.899  1.00 12.66 ? 87  VAL A CB  1 
ATOM   704  C CG1 . VAL A 1 87  ? 7.785   12.232  -5.738  1.00 13.55 ? 87  VAL A CG1 1 
ATOM   705  C CG2 . VAL A 1 87  ? 8.097   12.206  -8.222  1.00 15.10 ? 87  VAL A CG2 1 
ATOM   706  N N   . TYR A 1 88  ? 10.412  9.575   -5.401  1.00 10.53 ? 88  TYR A N   1 
ATOM   707  C CA  . TYR A 1 88  ? 10.815  8.809   -4.237  1.00 11.12 ? 88  TYR A CA  1 
ATOM   708  C C   . TYR A 1 88  ? 12.227  9.163   -3.777  1.00 12.15 ? 88  TYR A C   1 
ATOM   709  O O   . TYR A 1 88  ? 12.458  9.399   -2.586  1.00 11.67 ? 88  TYR A O   1 
ATOM   710  C CB  . TYR A 1 88  ? 10.682  7.328   -4.575  1.00 11.68 ? 88  TYR A CB  1 
ATOM   711  C CG  . TYR A 1 88  ? 11.053  6.383   -3.462  1.00 12.90 ? 88  TYR A CG  1 
ATOM   712  C CD1 . TYR A 1 88  ? 10.126  6.032   -2.482  1.00 12.58 ? 88  TYR A CD1 1 
ATOM   713  C CD2 . TYR A 1 88  ? 12.313  5.815   -3.410  1.00 14.64 ? 88  TYR A CD2 1 
ATOM   714  C CE1 . TYR A 1 88  ? 10.453  5.148   -1.468  1.00 11.98 ? 88  TYR A CE1 1 
ATOM   715  C CE2 . TYR A 1 88  ? 12.649  4.929   -2.409  1.00 16.01 ? 88  TYR A CE2 1 
ATOM   716  C CZ  . TYR A 1 88  ? 11.709  4.604   -1.442  1.00 14.97 ? 88  TYR A CZ  1 
ATOM   717  O OH  . TYR A 1 88  ? 12.060  3.719   -0.440  1.00 18.35 ? 88  TYR A OH  1 
ATOM   718  N N   . ASP A 1 89  ? 13.150  9.256   -4.729  1.00 10.75 ? 89  ASP A N   1 
ATOM   719  C CA  . ASP A 1 89  ? 14.546  9.565   -4.408  1.00 13.01 ? 89  ASP A CA  1 
ATOM   720  C C   . ASP A 1 89  ? 14.682  10.955  -3.806  1.00 13.04 ? 89  ASP A C   1 
ATOM   721  O O   . ASP A 1 89  ? 15.596  11.209  -3.033  1.00 14.90 ? 89  ASP A O   1 
ATOM   722  C CB  . ASP A 1 89  ? 15.418  9.463   -5.657  1.00 13.90 ? 89  ASP A CB  1 
ATOM   723  C CG  . ASP A 1 89  ? 15.756  8.034   -6.017  1.00 18.80 ? 89  ASP A CG  1 
ATOM   724  O OD1 . ASP A 1 89  ? 15.489  7.124   -5.199  1.00 19.00 ? 89  ASP A OD1 1 
ATOM   725  O OD2 . ASP A 1 89  ? 16.298  7.836   -7.119  1.00 24.80 ? 89  ASP A OD2 1 
ATOM   726  N N   . SER A 1 90  ? 13.759  11.851  -4.142  1.00 11.74 ? 90  SER A N   1 
ATOM   727  C CA  . SER A 1 90  ? 13.799  13.216  -3.623  1.00 11.42 ? 90  SER A CA  1 
ATOM   728  C C   . SER A 1 90  ? 13.289  13.347  -2.188  1.00 12.02 ? 90  SER A C   1 
ATOM   729  O O   . SER A 1 90  ? 13.534  14.355  -1.529  1.00 12.41 ? 90  SER A O   1 
ATOM   730  C CB  . SER A 1 90  ? 13.018  14.163  -4.539  1.00 12.72 ? 90  SER A CB  1 
ATOM   731  O OG  . SER A 1 90  ? 11.613  14.063  -4.346  1.00 12.69 ? 90  SER A OG  1 
ATOM   732  N N   . LEU A 1 91  ? 12.550  12.344  -1.720  1.00 11.99 ? 91  LEU A N   1 
ATOM   733  C CA  . LEU A 1 91  ? 11.909  12.385  -0.408  1.00 12.35 ? 91  LEU A CA  1 
ATOM   734  C C   . LEU A 1 91  ? 12.855  11.975  0.716   1.00 11.93 ? 91  LEU A C   1 
ATOM   735  O O   . LEU A 1 91  ? 13.797  11.198  0.508   1.00 12.55 ? 91  LEU A O   1 
ATOM   736  C CB  . LEU A 1 91  ? 10.688  11.460  -0.380  1.00 12.18 ? 91  LEU A CB  1 
ATOM   737  C CG  . LEU A 1 91  ? 9.550   11.779  -1.362  1.00 10.80 ? 91  LEU A CG  1 
ATOM   738  C CD1 . LEU A 1 91  ? 8.512   10.673  -1.302  1.00 12.65 ? 91  LEU A CD1 1 
ATOM   739  C CD2 . LEU A 1 91  ? 8.923   13.096  -1.017  1.00 13.29 ? 91  LEU A CD2 1 
ATOM   740  N N   . ASP A 1 92  ? 12.575  12.500  1.899   1.00 11.61 ? 92  ASP A N   1 
ATOM   741  C CA  . ASP A 1 92  ? 13.201  12.044  3.135   1.00 12.37 ? 92  ASP A CA  1 
ATOM   742  C C   . ASP A 1 92  ? 12.624  10.681  3.551   1.00 15.72 ? 92  ASP A C   1 
ATOM   743  O O   . ASP A 1 92  ? 11.636  10.192  2.982   1.00 13.20 ? 92  ASP A O   1 
ATOM   744  C CB  . ASP A 1 92  ? 12.887  13.055  4.219   1.00 12.50 ? 92  ASP A CB  1 
ATOM   745  C CG  . ASP A 1 92  ? 11.405  13.245  4.382   1.00 13.80 ? 92  ASP A CG  1 
ATOM   746  O OD1 . ASP A 1 92  ? 10.835  14.069  3.642   1.00 14.11 ? 92  ASP A OD1 1 
ATOM   747  O OD2 . ASP A 1 92  ? 10.809  12.510  5.207   1.00 15.71 ? 92  ASP A OD2 1 
ATOM   748  N N   . ALA A 1 93  ? 13.231  10.071  4.561   1.00 15.11 ? 93  ALA A N   1 
ATOM   749  C CA  . ALA A 1 93  ? 12.876  8.717   4.961   1.00 16.30 ? 93  ALA A CA  1 
ATOM   750  C C   . ALA A 1 93  ? 11.419  8.542   5.393   1.00 13.22 ? 93  ALA A C   1 
ATOM   751  O O   . ALA A 1 93  ? 10.793  7.519   5.080   1.00 15.66 ? 93  ALA A O   1 
ATOM   752  C CB  . ALA A 1 93  ? 13.826  8.221   6.058   1.00 18.95 ? 93  ALA A CB  1 
ATOM   753  N N   . VAL A 1 94  ? 10.876  9.504   6.122   1.00 12.57 ? 94  VAL A N   1 
ATOM   754  C CA  . VAL A 1 94  ? 9.496   9.387   6.580   1.00 10.88 ? 94  VAL A CA  1 
ATOM   755  C C   . VAL A 1 94  ? 8.540   9.471   5.407   1.00 12.99 ? 94  VAL A C   1 
ATOM   756  O O   . VAL A 1 94  ? 7.627   8.641   5.265   1.00 11.18 ? 94  VAL A O   1 
ATOM   757  C CB  . VAL A 1 94  ? 9.160   10.453  7.629   1.00 11.79 ? 94  VAL A CB  1 
ATOM   758  C CG1 . VAL A 1 94  ? 7.703   10.355  8.030   1.00 14.43 ? 94  VAL A CG1 1 
ATOM   759  C CG2 . VAL A 1 94  ? 10.055  10.261  8.854   1.00 16.57 ? 94  VAL A CG2 1 
ATOM   760  N N   . ARG A 1 95  ? 8.731   10.468  4.552   1.00 11.22 ? 95  ARG A N   1 
ATOM   761  C CA  . ARG A 1 95  ? 7.863   10.594  3.391   1.00 10.34 ? 95  ARG A CA  1 
ATOM   762  C C   . ARG A 1 95  ? 8.013   9.416   2.427   1.00 11.21 ? 95  ARG A C   1 
ATOM   763  O O   . ARG A 1 95  ? 7.048   9.045   1.755   1.00 9.88  ? 95  ARG A O   1 
ATOM   764  C CB  . ARG A 1 95  ? 8.092   11.938  2.714   1.00 9.98  ? 95  ARG A CB  1 
ATOM   765  C CG  . ARG A 1 95  ? 7.644   13.085  3.586   1.00 10.58 ? 95  ARG A CG  1 
ATOM   766  C CD  . ARG A 1 95  ? 7.768   14.412  2.844   1.00 11.64 ? 95  ARG A CD  1 
ATOM   767  N NE  . ARG A 1 95  ? 7.174   15.541  3.549   1.00 11.64 ? 95  ARG A NE  1 
ATOM   768  C CZ  . ARG A 1 95  ? 7.840   16.371  4.350   1.00 11.93 ? 95  ARG A CZ  1 
ATOM   769  N NH1 . ARG A 1 95  ? 9.136   16.193  4.585   1.00 13.42 ? 95  ARG A NH1 1 
ATOM   770  N NH2 . ARG A 1 95  ? 7.191   17.375  4.915   1.00 13.07 ? 95  ARG A NH2 1 
ATOM   771  N N   . ARG A 1 96  ? 9.191   8.795   2.366   1.00 10.55 ? 96  ARG A N   1 
ATOM   772  C CA  . ARG A 1 96  ? 9.344   7.592   1.547   1.00 9.48  ? 96  ARG A CA  1 
ATOM   773  C C   . ARG A 1 96  ? 8.395   6.490   2.013   1.00 10.26 ? 96  ARG A C   1 
ATOM   774  O O   . ARG A 1 96  ? 7.873   5.728   1.195   1.00 10.28 ? 96  ARG A O   1 
ATOM   775  C CB  . ARG A 1 96  ? 10.788  7.080   1.549   1.00 10.35 ? 96  ARG A CB  1 
ATOM   776  C CG  . ARG A 1 96  ? 11.699  7.922   0.687   1.00 11.55 ? 96  ARG A CG  1 
ATOM   777  C CD  . ARG A 1 96  ? 13.121  7.372   0.656   1.00 12.76 ? 96  ARG A CD  1 
ATOM   778  N NE  . ARG A 1 96  ? 13.952  8.233   -0.181  1.00 15.53 ? 96  ARG A NE  1 
ATOM   779  C CZ  . ARG A 1 96  ? 15.275  8.221   -0.191  1.00 15.28 ? 96  ARG A CZ  1 
ATOM   780  N NH1 . ARG A 1 96  ? 15.930  7.352   0.570   1.00 17.29 ? 96  ARG A NH1 1 
ATOM   781  N NH2 . ARG A 1 96  ? 15.942  9.058   -0.979  1.00 15.54 ? 96  ARG A NH2 1 
ATOM   782  N N   . CYS A 1 97  ? 8.165   6.409   3.321   1.00 10.38 ? 97  CYS A N   1 
ATOM   783  C CA  . CYS A 1 97  ? 7.207   5.436   3.845   1.00 11.45 ? 97  CYS A CA  1 
ATOM   784  C C   . CYS A 1 97  ? 5.790   5.714   3.375   1.00 10.57 ? 97  CYS A C   1 
ATOM   785  O O   . CYS A 1 97  ? 5.049   4.788   3.051   1.00 9.78  ? 97  CYS A O   1 
ATOM   786  C CB  . CYS A 1 97  ? 7.255   5.393   5.369   1.00 8.57  ? 97  CYS A CB  1 
ATOM   787  S SG  . CYS A 1 97  ? 8.783   4.715   6.036   1.00 12.31 ? 97  CYS A SG  1 
ATOM   788  N N   . ALA A 1 98  ? 5.394   6.983   3.359   1.00 9.34  ? 98  ALA A N   1 
ATOM   789  C CA  . ALA A 1 98  ? 4.083   7.337   2.837   1.00 8.98  ? 98  ALA A CA  1 
ATOM   790  C C   . ALA A 1 98  ? 3.923   6.909   1.377   1.00 9.46  ? 98  ALA A C   1 
ATOM   791  O O   . ALA A 1 98  ? 2.868   6.409   0.976   1.00 10.00 ? 98  ALA A O   1 
ATOM   792  C CB  . ALA A 1 98  ? 3.842   8.831   2.995   1.00 9.72  ? 98  ALA A CB  1 
ATOM   793  N N   . ALA A 1 99  ? 4.972   7.103   0.589   1.00 9.16  ? 99  ALA A N   1 
ATOM   794  C CA  . ALA A 1 99  ? 4.972   6.680   -0.806  1.00 9.78  ? 99  ALA A CA  1 
ATOM   795  C C   . ALA A 1 99  ? 4.815   5.169   -0.947  1.00 9.81  ? 99  ALA A C   1 
ATOM   796  O O   . ALA A 1 99  ? 4.017   4.682   -1.762  1.00 10.86 ? 99  ALA A O   1 
ATOM   797  C CB  . ALA A 1 99  ? 6.256   7.146   -1.506  1.00 10.45 ? 99  ALA A CB  1 
ATOM   798  N N   . ILE A 1 100 ? 5.593   4.418   -0.173  1.00 9.41  ? 100 ILE A N   1 
ATOM   799  C CA  . ILE A 1 100 ? 5.480   2.963   -0.214  1.00 9.92  ? 100 ILE A CA  1 
ATOM   800  C C   . ILE A 1 100 ? 4.069   2.530   0.194   1.00 8.90  ? 100 ILE A C   1 
ATOM   801  O O   . ILE A 1 100 ? 3.489   1.615   -0.405  1.00 9.82  ? 100 ILE A O   1 
ATOM   802  C CB  . ILE A 1 100 ? 6.533   2.304   0.688   1.00 9.19  ? 100 ILE A CB  1 
ATOM   803  C CG1 . ILE A 1 100 ? 7.931   2.619   0.154   1.00 10.22 ? 100 ILE A CG1 1 
ATOM   804  C CG2 . ILE A 1 100 ? 6.301   0.776   0.746   1.00 11.81 ? 100 ILE A CG2 1 
ATOM   805  C CD1 . ILE A 1 100 ? 9.042   2.319   1.161   1.00 11.56 ? 100 ILE A CD1 1 
ATOM   806  N N   . ASN A 1 101 ? 3.520   3.170   1.216   1.00 9.63  ? 101 ASN A N   1 
ATOM   807  C CA  . ASN A 1 101 ? 2.179   2.853   1.684   1.00 8.78  ? 101 ASN A CA  1 
ATOM   808  C C   . ASN A 1 101 ? 1.158   2.960   0.545   1.00 9.10  ? 101 ASN A C   1 
ATOM   809  O O   . ASN A 1 101 ? 0.360   2.045   0.314   1.00 9.79  ? 101 ASN A O   1 
ATOM   810  C CB  . ASN A 1 101 ? 1.838   3.773   2.870   1.00 8.73  ? 101 ASN A CB  1 
ATOM   811  C CG  . ASN A 1 101 ? 0.614   3.334   3.639   1.00 9.15  ? 101 ASN A CG  1 
ATOM   812  O OD1 . ASN A 1 101 ? -0.447  3.143   3.063   1.00 9.96  ? 101 ASN A OD1 1 
ATOM   813  N ND2 . ASN A 1 101 ? 0.749   3.211   4.949   1.00 10.60 ? 101 ASN A ND2 1 
ATOM   814  N N   . MET A 1 102 ? 1.189   4.057   -0.197  1.00 9.27  ? 102 MET A N   1 
ATOM   815  C CA  . MET A 1 102 ? 0.251   4.237   -1.299  1.00 10.25 ? 102 MET A CA  1 
ATOM   816  C C   . MET A 1 102 ? 0.401   3.174   -2.380  1.00 10.96 ? 102 MET A C   1 
ATOM   817  O O   . MET A 1 102 ? -0.603  2.662   -2.887  1.00 11.14 ? 102 MET A O   1 
ATOM   818  C CB  . MET A 1 102 ? 0.406   5.626   -1.927  1.00 11.05 ? 102 MET A CB  1 
ATOM   819  C CG  . MET A 1 102 ? -0.006  6.755   -0.997  1.00 9.49  ? 102 MET A CG  1 
ATOM   820  S SD  . MET A 1 102 ? -0.071  8.367   -1.822  1.00 11.71 ? 102 MET A SD  1 
ATOM   821  C CE  . MET A 1 102 ? -1.542  8.180   -2.843  1.00 13.35 ? 102 MET A CE  1 
ATOM   822  N N   . VAL A 1 103 ? 1.635   2.850   -2.748  1.00 10.82 ? 103 VAL A N   1 
ATOM   823  C CA  A VAL A 1 103 ? 1.921   1.835   -3.765  0.60 10.97 ? 103 VAL A CA  1 
ATOM   824  C CA  B VAL A 1 103 ? 1.791   1.851   -3.798  0.40 10.42 ? 103 VAL A CA  1 
ATOM   825  C C   . VAL A 1 103 ? 1.471   0.454   -3.280  1.00 10.35 ? 103 VAL A C   1 
ATOM   826  O O   . VAL A 1 103 ? 0.976   -0.371  -4.041  1.00 11.24 ? 103 VAL A O   1 
ATOM   827  C CB  A VAL A 1 103 ? 3.450   1.841   -4.120  0.60 9.13  ? 103 VAL A CB  1 
ATOM   828  C CB  B VAL A 1 103 ? 3.163   1.909   -4.494  0.40 13.73 ? 103 VAL A CB  1 
ATOM   829  C CG1 A VAL A 1 103 ? 3.804   0.675   -5.051  0.60 10.59 ? 103 VAL A CG1 1 
ATOM   830  C CG1 B VAL A 1 103 ? 3.297   3.190   -5.294  0.40 12.29 ? 103 VAL A CG1 1 
ATOM   831  C CG2 A VAL A 1 103 ? 3.842   3.161   -4.762  0.60 14.77 ? 103 VAL A CG2 1 
ATOM   832  C CG2 B VAL A 1 103 ? 4.264   1.794   -3.483  0.40 12.37 ? 103 VAL A CG2 1 
ATOM   833  N N   . PHE A 1 104 ? 1.678   0.190   -1.993  1.00 10.88 ? 104 PHE A N   1 
ATOM   834  C CA  . PHE A 1 104 ? 1.227   -1.070  -1.411  1.00 11.05 ? 104 PHE A CA  1 
ATOM   835  C C   . PHE A 1 104 ? -0.294  -1.176  -1.537  1.00 10.35 ? 104 PHE A C   1 
ATOM   836  O O   . PHE A 1 104 ? -0.823  -2.219  -1.951  1.00 12.44 ? 104 PHE A O   1 
ATOM   837  C CB  . PHE A 1 104 ? 1.684   -1.141  0.049   1.00 10.13 ? 104 PHE A CB  1 
ATOM   838  C CG  . PHE A 1 104 ? 1.403   -2.448  0.729   1.00 10.05 ? 104 PHE A CG  1 
ATOM   839  C CD1 . PHE A 1 104 ? 0.154   -2.722  1.244   1.00 12.82 ? 104 PHE A CD1 1 
ATOM   840  C CD2 . PHE A 1 104 ? 2.419   -3.371  0.918   1.00 11.96 ? 104 PHE A CD2 1 
ATOM   841  C CE1 . PHE A 1 104 ? -0.095  -3.926  1.903   1.00 14.34 ? 104 PHE A CE1 1 
ATOM   842  C CE2 . PHE A 1 104 ? 2.181   -4.568  1.583   1.00 11.49 ? 104 PHE A CE2 1 
ATOM   843  C CZ  . PHE A 1 104 ? 0.925   -4.838  2.072   1.00 13.15 ? 104 PHE A CZ  1 
ATOM   844  N N   . GLN A 1 105 ? -1.003  -0.091  -1.236  1.00 10.68 ? 105 GLN A N   1 
ATOM   845  C CA  . GLN A 1 105 ? -2.461  -0.141  -1.260  1.00 10.53 ? 105 GLN A CA  1 
ATOM   846  C C   . GLN A 1 105 ? -3.020  -0.213  -2.676  1.00 13.04 ? 105 GLN A C   1 
ATOM   847  O O   . GLN A 1 105 ? -3.931  -1.001  -2.939  1.00 14.71 ? 105 GLN A O   1 
ATOM   848  C CB  . GLN A 1 105 ? -3.054  1.076   -0.540  1.00 11.41 ? 105 GLN A CB  1 
ATOM   849  C CG  . GLN A 1 105 ? -4.587  1.018   -0.426  1.00 12.08 ? 105 GLN A CG  1 
ATOM   850  C CD  . GLN A 1 105 ? -5.181  2.226   0.271   1.00 10.57 ? 105 GLN A CD  1 
ATOM   851  O OE1 . GLN A 1 105 ? -4.470  3.112   0.730   1.00 12.31 ? 105 GLN A OE1 1 
ATOM   852  N NE2 . GLN A 1 105 ? -6.498  2.281   0.319   1.00 13.73 ? 105 GLN A NE2 1 
ATOM   853  N N   . MET A 1 106 ? -2.485  0.587   -3.591  1.00 11.37 ? 106 MET A N   1 
ATOM   854  C CA  A MET A 1 106 ? -3.113  0.795   -4.893  0.70 13.41 ? 106 MET A CA  1 
ATOM   855  C CA  B MET A 1 106 ? -3.156  0.726   -4.884  0.30 13.44 ? 106 MET A CA  1 
ATOM   856  C C   . MET A 1 106 ? -2.361  0.260   -6.099  1.00 15.57 ? 106 MET A C   1 
ATOM   857  O O   . MET A 1 106 ? -2.877  0.286   -7.216  1.00 16.77 ? 106 MET A O   1 
ATOM   858  C CB  A MET A 1 106 ? -3.367  2.285   -5.090  0.70 15.97 ? 106 MET A CB  1 
ATOM   859  C CB  B MET A 1 106 ? -3.655  2.162   -5.082  0.30 17.71 ? 106 MET A CB  1 
ATOM   860  C CG  A MET A 1 106 ? -4.410  2.833   -4.139  0.70 15.37 ? 106 MET A CG  1 
ATOM   861  C CG  B MET A 1 106 ? -2.562  3.201   -5.180  0.30 16.48 ? 106 MET A CG  1 
ATOM   862  S SD  A MET A 1 106 ? -4.751  4.562   -4.455  0.70 16.12 ? 106 MET A SD  1 
ATOM   863  S SD  B MET A 1 106 ? -3.189  4.894   -5.207  0.30 22.85 ? 106 MET A SD  1 
ATOM   864  C CE  A MET A 1 106 ? -3.327  5.337   -3.707  0.70 19.91 ? 106 MET A CE  1 
ATOM   865  C CE  B MET A 1 106 ? -3.663  5.115   -3.493  0.30 16.43 ? 106 MET A CE  1 
ATOM   866  N N   A GLY A 1 107 ? -1.139  -0.212  -5.900  0.70 12.63 ? 107 GLY A N   1 
ATOM   867  N N   B GLY A 1 107 ? -1.122  -0.172  -5.879  0.30 12.78 ? 107 GLY A N   1 
ATOM   868  C CA  A GLY A 1 107 ? -0.317  -0.597  -7.030  0.70 14.30 ? 107 GLY A CA  1 
ATOM   869  C CA  B GLY A 1 107 ? -0.267  -0.625  -6.960  0.30 14.22 ? 107 GLY A CA  1 
ATOM   870  C C   A GLY A 1 107 ? 0.031   0.598   -7.907  0.70 14.69 ? 107 GLY A C   1 
ATOM   871  C C   B GLY A 1 107 ? 0.779   0.404   -7.350  0.30 14.93 ? 107 GLY A C   1 
ATOM   872  O O   A GLY A 1 107 ? 0.018   1.748   -7.471  0.70 11.12 ? 107 GLY A O   1 
ATOM   873  O O   B GLY A 1 107 ? 0.831   1.498   -6.789  0.30 24.66 ? 107 GLY A O   1 
ATOM   874  N N   A GLU A 1 108 ? 0.315   0.336   -9.175  0.70 13.66 ? 108 GLU A N   1 
ATOM   875  N N   B GLU A 1 108 ? 1.627   0.040   -8.306  0.30 16.73 ? 108 GLU A N   1 
ATOM   876  C CA  A GLU A 1 108 ? 0.848   1.383   -10.039 0.70 16.14 ? 108 GLU A CA  1 
ATOM   877  C CA  B GLU A 1 108 ? 2.650   0.940   -8.821  0.30 17.44 ? 108 GLU A CA  1 
ATOM   878  C C   A GLU A 1 108 ? -0.010  1.729   -11.251 0.70 13.94 ? 108 GLU A C   1 
ATOM   879  C C   B GLU A 1 108 ? 2.077   1.806   -9.941  0.30 16.75 ? 108 GLU A C   1 
ATOM   880  O O   A GLU A 1 108 ? 0.369   2.586   -12.044 0.70 16.11 ? 108 GLU A O   1 
ATOM   881  O O   B GLU A 1 108 ? 2.319   3.010   -10.002 0.30 14.09 ? 108 GLU A O   1 
ATOM   882  C CB  A GLU A 1 108 ? 2.252   1.002   -10.509 0.70 19.11 ? 108 GLU A CB  1 
ATOM   883  C CB  B GLU A 1 108 ? 3.853   0.129   -9.316  0.30 16.29 ? 108 GLU A CB  1 
ATOM   884  C CG  A GLU A 1 108 ? 3.262   0.900   -9.382  0.70 17.50 ? 108 GLU A CG  1 
ATOM   885  C CG  B GLU A 1 108 ? 3.478   -1.207  -9.950  0.30 26.42 ? 108 GLU A CG  1 
ATOM   886  C CD  A GLU A 1 108 ? 4.597   0.367   -9.846  0.70 18.29 ? 108 GLU A CD  1 
ATOM   887  C CD  B GLU A 1 108 ? 4.575   -2.256  -9.834  0.30 25.35 ? 108 GLU A CD  1 
ATOM   888  O OE1 A GLU A 1 108 ? 4.923   0.519   -11.043 0.70 19.41 ? 108 GLU A OE1 1 
ATOM   889  O OE1 B GLU A 1 108 ? 4.750   -2.824  -8.733  0.30 21.53 ? 108 GLU A OE1 1 
ATOM   890  O OE2 A GLU A 1 108 ? 5.319   -0.221  -9.012  0.70 30.11 ? 108 GLU A OE2 1 
ATOM   891  O OE2 B GLU A 1 108 ? 5.256   -2.520  -10.847 0.30 32.39 ? 108 GLU A OE2 1 
ATOM   892  N N   A THR A 1 109 ? -1.162  1.085   -11.406 0.70 15.48 ? 109 THR A N   1 
ATOM   893  N N   B THR A 1 109 ? 1.304   1.182   -10.822 0.30 19.44 ? 109 THR A N   1 
ATOM   894  C CA  A THR A 1 109 ? -1.951  1.305   -12.619 0.70 17.57 ? 109 THR A CA  1 
ATOM   895  C CA  B THR A 1 109 ? 0.682   1.893   -11.931 0.30 16.08 ? 109 THR A CA  1 
ATOM   896  C C   A THR A 1 109 ? -2.558  2.704   -12.667 0.70 18.37 ? 109 THR A C   1 
ATOM   897  C C   B THR A 1 109 ? -0.343  2.934   -11.454 0.30 14.31 ? 109 THR A C   1 
ATOM   898  O O   A THR A 1 109 ? -2.921  3.192   -13.740 0.70 21.95 ? 109 THR A O   1 
ATOM   899  O O   B THR A 1 109 ? -0.430  4.031   -12.007 0.30 16.56 ? 109 THR A O   1 
ATOM   900  C CB  A THR A 1 109 ? -3.073  0.261   -12.804 0.70 21.68 ? 109 THR A CB  1 
ATOM   901  C CB  B THR A 1 109 ? 0.025   0.910   -12.926 0.30 15.79 ? 109 THR A CB  1 
ATOM   902  O OG1 A THR A 1 109 ? -4.000  0.347   -11.717 0.70 18.43 ? 109 THR A OG1 1 
ATOM   903  O OG1 B THR A 1 109 ? -0.938  0.104   -12.240 0.30 25.23 ? 109 THR A OG1 1 
ATOM   904  C CG2 A THR A 1 109 ? -2.491  -1.141  -12.877 0.70 19.22 ? 109 THR A CG2 1 
ATOM   905  C CG2 B THR A 1 109 ? 1.079   -0.002  -13.550 0.30 14.58 ? 109 THR A CG2 1 
ATOM   906  N N   A GLY A 1 110 ? -2.670  3.348   -11.509 0.70 14.93 ? 110 GLY A N   1 
ATOM   907  N N   B GLY A 1 110 ? -1.107  2.589   -10.420 0.30 12.25 ? 110 GLY A N   1 
ATOM   908  C CA  A GLY A 1 110 ? -3.231  4.685   -11.442 0.70 15.08 ? 110 GLY A CA  1 
ATOM   909  C CA  B GLY A 1 110 ? -2.082  3.507   -9.861  0.30 12.37 ? 110 GLY A CA  1 
ATOM   910  C C   A GLY A 1 110 ? -2.220  5.808   -11.271 0.70 14.72 ? 110 GLY A C   1 
ATOM   911  C C   B GLY A 1 110 ? -1.479  4.790   -9.315  0.30 12.25 ? 110 GLY A C   1 
ATOM   912  O O   A GLY A 1 110 ? -2.582  6.921   -10.910 0.70 14.62 ? 110 GLY A O   1 
ATOM   913  O O   B GLY A 1 110 ? -1.953  5.885   -9.608  0.30 13.20 ? 110 GLY A O   1 
ATOM   914  N N   A VAL A 1 111 ? -0.951  5.528   -11.543 0.70 15.47 ? 111 VAL A N   1 
ATOM   915  N N   B VAL A 1 111 ? -0.425  4.662   -8.520  0.30 13.37 ? 111 VAL A N   1 
ATOM   916  C CA  A VAL A 1 111 ? 0.101   6.517   -11.328 0.70 15.66 ? 111 VAL A CA  1 
ATOM   917  C CA  B VAL A 1 111 ? 0.192   5.830   -7.903  0.30 10.17 ? 111 VAL A CA  1 
ATOM   918  C C   A VAL A 1 111 ? -0.094  7.813   -12.120 0.70 18.31 ? 111 VAL A C   1 
ATOM   919  C C   B VAL A 1 111 ? 0.938   6.677   -8.930  0.30 6.73  ? 111 VAL A C   1 
ATOM   920  O O   A VAL A 1 111 ? 0.153   8.901   -11.600 0.70 16.88 ? 111 VAL A O   1 
ATOM   921  O O   B VAL A 1 111 ? 0.977   7.901   -8.830  0.30 9.96  ? 111 VAL A O   1 
ATOM   922  C CB  A VAL A 1 111 ? 1.509   5.909   -11.559 0.70 15.36 ? 111 VAL A CB  1 
ATOM   923  C CB  B VAL A 1 111 ? 1.138   5.416   -6.760  0.30 8.78  ? 111 VAL A CB  1 
ATOM   924  C CG1 A VAL A 1 111 ? 2.537   7.000   -11.792 0.70 18.41 ? 111 VAL A CG1 1 
ATOM   925  C CG1 B VAL A 1 111 ? 1.777   6.630   -6.112  0.30 10.96 ? 111 VAL A CG1 1 
ATOM   926  C CG2 A VAL A 1 111 ? 1.901   5.045   -10.367 0.70 14.42 ? 111 VAL A CG2 1 
ATOM   927  C CG2 B VAL A 1 111 ? 0.373   4.608   -5.726  0.30 9.37  ? 111 VAL A CG2 1 
ATOM   928  N N   A ALA A 1 112 ? -0.559  7.703   -13.361 0.70 18.16 ? 112 ALA A N   1 
ATOM   929  N N   B ALA A 1 112 ? 1.521   6.021   -9.926  0.30 10.54 ? 112 ALA A N   1 
ATOM   930  C CA  A ALA A 1 112 ? -0.786  8.886   -14.186 0.70 15.86 ? 112 ALA A CA  1 
ATOM   931  C CA  B ALA A 1 112 ? 2.248   6.736   -10.965 0.30 9.10  ? 112 ALA A CA  1 
ATOM   932  C C   A ALA A 1 112 ? -1.791  9.851   -13.560 0.70 15.41 ? 112 ALA A C   1 
ATOM   933  C C   B ALA A 1 112 ? 1.308   7.624   -11.781 0.30 12.06 ? 112 ALA A C   1 
ATOM   934  O O   A ALA A 1 112 ? -1.651  11.061  -13.698 0.70 15.82 ? 112 ALA A O   1 
ATOM   935  O O   B ALA A 1 112 ? 1.759   8.497   -12.527 0.30 16.82 ? 112 ALA A O   1 
ATOM   936  C CB  A ALA A 1 112 ? -1.225  8.488   -15.595 0.70 19.56 ? 112 ALA A CB  1 
ATOM   937  C CB  B ALA A 1 112 ? 2.994   5.759   -11.866 0.30 13.52 ? 112 ALA A CB  1 
ATOM   938  N N   A GLY A 1 113 ? -2.799  9.320   -12.880 0.70 12.89 ? 113 GLY A N   1 
ATOM   939  N N   B GLY A 1 113 ? 0.004   7.412   -11.627 0.30 12.32 ? 113 GLY A N   1 
ATOM   940  C CA  A GLY A 1 113 ? -3.772  10.172  -12.210 0.70 13.08 ? 113 GLY A CA  1 
ATOM   941  C CA  B GLY A 1 113 ? -0.989  8.227   -12.311 0.30 19.45 ? 113 GLY A CA  1 
ATOM   942  C C   A GLY A 1 113 ? -3.123  11.059  -11.156 0.70 12.44 ? 113 GLY A C   1 
ATOM   943  C C   B GLY A 1 113 ? -1.313  9.543   -11.621 0.30 11.94 ? 113 GLY A C   1 
ATOM   944  O O   A GLY A 1 113 ? -3.609  12.156  -10.853 0.70 11.91 ? 113 GLY A O   1 
ATOM   945  O O   B GLY A 1 113 ? -2.008  10.393  -12.186 0.30 15.37 ? 113 GLY A O   1 
ATOM   946  N N   A PHE A 1 114 ? -2.011  10.585  -10.594 0.70 12.96 ? 114 PHE A N   1 
ATOM   947  N N   B PHE A 1 114 ? -0.813  9.712   -10.400 0.30 11.18 ? 114 PHE A N   1 
ATOM   948  C CA  A PHE A 1 114 ? -1.314  11.308  -9.528  0.70 12.25 ? 114 PHE A CA  1 
ATOM   949  C CA  B PHE A 1 114 ? -1.021  10.937  -9.625  0.30 13.12 ? 114 PHE A CA  1 
ATOM   950  C C   A PHE A 1 114 ? -0.183  12.190  -10.051 0.70 11.68 ? 114 PHE A C   1 
ATOM   951  C C   B PHE A 1 114 ? -0.078  12.046  -10.088 0.30 10.33 ? 114 PHE A C   1 
ATOM   952  O O   A PHE A 1 114 ? 0.631   12.689  -9.279  0.70 13.51 ? 114 PHE A O   1 
ATOM   953  O O   B PHE A 1 114 ? 0.701   12.567  -9.293  0.30 13.89 ? 114 PHE A O   1 
ATOM   954  C CB  A PHE A 1 114 ? -0.818  10.340  -8.434  0.70 12.44 ? 114 PHE A CB  1 
ATOM   955  C CB  B PHE A 1 114 ? -0.777  10.661  -8.132  0.30 13.25 ? 114 PHE A CB  1 
ATOM   956  C CG  A PHE A 1 114 ? -1.923  9.790   -7.565  0.70 14.77 ? 114 PHE A CG  1 
ATOM   957  C CG  B PHE A 1 114 ? -1.927  9.985   -7.428  0.30 13.68 ? 114 PHE A CG  1 
ATOM   958  C CD1 A PHE A 1 114 ? -2.310  10.448  -6.414  0.70 15.38 ? 114 PHE A CD1 1 
ATOM   959  C CD1 B PHE A 1 114 ? -2.614  10.633  -6.413  0.30 16.29 ? 114 PHE A CD1 1 
ATOM   960  C CD2 A PHE A 1 114 ? -2.574  8.617   -7.907  0.70 18.11 ? 114 PHE A CD2 1 
ATOM   961  C CD2 B PHE A 1 114 ? -2.312  8.700   -7.774  0.30 16.88 ? 114 PHE A CD2 1 
ATOM   962  C CE1 A PHE A 1 114 ? -3.327  9.950   -5.616  0.70 17.20 ? 114 PHE A CE1 1 
ATOM   963  C CE1 B PHE A 1 114 ? -3.667  10.016  -5.759  0.30 17.07 ? 114 PHE A CE1 1 
ATOM   964  C CE2 A PHE A 1 114 ? -3.591  8.111   -7.114  0.70 20.94 ? 114 PHE A CE2 1 
ATOM   965  C CE2 B PHE A 1 114 ? -3.364  8.078   -7.125  0.30 19.81 ? 114 PHE A CE2 1 
ATOM   966  C CZ  A PHE A 1 114 ? -3.967  8.776   -5.968  0.70 18.72 ? 114 PHE A CZ  1 
ATOM   967  C CZ  B PHE A 1 114 ? -4.041  8.736   -6.118  0.30 18.11 ? 114 PHE A CZ  1 
ATOM   968  N N   . THR A 1 115 ? -0.159  12.432  -11.357 1.00 11.75 ? 115 THR A N   1 
ATOM   969  C CA  . THR A 1 115 ? 0.867   13.293  -11.948 1.00 13.90 ? 115 THR A CA  1 
ATOM   970  C C   . THR A 1 115 ? 1.057   14.631  -11.242 1.00 12.73 ? 115 THR A C   1 
ATOM   971  O O   . THR A 1 115 ? 2.179   15.042  -10.955 1.00 14.23 ? 115 THR A O   1 
ATOM   972  C CB  . THR A 1 115 ? 0.593   13.534  -13.436 1.00 14.17 ? 115 THR A CB  1 
ATOM   973  O OG1 . THR A 1 115 ? 0.570   12.269  -14.108 1.00 17.75 ? 115 THR A OG1 1 
ATOM   974  C CG2 . THR A 1 115 ? 1.682   14.411  -14.055 1.00 18.20 ? 115 THR A CG2 1 
ATOM   975  N N   . ASN A 1 116 ? -0.035  15.325  -10.958 1.00 12.11 ? 116 ASN A N   1 
ATOM   976  C CA  . ASN A 1 116 ? 0.081   16.620  -10.321 1.00 12.92 ? 116 ASN A CA  1 
ATOM   977  C C   . ASN A 1 116 ? 0.557   16.514  -8.872  1.00 13.45 ? 116 ASN A C   1 
ATOM   978  O O   . ASN A 1 116 ? 1.387   17.309  -8.443  1.00 13.15 ? 116 ASN A O   1 
ATOM   979  C CB  . ASN A 1 116 ? -1.224  17.411  -10.463 1.00 12.98 ? 116 ASN A CB  1 
ATOM   980  C CG  . ASN A 1 116 ? -1.639  17.563  -11.915 1.00 18.35 ? 116 ASN A CG  1 
ATOM   981  O OD1 . ASN A 1 116 ? -0.820  17.912  -12.778 1.00 18.68 ? 116 ASN A OD1 1 
ATOM   982  N ND2 . ASN A 1 116 ? -2.896  17.261  -12.201 1.00 16.35 ? 116 ASN A ND2 1 
ATOM   983  N N   . SER A 1 117 ? 0.088   15.500  -8.152  1.00 11.86 ? 117 SER A N   1 
ATOM   984  C CA  . SER A 1 117 ? 0.552   15.277  -6.778  1.00 12.48 ? 117 SER A CA  1 
ATOM   985  C C   . SER A 1 117 ? 2.043   14.993  -6.752  1.00 11.40 ? 117 SER A C   1 
ATOM   986  O O   . SER A 1 117 ? 2.762   15.511  -5.905  1.00 11.83 ? 117 SER A O   1 
ATOM   987  C CB  . SER A 1 117 ? -0.181  14.103  -6.134  1.00 13.60 ? 117 SER A CB  1 
ATOM   988  O OG  . SER A 1 117 ? -1.522  14.452  -5.828  1.00 24.75 ? 117 SER A OG  1 
ATOM   989  N N   . LEU A 1 118 ? 2.492   14.143  -7.672  1.00 11.99 ? 118 LEU A N   1 
ATOM   990  C CA  . LEU A 1 118 ? 3.904   13.793  -7.780  1.00 11.93 ? 118 LEU A CA  1 
ATOM   991  C C   . LEU A 1 118 ? 4.763   15.017  -8.006  1.00 13.20 ? 118 LEU A C   1 
ATOM   992  O O   . LEU A 1 118 ? 5.809   15.154  -7.377  1.00 12.95 ? 118 LEU A O   1 
ATOM   993  C CB  . LEU A 1 118 ? 4.114   12.780  -8.900  1.00 12.25 ? 118 LEU A CB  1 
ATOM   994  C CG  . LEU A 1 118 ? 3.617   11.374  -8.585  1.00 12.41 ? 118 LEU A CG  1 
ATOM   995  C CD1 . LEU A 1 118 ? 3.503   10.528  -9.844  1.00 14.45 ? 118 LEU A CD1 1 
ATOM   996  C CD2 . LEU A 1 118 ? 4.557   10.681  -7.577  1.00 14.47 ? 118 LEU A CD2 1 
ATOM   997  N N   . ARG A 1 119 ? 4.334   15.908  -8.901  1.00 12.04 ? 119 ARG A N   1 
ATOM   998  C CA  A ARG A 1 119 ? 5.087   17.128  -9.165  0.50 12.97 ? 119 ARG A CA  1 
ATOM   999  C CA  B ARG A 1 119 ? 5.077   17.132  -9.169  0.50 13.00 ? 119 ARG A CA  1 
ATOM   1000 C C   . ARG A 1 119 ? 5.179   17.980  -7.902  1.00 12.22 ? 119 ARG A C   1 
ATOM   1001 O O   . ARG A 1 119 ? 6.239   18.485  -7.558  1.00 12.42 ? 119 ARG A O   1 
ATOM   1002 C CB  A ARG A 1 119 ? 4.433   17.937  -10.289 0.50 13.83 ? 119 ARG A CB  1 
ATOM   1003 C CB  B ARG A 1 119 ? 4.390   17.933  -10.278 0.50 13.81 ? 119 ARG A CB  1 
ATOM   1004 C CG  A ARG A 1 119 ? 5.236   19.165  -10.717 0.50 18.75 ? 119 ARG A CG  1 
ATOM   1005 C CG  B ARG A 1 119 ? 5.109   19.221  -10.659 0.50 18.74 ? 119 ARG A CG  1 
ATOM   1006 C CD  A ARG A 1 119 ? 4.468   20.030  -11.717 0.50 21.18 ? 119 ARG A CD  1 
ATOM   1007 C CD  B ARG A 1 119 ? 4.346   19.998  -11.734 0.50 21.44 ? 119 ARG A CD  1 
ATOM   1008 N NE  A ARG A 1 119 ? 3.282   20.635  -11.112 0.50 16.53 ? 119 ARG A NE  1 
ATOM   1009 N NE  B ARG A 1 119 ? 4.169   19.237  -12.970 0.50 22.05 ? 119 ARG A NE  1 
ATOM   1010 C CZ  A ARG A 1 119 ? 2.033   20.268  -11.374 0.50 20.72 ? 119 ARG A CZ  1 
ATOM   1011 C CZ  B ARG A 1 119 ? 3.023   18.686  -13.361 0.50 23.05 ? 119 ARG A CZ  1 
ATOM   1012 N NH1 A ARG A 1 119 ? 1.791   19.302  -12.248 0.50 23.30 ? 119 ARG A NH1 1 
ATOM   1013 N NH1 B ARG A 1 119 ? 1.935   18.809  -12.616 0.50 23.29 ? 119 ARG A NH1 1 
ATOM   1014 N NH2 A ARG A 1 119 ? 1.024   20.877  -10.765 0.50 25.36 ? 119 ARG A NH2 1 
ATOM   1015 N NH2 B ARG A 1 119 ? 2.960   18.017  -14.504 0.50 18.96 ? 119 ARG A NH2 1 
ATOM   1016 N N   . MET A 1 120 ? 4.067   18.135  -7.196  1.00 12.13 ? 120 MET A N   1 
ATOM   1017 C CA  . MET A 1 120 ? 4.065   18.939  -5.979  1.00 11.44 ? 120 MET A CA  1 
ATOM   1018 C C   . MET A 1 120 ? 4.964   18.345  -4.904  1.00 12.60 ? 120 MET A C   1 
ATOM   1019 O O   . MET A 1 120 ? 5.655   19.071  -4.200  1.00 12.43 ? 120 MET A O   1 
ATOM   1020 C CB  . MET A 1 120 ? 2.648   19.112  -5.441  1.00 11.36 ? 120 MET A CB  1 
ATOM   1021 C CG  . MET A 1 120 ? 1.762   19.897  -6.388  1.00 13.62 ? 120 MET A CG  1 
ATOM   1022 S SD  . MET A 1 120 ? 0.066   19.901  -5.816  1.00 16.62 ? 120 MET A SD  1 
ATOM   1023 C CE  . MET A 1 120 ? -0.776  20.495  -7.276  1.00 19.73 ? 120 MET A CE  1 
ATOM   1024 N N   . LEU A 1 121 ? 4.950   17.020  -4.776  1.00 11.37 ? 121 LEU A N   1 
ATOM   1025 C CA  . LEU A 1 121 ? 5.854   16.348  -3.846  1.00 11.14 ? 121 LEU A CA  1 
ATOM   1026 C C   . LEU A 1 121 ? 7.320   16.565  -4.224  1.00 11.80 ? 121 LEU A C   1 
ATOM   1027 O O   . LEU A 1 121 ? 8.138   16.869  -3.360  1.00 11.73 ? 121 LEU A O   1 
ATOM   1028 C CB  . LEU A 1 121 ? 5.542   14.844  -3.776  1.00 10.24 ? 121 LEU A CB  1 
ATOM   1029 C CG  . LEU A 1 121 ? 4.218   14.478  -3.103  1.00 9.15  ? 121 LEU A CG  1 
ATOM   1030 C CD1 . LEU A 1 121 ? 3.938   12.994  -3.287  1.00 12.89 ? 121 LEU A CD1 1 
ATOM   1031 C CD2 . LEU A 1 121 ? 4.186   14.836  -1.629  1.00 11.91 ? 121 LEU A CD2 1 
ATOM   1032 N N   . GLN A 1 122 ? 7.656   16.401  -5.491  1.00 10.66 ? 122 GLN A N   1 
ATOM   1033 C CA  A GLN A 1 122 ? 9.009   16.685  -5.965  0.70 13.11 ? 122 GLN A CA  1 
ATOM   1034 C CA  B GLN A 1 122 ? 8.966   16.638  -5.900  0.30 13.11 ? 122 GLN A CA  1 
ATOM   1035 C C   . GLN A 1 122 ? 9.454   18.104  -5.715  1.00 15.15 ? 122 GLN A C   1 
ATOM   1036 O O   . GLN A 1 122 ? 10.576  18.319  -5.404  1.00 15.65 ? 122 GLN A O   1 
ATOM   1037 C CB  A GLN A 1 122 ? 9.051   16.420  -7.439  0.70 16.20 ? 122 GLN A CB  1 
ATOM   1038 C CB  B GLN A 1 122 ? 9.016   16.376  -7.400  0.30 16.12 ? 122 GLN A CB  1 
ATOM   1039 C CG  A GLN A 1 122 ? 10.439  16.360  -8.024  0.70 20.26 ? 122 GLN A CG  1 
ATOM   1040 C CG  B GLN A 1 122 ? 10.391  16.489  -8.026  0.30 20.81 ? 122 GLN A CG  1 
ATOM   1041 C CD  A GLN A 1 122 ? 10.504  15.279  -8.953  0.70 31.17 ? 122 GLN A CD  1 
ATOM   1042 C CD  B GLN A 1 122 ? 11.323  15.426  -7.499  0.30 19.23 ? 122 GLN A CD  1 
ATOM   1043 O OE1 A GLN A 1 122 ? 10.913  14.246  -8.651  0.70 31.59 ? 122 GLN A OE1 1 
ATOM   1044 O OE1 B GLN A 1 122 ? 12.139  15.690  -6.623  0.30 33.04 ? 122 GLN A OE1 1 
ATOM   1045 N NE2 A GLN A 1 122 ? 9.934   15.489  -10.044 0.70 37.88 ? 122 GLN A NE2 1 
ATOM   1046 N NE2 B GLN A 1 122 ? 11.191  14.209  -8.014  0.30 31.26 ? 122 GLN A NE2 1 
ATOM   1047 N N   . GLN A 1 123 ? 8.527   19.025  -5.803  1.00 12.99 ? 123 GLN A N   1 
ATOM   1048 C CA  . GLN A 1 123 ? 8.790   20.444  -5.533  1.00 13.45 ? 123 GLN A CA  1 
ATOM   1049 C C   . GLN A 1 123 ? 8.794   20.782  -4.045  1.00 13.98 ? 123 GLN A C   1 
ATOM   1050 O O   . GLN A 1 123 ? 9.049   21.929  -3.666  1.00 14.35 ? 123 GLN A O   1 
ATOM   1051 C CB  . GLN A 1 123 ? 7.727   21.301  -6.217  1.00 12.57 ? 123 GLN A CB  1 
ATOM   1052 C CG  . GLN A 1 123 ? 7.803   21.338  -7.726  1.00 17.26 ? 123 GLN A CG  1 
ATOM   1053 C CD  . GLN A 1 123 ? 6.610   22.058  -8.347  1.00 20.44 ? 123 GLN A CD  1 
ATOM   1054 O OE1 . GLN A 1 123 ? 5.491   21.996  -7.835  1.00 23.38 ? 123 GLN A OE1 1 
ATOM   1055 N NE2 . GLN A 1 123 ? 6.845   22.732  -9.464  1.00 34.51 ? 123 GLN A NE2 1 
ATOM   1056 N N   . LYS A 1 124 ? 8.483   19.797  -3.202  1.00 12.19 ? 124 LYS A N   1 
ATOM   1057 C CA  . LYS A 1 124 ? 8.413   19.993  -1.750  1.00 12.33 ? 124 LYS A CA  1 
ATOM   1058 C C   . LYS A 1 124 ? 7.386   21.054  -1.348  1.00 10.82 ? 124 LYS A C   1 
ATOM   1059 O O   . LYS A 1 124 ? 7.554   21.771  -0.359  1.00 12.52 ? 124 LYS A O   1 
ATOM   1060 C CB  . LYS A 1 124 ? 9.806   20.254  -1.146  1.00 11.77 ? 124 LYS A CB  1 
ATOM   1061 C CG  . LYS A 1 124 ? 10.770  19.124  -1.476  1.00 12.14 ? 124 LYS A CG  1 
ATOM   1062 C CD  . LYS A 1 124 ? 12.027  19.181  -0.606  1.00 16.07 ? 124 LYS A CD  1 
ATOM   1063 C CE  . LYS A 1 124 ? 12.962  18.040  -0.924  1.00 16.77 ? 124 LYS A CE  1 
ATOM   1064 N NZ  . LYS A 1 124 ? 12.337  16.738  -0.653  1.00 15.59 ? 124 LYS A NZ  1 
ATOM   1065 N N   . ARG A 1 125 ? 6.299   21.101  -2.105  1.00 11.66 ? 125 ARG A N   1 
ATOM   1066 C CA  . ARG A 1 125 ? 5.167   21.963  -1.789  1.00 11.39 ? 125 ARG A CA  1 
ATOM   1067 C C   . ARG A 1 125 ? 4.178   21.103  -1.007  1.00 9.64  ? 125 ARG A C   1 
ATOM   1068 O O   . ARG A 1 125 ? 3.162   20.640  -1.540  1.00 11.34 ? 125 ARG A O   1 
ATOM   1069 C CB  . ARG A 1 125 ? 4.567   22.543  -3.073  1.00 14.08 ? 125 ARG A CB  1 
ATOM   1070 C CG  . ARG A 1 125 ? 5.585   23.424  -3.800  1.00 15.15 ? 125 ARG A CG  1 
ATOM   1071 C CD  . ARG A 1 125 ? 5.055   24.061  -5.063  1.00 21.58 ? 125 ARG A CD  1 
ATOM   1072 N NE  . ARG A 1 125 ? 6.101   24.883  -5.678  1.00 20.58 ? 125 ARG A NE  1 
ATOM   1073 C CZ  . ARG A 1 125 ? 5.919   25.651  -6.747  1.00 31.83 ? 125 ARG A CZ  1 
ATOM   1074 N NH1 . ARG A 1 125 ? 4.727   25.712  -7.325  1.00 32.19 ? 125 ARG A NH1 1 
ATOM   1075 N NH2 . ARG A 1 125 ? 6.930   26.359  -7.237  1.00 32.60 ? 125 ARG A NH2 1 
ATOM   1076 N N   . TRP A 1 126 ? 4.477   20.902  0.270   1.00 10.74 ? 126 TRP A N   1 
ATOM   1077 C CA  . TRP A 1 126 ? 3.808   19.857  1.048   1.00 10.58 ? 126 TRP A CA  1 
ATOM   1078 C C   . TRP A 1 126 ? 2.326   20.117  1.274   1.00 12.64 ? 126 TRP A C   1 
ATOM   1079 O O   . TRP A 1 126 ? 1.514   19.200  1.181   1.00 13.42 ? 126 TRP A O   1 
ATOM   1080 C CB  . TRP A 1 126 ? 4.515   19.638  2.382   1.00 11.89 ? 126 TRP A CB  1 
ATOM   1081 C CG  . TRP A 1 126 ? 5.995   19.384  2.282   1.00 11.81 ? 126 TRP A CG  1 
ATOM   1082 C CD1 . TRP A 1 126 ? 6.984   20.088  2.920   1.00 11.94 ? 126 TRP A CD1 1 
ATOM   1083 C CD2 . TRP A 1 126 ? 6.663   18.354  1.531   1.00 10.53 ? 126 TRP A CD2 1 
ATOM   1084 N NE1 . TRP A 1 126 ? 8.213   19.562  2.613   1.00 11.93 ? 126 TRP A NE1 1 
ATOM   1085 C CE2 . TRP A 1 126 ? 8.047   18.501  1.762   1.00 10.57 ? 126 TRP A CE2 1 
ATOM   1086 C CE3 . TRP A 1 126 ? 6.229   17.325  0.685   1.00 10.87 ? 126 TRP A CE3 1 
ATOM   1087 C CZ2 . TRP A 1 126 ? 8.998   17.659  1.198   1.00 11.81 ? 126 TRP A CZ2 1 
ATOM   1088 C CZ3 . TRP A 1 126 ? 7.184   16.490  0.110   1.00 11.56 ? 126 TRP A CZ3 1 
ATOM   1089 C CH2 . TRP A 1 126 ? 8.550   16.663  0.367   1.00 11.98 ? 126 TRP A CH2 1 
ATOM   1090 N N   . ASP A 1 127 ? 1.957   21.356  1.580   1.00 12.43 ? 127 ASP A N   1 
ATOM   1091 C CA  . ASP A 1 127 ? 0.551   21.646  1.840   1.00 12.34 ? 127 ASP A CA  1 
ATOM   1092 C C   . ASP A 1 127 ? -0.257  21.522  0.550   1.00 12.15 ? 127 ASP A C   1 
ATOM   1093 O O   . ASP A 1 127 ? -1.370  20.991  0.559   1.00 12.71 ? 127 ASP A O   1 
ATOM   1094 C CB  . ASP A 1 127 ? 0.350   23.035  2.456   1.00 12.60 ? 127 ASP A CB  1 
ATOM   1095 C CG  . ASP A 1 127 ? 0.701   23.090  3.936   1.00 17.37 ? 127 ASP A CG  1 
ATOM   1096 O OD1 . ASP A 1 127 ? 1.455   22.234  4.448   1.00 19.58 ? 127 ASP A OD1 1 
ATOM   1097 O OD2 . ASP A 1 127 ? 0.241   24.045  4.605   1.00 20.60 ? 127 ASP A OD2 1 
ATOM   1098 N N   . GLU A 1 128 ? 0.304   21.994  -0.559  1.00 11.68 ? 128 GLU A N   1 
ATOM   1099 C CA  . GLU A 1 128 ? -0.362  21.883  -1.847  1.00 13.18 ? 128 GLU A CA  1 
ATOM   1100 C C   . GLU A 1 128 ? -0.518  20.425  -2.250  1.00 11.44 ? 128 GLU A C   1 
ATOM   1101 O O   . GLU A 1 128 ? -1.565  20.019  -2.739  1.00 12.10 ? 128 GLU A O   1 
ATOM   1102 C CB  . GLU A 1 128 ? 0.417   22.649  -2.909  1.00 16.52 ? 128 GLU A CB  1 
ATOM   1103 C CG  . GLU A 1 128 ? 0.492   24.142  -2.613  1.00 18.38 ? 128 GLU A CG  1 
ATOM   1104 C CD  . GLU A 1 128 ? 1.284   24.894  -3.656  0.80 29.84 ? 128 GLU A CD  1 
ATOM   1105 O OE1 . GLU A 1 128 ? 1.006   24.709  -4.859  0.80 32.55 ? 128 GLU A OE1 1 
ATOM   1106 O OE2 . GLU A 1 128 ? 2.185   25.668  -3.270  0.80 36.15 ? 128 GLU A OE2 1 
ATOM   1107 N N   . ALA A 1 129 ? 0.538   19.642  -2.059  1.00 11.04 ? 129 ALA A N   1 
ATOM   1108 C CA  . ALA A 1 129 ? 0.464   18.211  -2.360  1.00 11.64 ? 129 ALA A CA  1 
ATOM   1109 C C   . ALA A 1 129 ? -0.637  17.546  -1.553  1.00 10.72 ? 129 ALA A C   1 
ATOM   1110 O O   . ALA A 1 129 ? -1.394  16.731  -2.078  1.00 11.17 ? 129 ALA A O   1 
ATOM   1111 C CB  . ALA A 1 129 ? 1.786   17.538  -2.089  1.00 13.31 ? 129 ALA A CB  1 
ATOM   1112 N N   . ALA A 1 130 ? -0.719  17.884  -0.271  1.00 10.78 ? 130 ALA A N   1 
ATOM   1113 C CA  . ALA A 1 130 ? -1.720  17.295  0.613   1.00 12.12 ? 130 ALA A CA  1 
ATOM   1114 C C   . ALA A 1 130 ? -3.130  17.600  0.133   1.00 12.90 ? 130 ALA A C   1 
ATOM   1115 O O   . ALA A 1 130 ? -3.998  16.727  0.124   1.00 13.47 ? 130 ALA A O   1 
ATOM   1116 C CB  . ALA A 1 130 ? -1.511  17.777  2.045   1.00 14.15 ? 130 ALA A CB  1 
ATOM   1117 N N   . VAL A 1 131 ? -3.365  18.842  -0.279  1.00 11.48 ? 131 VAL A N   1 
ATOM   1118 C CA  . VAL A 1 131 ? -4.662  19.220  -0.834  1.00 13.25 ? 131 VAL A CA  1 
ATOM   1119 C C   . VAL A 1 131 ? -4.976  18.420  -2.096  1.00 12.63 ? 131 VAL A C   1 
ATOM   1120 O O   . VAL A 1 131 ? -6.076  17.885  -2.266  1.00 13.53 ? 131 VAL A O   1 
ATOM   1121 C CB  . VAL A 1 131 ? -4.717  20.739  -1.126  1.00 14.06 ? 131 VAL A CB  1 
ATOM   1122 C CG1 . VAL A 1 131 ? -5.946  21.097  -1.953  1.00 15.25 ? 131 VAL A CG1 1 
ATOM   1123 C CG2 . VAL A 1 131 ? -4.700  21.521  0.182   1.00 15.59 ? 131 VAL A CG2 1 
ATOM   1124 N N   . ASN A 1 132 ? -3.999  18.315  -2.982  1.00 11.26 ? 132 ASN A N   1 
ATOM   1125 C CA  . ASN A 1 132 ? -4.205  17.606  -4.239  1.00 11.49 ? 132 ASN A CA  1 
ATOM   1126 C C   . ASN A 1 132 ? -4.477  16.116  -4.024  1.00 12.91 ? 132 ASN A C   1 
ATOM   1127 O O   . ASN A 1 132 ? -5.328  15.524  -4.693  1.00 12.31 ? 132 ASN A O   1 
ATOM   1128 C CB  . ASN A 1 132 ? -3.001  17.804  -5.166  1.00 12.97 ? 132 ASN A CB  1 
ATOM   1129 C CG  . ASN A 1 132 ? -3.259  17.269  -6.552  1.00 14.82 ? 132 ASN A CG  1 
ATOM   1130 O OD1 . ASN A 1 132 ? -2.903  16.133  -6.872  1.00 15.92 ? 132 ASN A OD1 1 
ATOM   1131 N ND2 . ASN A 1 132 ? -3.928  18.064  -7.371  1.00 16.77 ? 132 ASN A ND2 1 
ATOM   1132 N N   . LEU A 1 133 ? -3.742  15.499  -3.096  1.00 10.85 ? 133 LEU A N   1 
ATOM   1133 C CA  . LEU A 1 133 ? -3.875  14.065  -2.847  1.00 10.91 ? 133 LEU A CA  1 
ATOM   1134 C C   . LEU A 1 133 ? -5.275  13.692  -2.364  1.00 11.54 ? 133 LEU A C   1 
ATOM   1135 O O   . LEU A 1 133 ? -5.739  12.577  -2.614  1.00 12.25 ? 133 LEU A O   1 
ATOM   1136 C CB  . LEU A 1 133 ? -2.839  13.616  -1.815  1.00 11.44 ? 133 LEU A CB  1 
ATOM   1137 C CG  . LEU A 1 133 ? -1.409  13.472  -2.334  1.00 10.33 ? 133 LEU A CG  1 
ATOM   1138 C CD1 . LEU A 1 133 ? -0.437  13.393  -1.176  1.00 13.25 ? 133 LEU A CD1 1 
ATOM   1139 C CD2 . LEU A 1 133 ? -1.261  12.250  -3.232  1.00 12.28 ? 133 LEU A CD2 1 
ATOM   1140 N N   . ALA A 1 134 ? -5.934  14.621  -1.672  1.00 10.71 ? 134 ALA A N   1 
ATOM   1141 C CA  . ALA A 1 134 ? -7.260  14.369  -1.113  1.00 12.39 ? 134 ALA A CA  1 
ATOM   1142 C C   . ALA A 1 134 ? -8.362  14.429  -2.172  1.00 12.47 ? 134 ALA A C   1 
ATOM   1143 O O   . ALA A 1 134 ? -9.486  13.964  -1.929  1.00 13.33 ? 134 ALA A O   1 
ATOM   1144 C CB  . ALA A 1 134 ? -7.551  15.345  0.029   1.00 13.52 ? 134 ALA A CB  1 
ATOM   1145 N N   . LYS A 1 135 ? -8.046  14.988  -3.334  1.00 11.41 ? 135 LYS A N   1 
ATOM   1146 C CA  . LYS A 1 135 ? -8.999  15.079  -4.438  1.00 12.54 ? 135 LYS A CA  1 
ATOM   1147 C C   . LYS A 1 135 ? -8.936  13.784  -5.236  1.00 10.96 ? 135 LYS A C   1 
ATOM   1148 O O   . LYS A 1 135 ? -8.465  13.751  -6.369  1.00 13.15 ? 135 LYS A O   1 
ATOM   1149 C CB  . LYS A 1 135 ? -8.680  16.287  -5.321  1.00 12.98 ? 135 LYS A CB  1 
ATOM   1150 C CG  . LYS A 1 135 ? -8.823  17.613  -4.578  1.00 16.70 ? 135 LYS A CG  1 
ATOM   1151 C CD  . LYS A 1 135 ? -8.375  18.801  -5.428  1.00 18.42 ? 135 LYS A CD  1 
ATOM   1152 C CE  . LYS A 1 135 ? -8.437  20.093  -4.614  1.00 25.88 ? 135 LYS A CE  1 
ATOM   1153 N NZ  . LYS A 1 135 ? -7.929  21.264  -5.389  1.00 28.73 ? 135 LYS A NZ  1 
ATOM   1154 N N   . SER A 1 136 ? -9.395  12.696  -4.630  1.00 10.62 ? 136 SER A N   1 
ATOM   1155 C CA  . SER A 1 136 ? -9.152  11.367  -5.193  1.00 10.11 ? 136 SER A CA  1 
ATOM   1156 C C   . SER A 1 136 ? -10.190 10.365  -4.724  1.00 10.50 ? 136 SER A C   1 
ATOM   1157 O O   . SER A 1 136 ? -10.721 10.467  -3.607  1.00 10.59 ? 136 SER A O   1 
ATOM   1158 C CB  . SER A 1 136 ? -7.752  10.861  -4.796  1.00 10.43 ? 136 SER A CB  1 
ATOM   1159 O OG  . SER A 1 136 ? -7.611  10.753  -3.378  1.00 11.12 ? 136 SER A OG  1 
ATOM   1160 N N   . ARG A 1 137 ? -10.457 9.370   -5.557  1.00 9.94  ? 137 ARG A N   1 
ATOM   1161 C CA  . ARG A 1 137 ? -11.274 8.254   -5.123  1.00 10.90 ? 137 ARG A CA  1 
ATOM   1162 C C   . ARG A 1 137 ? -10.634 7.623   -3.885  1.00 12.77 ? 137 ARG A C   1 
ATOM   1163 O O   . ARG A 1 137 ? -11.329 7.245   -2.943  1.00 11.83 ? 137 ARG A O   1 
ATOM   1164 C CB  . ARG A 1 137 ? -11.429 7.214   -6.238  1.00 10.21 ? 137 ARG A CB  1 
ATOM   1165 C CG  . ARG A 1 137 ? -12.265 6.035   -5.774  1.00 12.71 ? 137 ARG A CG  1 
ATOM   1166 C CD  . ARG A 1 137 ? -12.382 4.937   -6.814  1.00 15.64 ? 137 ARG A CD  1 
ATOM   1167 N NE  . ARG A 1 137 ? -13.333 3.922   -6.354  1.00 15.91 ? 137 ARG A NE  1 
ATOM   1168 C CZ  . ARG A 1 137 ? -13.027 2.895   -5.571  1.00 20.50 ? 137 ARG A CZ  1 
ATOM   1169 N NH1 . ARG A 1 137 ? -11.783 2.710   -5.153  1.00 20.29 ? 137 ARG A NH1 1 
ATOM   1170 N NH2 . ARG A 1 137 ? -13.983 2.047   -5.205  1.00 20.98 ? 137 ARG A NH2 1 
ATOM   1171 N N   . TRP A 1 138 ? -9.306  7.520   -3.882  1.00 10.50 ? 138 TRP A N   1 
ATOM   1172 C CA  . TRP A 1 138 ? -8.578  6.954   -2.755  1.00 11.11 ? 138 TRP A CA  1 
ATOM   1173 C C   . TRP A 1 138 ? -9.005  7.583   -1.443  1.00 11.13 ? 138 TRP A C   1 
ATOM   1174 O O   . TRP A 1 138 ? -9.394  6.889   -0.487  1.00 12.41 ? 138 TRP A O   1 
ATOM   1175 C CB  . TRP A 1 138 ? -7.091  7.185   -2.997  1.00 11.30 ? 138 TRP A CB  1 
ATOM   1176 C CG  . TRP A 1 138 ? -6.181  6.862   -1.840  1.00 10.20 ? 138 TRP A CG  1 
ATOM   1177 C CD1 . TRP A 1 138 ? -6.046  5.655   -1.207  1.00 11.10 ? 138 TRP A CD1 1 
ATOM   1178 C CD2 . TRP A 1 138 ? -5.234  7.750   -1.226  1.00 9.43  ? 138 TRP A CD2 1 
ATOM   1179 N NE1 . TRP A 1 138 ? -5.082  5.746   -0.217  1.00 11.66 ? 138 TRP A NE1 1 
ATOM   1180 C CE2 . TRP A 1 138 ? -4.564  7.016   -0.217  1.00 9.61  ? 138 TRP A CE2 1 
ATOM   1181 C CE3 . TRP A 1 138 ? -4.900  9.100   -1.419  1.00 10.50 ? 138 TRP A CE3 1 
ATOM   1182 C CZ2 . TRP A 1 138 ? -3.559  7.582   0.574   1.00 9.88  ? 138 TRP A CZ2 1 
ATOM   1183 C CZ3 . TRP A 1 138 ? -3.905  9.658   -0.631  1.00 12.06 ? 138 TRP A CZ3 1 
ATOM   1184 C CH2 . TRP A 1 138 ? -3.257  8.908   0.366   1.00 10.59 ? 138 TRP A CH2 1 
ATOM   1185 N N   . TYR A 1 139 ? -8.941  8.904   -1.384  1.00 10.80 ? 139 TYR A N   1 
ATOM   1186 C CA  . TYR A 1 139 ? -9.297  9.611   -0.169  1.00 10.48 ? 139 TYR A CA  1 
ATOM   1187 C C   . TYR A 1 139 ? -10.759 9.366   0.200   1.00 12.04 ? 139 TYR A C   1 
ATOM   1188 O O   . TYR A 1 139 ? -11.079 9.118   1.363   1.00 14.78 ? 139 TYR A O   1 
ATOM   1189 C CB  . TYR A 1 139 ? -9.032  11.109  -0.346  1.00 11.93 ? 139 TYR A CB  1 
ATOM   1190 C CG  . TYR A 1 139 ? -9.371  11.949  0.850   1.00 14.84 ? 139 TYR A CG  1 
ATOM   1191 C CD1 . TYR A 1 139 ? -8.425  12.211  1.833   1.00 14.55 ? 139 TYR A CD1 1 
ATOM   1192 C CD2 . TYR A 1 139 ? -10.642 12.488  0.989   1.00 19.63 ? 139 TYR A CD2 1 
ATOM   1193 C CE1 . TYR A 1 139 ? -8.741  12.997  2.926   1.00 18.36 ? 139 TYR A CE1 1 
ATOM   1194 C CE2 . TYR A 1 139 ? -10.965 13.275  2.079   1.00 24.21 ? 139 TYR A CE2 1 
ATOM   1195 C CZ  . TYR A 1 139 ? -10.007 13.517  3.045   1.00 27.72 ? 139 TYR A CZ  1 
ATOM   1196 O OH  . TYR A 1 139 ? -10.325 14.297  4.136   1.00 42.19 ? 139 TYR A OH  1 
ATOM   1197 N N   . ASN A 1 140 ? -11.659 9.447   -0.774  1.00 10.00 ? 140 ASN A N   1 
ATOM   1198 C CA  . ASN A 1 140 ? -13.079 9.290   -0.472  1.00 11.37 ? 140 ASN A CA  1 
ATOM   1199 C C   . ASN A 1 140 ? -13.447 7.885   0.003   1.00 12.68 ? 140 ASN A C   1 
ATOM   1200 O O   . ASN A 1 140 ? -14.308 7.728   0.870   1.00 13.17 ? 140 ASN A O   1 
ATOM   1201 C CB  . ASN A 1 140 ? -13.924 9.703   -1.680  1.00 12.64 ? 140 ASN A CB  1 
ATOM   1202 C CG  . ASN A 1 140 ? -14.019 11.202  -1.816  1.00 13.70 ? 140 ASN A CG  1 
ATOM   1203 O OD1 . ASN A 1 140 ? -14.793 11.845  -1.100  1.00 17.77 ? 140 ASN A OD1 1 
ATOM   1204 N ND2 . ASN A 1 140 ? -13.228 11.781  -2.708  1.00 13.90 ? 140 ASN A ND2 1 
ATOM   1205 N N   . GLN A 1 141 ? -12.769 6.865   -0.512  1.00 10.02 ? 141 GLN A N   1 
ATOM   1206 C CA  . GLN A 1 141 ? -13.142 5.499   -0.178  1.00 11.77 ? 141 GLN A CA  1 
ATOM   1207 C C   . GLN A 1 141 ? -12.472 5.011   1.107   1.00 12.48 ? 141 GLN A C   1 
ATOM   1208 O O   . GLN A 1 141 ? -13.045 4.210   1.842   1.00 13.26 ? 141 GLN A O   1 
ATOM   1209 C CB  . GLN A 1 141 ? -12.862 4.546   -1.345  1.00 12.55 ? 141 GLN A CB  1 
ATOM   1210 C CG  . GLN A 1 141 ? -13.571 4.938   -2.648  1.00 13.43 ? 141 GLN A CG  1 
ATOM   1211 C CD  . GLN A 1 141 ? -15.096 4.991   -2.557  1.00 14.47 ? 141 GLN A CD  1 
ATOM   1212 O OE1 . GLN A 1 141 ? -15.721 5.969   -2.997  1.00 15.79 ? 141 GLN A OE1 1 
ATOM   1213 N NE2 . GLN A 1 141 ? -15.700 3.947   -2.006  1.00 16.61 ? 141 GLN A NE2 1 
ATOM   1214 N N   . THR A 1 142 ? -11.266 5.490   1.397   1.00 10.83 ? 142 THR A N   1 
ATOM   1215 C CA  . THR A 1 142 ? -10.572 5.133   2.644   1.00 11.57 ? 142 THR A CA  1 
ATOM   1216 C C   . THR A 1 142 ? -10.040 6.403   3.299   1.00 11.70 ? 142 THR A C   1 
ATOM   1217 O O   . THR A 1 142 ? -8.828  6.636   3.331   1.00 11.01 ? 142 THR A O   1 
ATOM   1218 C CB  . THR A 1 142 ? -9.420  4.093   2.437   1.00 10.48 ? 142 THR A CB  1 
ATOM   1219 O OG1 . THR A 1 142 ? -8.511  4.552   1.423   1.00 12.69 ? 142 THR A OG1 1 
ATOM   1220 C CG2 . THR A 1 142 ? -9.974  2.752   2.000   1.00 13.07 ? 142 THR A CG2 1 
ATOM   1221 N N   . PRO A 1 143 ? -10.937 7.250   3.812   1.00 10.95 ? 143 PRO A N   1 
ATOM   1222 C CA  . PRO A 1 143 ? -10.527 8.593   4.255   1.00 10.71 ? 143 PRO A CA  1 
ATOM   1223 C C   . PRO A 1 143 ? -9.628  8.581   5.485   1.00 10.15 ? 143 PRO A C   1 
ATOM   1224 O O   . PRO A 1 143 ? -8.728  9.402   5.576   1.00 10.96 ? 143 PRO A O   1 
ATOM   1225 C CB  . PRO A 1 143 ? -11.865 9.309   4.543   1.00 11.62 ? 143 PRO A CB  1 
ATOM   1226 C CG  . PRO A 1 143 ? -12.851 8.192   4.721   1.00 12.74 ? 143 PRO A CG  1 
ATOM   1227 C CD  . PRO A 1 143 ? -12.402 7.082   3.825   1.00 12.08 ? 143 PRO A CD  1 
ATOM   1228 N N   . ASN A 1 144 ? -9.859  7.686   6.435   1.00 10.62 ? 144 ASN A N   1 
ATOM   1229 C CA  . ASN A 1 144 ? -9.016  7.716   7.615   1.00 12.27 ? 144 ASN A CA  1 
ATOM   1230 C C   . ASN A 1 144 ? -7.578  7.313   7.306   1.00 10.54 ? 144 ASN A C   1 
ATOM   1231 O O   . ASN A 1 144 ? -6.634  7.970   7.772   1.00 11.51 ? 144 ASN A O   1 
ATOM   1232 C CB  . ASN A 1 144 ? -9.630  6.906   8.764   1.00 13.10 ? 144 ASN A CB  1 
ATOM   1233 C CG  . ASN A 1 144 ? -10.868 7.591   9.341   1.00 17.10 ? 144 ASN A CG  1 
ATOM   1234 O OD1 . ASN A 1 144 ? -11.105 8.778   9.086   1.00 28.02 ? 144 ASN A OD1 1 
ATOM   1235 N ND2 . ASN A 1 144 ? -11.645 6.861   10.118  1.00 22.40 ? 144 ASN A ND2 1 
ATOM   1236 N N   . ARG A 1 145 ? -7.408  6.283   6.482   1.00 10.26 ? 145 ARG A N   1 
ATOM   1237 C CA  . ARG A 1 145 ? -6.076  5.876   6.078   1.00 11.01 ? 145 ARG A CA  1 
ATOM   1238 C C   . ARG A 1 145 ? -5.443  6.953   5.205   1.00 10.56 ? 145 ARG A C   1 
ATOM   1239 O O   . ARG A 1 145 ? -4.276  7.307   5.386   1.00 10.61 ? 145 ARG A O   1 
ATOM   1240 C CB  . ARG A 1 145 ? -6.125  4.576   5.302   1.00 11.28 ? 145 ARG A CB  1 
ATOM   1241 C CG  . ARG A 1 145 ? -4.736  4.132   4.908   1.00 14.89 ? 145 ARG A CG  1 
ATOM   1242 C CD  . ARG A 1 145 ? -4.807  2.997   3.992   1.00 17.96 ? 145 ARG A CD  1 
ATOM   1243 N NE  . ARG A 1 145 ? -3.484  2.479   3.677   1.00 12.90 ? 145 ARG A NE  1 
ATOM   1244 C CZ  . ARG A 1 145 ? -3.309  1.222   3.337   1.00 13.17 ? 145 ARG A CZ  1 
ATOM   1245 N NH1 . ARG A 1 145 ? -4.362  0.414   3.283   1.00 15.47 ? 145 ARG A NH1 1 
ATOM   1246 N NH2 . ARG A 1 145 ? -2.114  0.767   3.045   1.00 12.05 ? 145 ARG A NH2 1 
ATOM   1247 N N   . ALA A 1 146 ? -6.208  7.486   4.259   1.00 9.83  ? 146 ALA A N   1 
ATOM   1248 C CA  . ALA A 1 146 ? -5.666  8.506   3.379   1.00 11.76 ? 146 ALA A CA  1 
ATOM   1249 C C   . ALA A 1 146 ? -5.235  9.719   4.189   1.00 11.33 ? 146 ALA A C   1 
ATOM   1250 O O   . ALA A 1 146 ? -4.186  10.309  3.921   1.00 11.32 ? 146 ALA A O   1 
ATOM   1251 C CB  . ALA A 1 146 ? -6.673  8.898   2.287   1.00 12.01 ? 146 ALA A CB  1 
ATOM   1252 N N   . LYS A 1 147 ? -6.032  10.108  5.183   1.00 9.98  ? 147 LYS A N   1 
ATOM   1253 C CA  . LYS A 1 147 ? -5.662  11.239  6.032   1.00 11.54 ? 147 LYS A CA  1 
ATOM   1254 C C   . LYS A 1 147 ? -4.336  10.999  6.752   1.00 10.14 ? 147 LYS A C   1 
ATOM   1255 O O   . LYS A 1 147 ? -3.504  11.907  6.841   1.00 11.64 ? 147 LYS A O   1 
ATOM   1256 C CB  . LYS A 1 147 ? -6.778  11.577  7.034   1.00 12.72 ? 147 LYS A CB  1 
ATOM   1257 C CG  . LYS A 1 147 ? -7.980  12.285  6.425   1.00 15.51 ? 147 LYS A CG  1 
ATOM   1258 C CD  . LYS A 1 147 ? -9.094  12.439  7.468   1.00 19.83 ? 147 LYS A CD  1 
ATOM   1259 C CE  . LYS A 1 147 ? -10.400 12.862  6.816   0.80 25.64 ? 147 LYS A CE  1 
ATOM   1260 N N   . ARG A 1 148 ? -4.114  9.777   7.242   1.00 9.99  ? 148 ARG A N   1 
ATOM   1261 C CA  . ARG A 1 148 ? -2.851  9.464   7.916   1.00 11.17 ? 148 ARG A CA  1 
ATOM   1262 C C   . ARG A 1 148 ? -1.688  9.564   6.945   1.00 10.21 ? 148 ARG A C   1 
ATOM   1263 O O   . ARG A 1 148 ? -0.647  10.144  7.263   1.00 10.02 ? 148 ARG A O   1 
ATOM   1264 C CB  . ARG A 1 148 ? -2.859  8.065   8.544   1.00 9.20  ? 148 ARG A CB  1 
ATOM   1265 C CG  . ARG A 1 148 ? -3.756  7.955   9.775   1.00 10.14 ? 148 ARG A CG  1 
ATOM   1266 C CD  . ARG A 1 148 ? -3.494  6.644   10.515  1.00 9.42  ? 148 ARG A CD  1 
ATOM   1267 N NE  . ARG A 1 148 ? -3.969  5.452   9.811   1.00 10.20 ? 148 ARG A NE  1 
ATOM   1268 C CZ  . ARG A 1 148 ? -5.219  4.995   9.828   1.00 11.40 ? 148 ARG A CZ  1 
ATOM   1269 N NH1 . ARG A 1 148 ? -6.179  5.638   10.503  1.00 12.67 ? 148 ARG A NH1 1 
ATOM   1270 N NH2 . ARG A 1 148 ? -5.512  3.895   9.152   1.00 13.30 ? 148 ARG A NH2 1 
ATOM   1271 N N   . VAL A 1 149 ? -1.859  8.984   5.764   1.00 9.85  ? 149 VAL A N   1 
ATOM   1272 C CA  . VAL A 1 149 ? -0.791  8.988   4.773   1.00 10.43 ? 149 VAL A CA  1 
ATOM   1273 C C   . VAL A 1 149 ? -0.517  10.434  4.328   1.00 9.70  ? 149 VAL A C   1 
ATOM   1274 O O   . VAL A 1 149 ? 0.643   10.869  4.238   1.00 10.13 ? 149 VAL A O   1 
ATOM   1275 C CB  . VAL A 1 149 ? -1.169  8.090   3.593   1.00 9.07  ? 149 VAL A CB  1 
ATOM   1276 C CG1 . VAL A 1 149 ? -0.178  8.260   2.444   1.00 12.13 ? 149 VAL A CG1 1 
ATOM   1277 C CG2 . VAL A 1 149 ? -1.231  6.621   4.055   1.00 11.69 ? 149 VAL A CG2 1 
ATOM   1278 N N   . ILE A 1 150 ? -1.572  11.197  4.072   1.00 10.22 ? 150 ILE A N   1 
ATOM   1279 C CA  . ILE A 1 150 ? -1.409  12.594  3.668   1.00 9.67  ? 150 ILE A CA  1 
ATOM   1280 C C   . ILE A 1 150 ? -0.743  13.433  4.763   1.00 11.52 ? 150 ILE A C   1 
ATOM   1281 O O   . ILE A 1 150 ? 0.106   14.275  4.464   1.00 11.79 ? 150 ILE A O   1 
ATOM   1282 C CB  . ILE A 1 150 ? -2.755  13.207  3.229   1.00 10.21 ? 150 ILE A CB  1 
ATOM   1283 C CG1 . ILE A 1 150 ? -3.214  12.517  1.948   1.00 10.39 ? 150 ILE A CG1 1 
ATOM   1284 C CG2 . ILE A 1 150 ? -2.617  14.714  3.026   1.00 11.99 ? 150 ILE A CG2 1 
ATOM   1285 C CD1 . ILE A 1 150 ? -4.649  12.868  1.542   1.00 12.20 ? 150 ILE A CD1 1 
ATOM   1286 N N   . THR A 1 151 ? -1.105  13.223  6.027   1.00 10.58 ? 151 THR A N   1 
ATOM   1287 C CA  . THR A 1 151 ? -0.456  13.964  7.101   1.00 12.94 ? 151 THR A CA  1 
ATOM   1288 C C   . THR A 1 151 ? 1.028   13.651  7.141   1.00 11.89 ? 151 THR A C   1 
ATOM   1289 O O   . THR A 1 151 ? 1.836   14.527  7.447   1.00 11.96 ? 151 THR A O   1 
ATOM   1290 C CB  . THR A 1 151 ? -1.071  13.637  8.467   1.00 13.73 ? 151 THR A CB  1 
ATOM   1291 O OG1 . THR A 1 151 ? -2.386  14.190  8.514   1.00 17.55 ? 151 THR A OG1 1 
ATOM   1292 C CG2 . THR A 1 151 ? -0.241  14.237  9.607   1.00 15.14 ? 151 THR A CG2 1 
ATOM   1293 N N   . THR A 1 152 ? 1.380   12.403  6.847   1.00 10.63 ? 152 THR A N   1 
ATOM   1294 C CA  . THR A 1 152 ? 2.773   11.988  6.798   1.00 11.74 ? 152 THR A CA  1 
ATOM   1295 C C   . THR A 1 152 ? 3.511   12.729  5.673   1.00 12.11 ? 152 THR A C   1 
ATOM   1296 O O   . THR A 1 152 ? 4.628   13.221  5.875   1.00 12.37 ? 152 THR A O   1 
ATOM   1297 C CB  . THR A 1 152 ? 2.887   10.453  6.662   1.00 9.87  ? 152 THR A CB  1 
ATOM   1298 O OG1 . THR A 1 152 ? 2.070   9.844   7.675   1.00 10.90 ? 152 THR A OG1 1 
ATOM   1299 C CG2 . THR A 1 152 ? 4.312   9.997   6.840   1.00 12.35 ? 152 THR A CG2 1 
ATOM   1300 N N   . PHE A 1 153 ? 2.894   12.839  4.494   1.00 11.78 ? 153 PHE A N   1 
ATOM   1301 C CA  . PHE A 1 153 ? 3.487   13.648  3.423   1.00 11.35 ? 153 PHE A CA  1 
ATOM   1302 C C   . PHE A 1 153 ? 3.536   15.131  3.796   1.00 13.72 ? 153 PHE A C   1 
ATOM   1303 O O   . PHE A 1 153 ? 4.492   15.834  3.456   1.00 14.27 ? 153 PHE A O   1 
ATOM   1304 C CB  . PHE A 1 153 ? 2.693   13.500  2.121   1.00 11.09 ? 153 PHE A CB  1 
ATOM   1305 C CG  . PHE A 1 153 ? 3.057   12.304  1.287   1.00 10.30 ? 153 PHE A CG  1 
ATOM   1306 C CD1 . PHE A 1 153 ? 4.370   12.068  0.885   1.00 10.71 ? 153 PHE A CD1 1 
ATOM   1307 C CD2 . PHE A 1 153 ? 2.066   11.449  0.847   1.00 11.11 ? 153 PHE A CD2 1 
ATOM   1308 C CE1 . PHE A 1 153 ? 4.676   10.995  0.070   1.00 12.73 ? 153 PHE A CE1 1 
ATOM   1309 C CE2 . PHE A 1 153 ? 2.369   10.361  0.050   1.00 12.38 ? 153 PHE A CE2 1 
ATOM   1310 C CZ  . PHE A 1 153 ? 3.670   10.135  -0.341  1.00 11.93 ? 153 PHE A CZ  1 
ATOM   1311 N N   . ARG A 1 154 ? 2.503   15.638  4.453   1.00 11.07 ? 154 ARG A N   1 
ATOM   1312 C CA  . ARG A 1 154 ? 2.454   17.067  4.746   1.00 11.66 ? 154 ARG A CA  1 
ATOM   1313 C C   . ARG A 1 154 ? 3.555   17.464  5.722   1.00 14.65 ? 154 ARG A C   1 
ATOM   1314 O O   . ARG A 1 154 ? 4.216   18.496  5.538   1.00 15.57 ? 154 ARG A O   1 
ATOM   1315 C CB  . ARG A 1 154 ? 1.083   17.469  5.283   1.00 13.04 ? 154 ARG A CB  1 
ATOM   1316 C CG  . ARG A 1 154 ? 0.922   18.977  5.431   1.00 14.76 ? 154 ARG A CG  1 
ATOM   1317 C CD  . ARG A 1 154 ? -0.471  19.361  5.924   1.00 17.34 ? 154 ARG A CD  1 
ATOM   1318 N NE  . ARG A 1 154 ? -0.872  18.659  7.146   1.00 22.53 ? 154 ARG A NE  1 
ATOM   1319 C CZ  . ARG A 1 154 ? -0.524  19.026  8.381   1.00 29.39 ? 154 ARG A CZ  1 
ATOM   1320 N NH1 . ARG A 1 154 ? 0.249   20.086  8.573   1.00 25.38 ? 154 ARG A NH1 1 
ATOM   1321 N NH2 . ARG A 1 154 ? -0.943  18.326  9.429   1.00 31.10 ? 154 ARG A NH2 1 
ATOM   1322 N N   . THR A 1 155 ? 3.765   16.636  6.745   1.00 13.82 ? 155 THR A N   1 
ATOM   1323 C CA  . THR A 1 155 ? 4.630   17.002  7.870   1.00 13.78 ? 155 THR A CA  1 
ATOM   1324 C C   . THR A 1 155 ? 6.003   16.347  7.898   1.00 14.51 ? 155 THR A C   1 
ATOM   1325 O O   . THR A 1 155 ? 6.918   16.864  8.544   1.00 16.03 ? 155 THR A O   1 
ATOM   1326 C CB  . THR A 1 155 ? 3.969   16.686  9.219   1.00 15.08 ? 155 THR A CB  1 
ATOM   1327 O OG1 . THR A 1 155 ? 3.849   15.259  9.367   1.00 13.79 ? 155 THR A OG1 1 
ATOM   1328 C CG2 . THR A 1 155 ? 2.608   17.319  9.310   1.00 14.53 ? 155 THR A CG2 1 
ATOM   1329 N N   . GLY A 1 156 ? 6.157   15.198  7.251   1.00 12.72 ? 156 GLY A N   1 
ATOM   1330 C CA  . GLY A 1 156 ? 7.392   14.452  7.343   1.00 13.61 ? 156 GLY A CA  1 
ATOM   1331 C C   . GLY A 1 156 ? 7.620   13.904  8.738   1.00 13.23 ? 156 GLY A C   1 
ATOM   1332 O O   . GLY A 1 156 ? 8.766   13.627  9.102   1.00 13.93 ? 156 GLY A O   1 
ATOM   1333 N N   . THR A 1 157 ? 6.536   13.750  9.502   1.00 12.55 ? 157 THR A N   1 
ATOM   1334 C CA  . THR A 1 157 ? 6.594   13.172  10.844  1.00 12.43 ? 157 THR A CA  1 
ATOM   1335 C C   . THR A 1 157 ? 5.645   12.003  10.924  1.00 12.21 ? 157 THR A C   1 
ATOM   1336 O O   . THR A 1 157 ? 4.824   11.788  10.027  1.00 13.09 ? 157 THR A O   1 
ATOM   1337 C CB  . THR A 1 157 ? 6.143   14.156  11.931  1.00 13.39 ? 157 THR A CB  1 
ATOM   1338 O OG1 . THR A 1 157 ? 4.714   14.304  11.890  1.00 15.64 ? 157 THR A OG1 1 
ATOM   1339 C CG2 . THR A 1 157 ? 6.831   15.508  11.767  1.00 17.04 ? 157 THR A CG2 1 
ATOM   1340 N N   . TRP A 1 158 ? 5.747   11.267  12.023  1.00 12.52 ? 158 TRP A N   1 
ATOM   1341 C CA  . TRP A 1 158 ? 4.872   10.135  12.288  1.00 11.32 ? 158 TRP A CA  1 
ATOM   1342 C C   . TRP A 1 158 ? 3.663   10.512  13.154  1.00 11.27 ? 158 TRP A C   1 
ATOM   1343 O O   . TRP A 1 158 ? 3.010   9.639   13.745  1.00 12.99 ? 158 TRP A O   1 
ATOM   1344 C CB  . TRP A 1 158 ? 5.664   9.025   12.981  1.00 12.22 ? 158 TRP A CB  1 
ATOM   1345 C CG  . TRP A 1 158 ? 6.652   8.361   12.102  1.00 11.93 ? 158 TRP A CG  1 
ATOM   1346 C CD1 . TRP A 1 158 ? 8.013   8.426   12.186  1.00 13.62 ? 158 TRP A CD1 1 
ATOM   1347 C CD2 . TRP A 1 158 ? 6.358   7.512   10.989  1.00 12.57 ? 158 TRP A CD2 1 
ATOM   1348 N NE1 . TRP A 1 158 ? 8.583   7.660   11.200  1.00 13.26 ? 158 TRP A NE1 1 
ATOM   1349 C CE2 . TRP A 1 158 ? 7.589   7.094   10.443  1.00 12.67 ? 158 TRP A CE2 1 
ATOM   1350 C CE3 . TRP A 1 158 ? 5.174   7.055   10.407  1.00 13.03 ? 158 TRP A CE3 1 
ATOM   1351 C CZ2 . TRP A 1 158 ? 7.667   6.226   9.352   1.00 12.88 ? 158 TRP A CZ2 1 
ATOM   1352 C CZ3 . TRP A 1 158 ? 5.251   6.208   9.318   1.00 14.49 ? 158 TRP A CZ3 1 
ATOM   1353 C CH2 . TRP A 1 158 ? 6.488   5.800   8.800   1.00 14.01 ? 158 TRP A CH2 1 
ATOM   1354 N N   . ASP A 1 159 ? 3.341   11.793  13.220  1.00 14.66 ? 159 ASP A N   1 
ATOM   1355 C CA  . ASP A 1 159 ? 2.280   12.245  14.116  1.00 14.30 ? 159 ASP A CA  1 
ATOM   1356 C C   . ASP A 1 159 ? 0.940   11.519  13.944  1.00 16.24 ? 159 ASP A C   1 
ATOM   1357 O O   . ASP A 1 159 ? 0.220   11.300  14.918  1.00 16.29 ? 159 ASP A O   1 
ATOM   1358 C CB  . ASP A 1 159 ? 2.080   13.749  13.971  1.00 17.43 ? 159 ASP A CB  1 
ATOM   1359 C CG  . ASP A 1 159 ? 3.192   14.557  14.629  1.00 25.90 ? 159 ASP A CG  1 
ATOM   1360 O OD1 . ASP A 1 159 ? 4.169   13.957  15.132  1.00 24.47 ? 159 ASP A OD1 1 
ATOM   1361 O OD2 . ASP A 1 159 ? 3.083   15.801  14.631  1.00 32.52 ? 159 ASP A OD2 1 
ATOM   1362 N N   . ALA A 1 160 ? 0.579   11.140  12.731  1.00 12.79 ? 160 ALA A N   1 
ATOM   1363 C CA  . ALA A 1 160 ? -0.698  10.512  12.492  1.00 13.77 ? 160 ALA A CA  1 
ATOM   1364 C C   . ALA A 1 160 ? -0.750  9.076   12.948  1.00 17.21 ? 160 ALA A C   1 
ATOM   1365 O O   . ALA A 1 160 ? -1.802  8.529   13.022  1.00 20.92 ? 160 ALA A O   1 
ATOM   1366 C CB  . ALA A 1 160 ? -1.092  10.585  11.009  1.00 15.18 ? 160 ALA A CB  1 
ATOM   1367 N N   . TYR A 1 161 ? 0.372   8.487   13.222  1.00 12.85 ? 161 TYR A N   1 
ATOM   1368 C CA  . TYR A 1 161 ? 0.520   7.085   13.588  1.00 14.40 ? 161 TYR A CA  1 
ATOM   1369 C C   . TYR A 1 161 ? 0.945   6.850   15.037  1.00 24.36 ? 161 TYR A C   1 
ATOM   1370 O O   . TYR A 1 161 ? 0.649   5.842   15.568  1.00 26.79 ? 161 TYR A O   1 
ATOM   1371 C CB  . TYR A 1 161 ? 1.462   6.324   12.649  1.00 14.20 ? 161 TYR A CB  1 
ATOM   1372 C CG  . TYR A 1 161 ? 0.935   6.136   11.240  1.00 11.28 ? 161 TYR A CG  1 
ATOM   1373 C CD1 . TYR A 1 161 ? 1.177   7.054   10.269  1.00 11.64 ? 161 TYR A CD1 1 
ATOM   1374 C CD2 . TYR A 1 161 ? 0.241   5.044   10.901  1.00 12.43 ? 161 TYR A CD2 1 
ATOM   1375 C CE1 . TYR A 1 161 ? 0.693   6.873   9.033   1.00 10.94 ? 161 TYR A CE1 1 
ATOM   1376 C CE2 . TYR A 1 161 ? -0.251  4.877   9.693   1.00 11.03 ? 161 TYR A CE2 1 
ATOM   1377 C CZ  . TYR A 1 161 ? -0.039  5.806   8.754   1.00 10.26 ? 161 TYR A CZ  1 
ATOM   1378 O OH  . TYR A 1 161 ? -0.486  5.652   7.509   1.00 11.65 ? 161 TYR A OH  1 
ATOM   1379 N N   . LYS A 1 162 ? 1.640   7.816   15.629  0.50 18.01 ? 162 LYS A N   1 
ATOM   1380 C CA  . LYS A 1 162 ? 2.097   7.696   17.008  0.50 30.34 ? 162 LYS A CA  1 
ATOM   1381 C C   . LYS A 1 162 ? 1.022   7.079   17.895  0.50 29.98 ? 162 LYS A C   1 
ATOM   1382 O O   . LYS A 1 162 ? 1.161   5.948   18.360  0.50 43.04 ? 162 LYS A O   1 
ATOM   1383 C CB  . LYS A 1 162 ? 2.509   9.064   17.556  0.50 27.55 ? 162 LYS A CB  1 
ATOM   1384 C CG  . LYS A 1 162 ? 3.600   9.752   16.751  0.50 32.05 ? 162 LYS A CG  1 
ATOM   1385 C CD  . LYS A 1 162 ? 4.972   9.194   17.091  0.50 33.29 ? 162 LYS A CD  1 
ATOM   1386 C CE  . LYS A 1 162 ? 6.005   10.303  17.215  0.50 31.58 ? 162 LYS A CE  1 
ATOM   1387 N NZ  . LYS A 1 162 ? 7.002   10.261  16.110  0.50 22.62 ? 162 LYS A NZ  1 
ATOM   1388 N N   . ASN A 1 163 ? -0.051  7.829   18.125  0.50 32.75 ? 163 ASN A N   1 
ATOM   1389 C CA  . ASN A 1 163 ? -1.152  7.358   18.957  0.50 36.48 ? 163 ASN A CA  1 
ATOM   1390 C C   . ASN A 1 163 ? -1.516  5.907   18.663  0.50 39.01 ? 163 ASN A C   1 
ATOM   1391 O O   . ASN A 1 163 ? -1.763  5.121   19.578  0.50 35.84 ? 163 ASN A O   1 
ATOM   1392 C CB  . ASN A 1 163 ? -2.379  8.254   18.779  0.50 32.85 ? 163 ASN A CB  1 
ATOM   1393 N N   . LEU A 1 164 ? -1.545  5.557   17.381  0.50 33.03 ? 164 LEU A N   1 
ATOM   1394 C CA  . LEU A 1 164 ? -1.879  4.200   16.965  0.50 29.12 ? 164 LEU A CA  1 
ATOM   1395 C C   . LEU A 1 164 ? -0.700  3.254   17.172  0.50 31.90 ? 164 LEU A C   1 
ATOM   1396 O O   . LEU A 1 164 ? -0.873  2.038   17.244  0.50 34.23 ? 164 LEU A O   1 
ATOM   1397 C CB  . LEU A 1 164 ? -2.317  4.181   15.499  0.50 20.51 ? 164 LEU A CB  1 
ATOM   1398 C CG  . LEU A 1 164 ? -3.790  4.492   15.227  0.50 35.05 ? 164 LEU A CG  1 
ATOM   1399 C CD1 . LEU A 1 164 ? -4.114  5.931   15.600  0.50 36.13 ? 164 LEU A CD1 1 
ATOM   1400 C CD2 . LEU A 1 164 ? -4.138  4.218   13.773  0.50 26.65 ? 164 LEU A CD2 1 
HETATM 1401 C CAA A 3GZ B 2 .   ? -0.336  5.332   -6.174  0.70 20.55 ? 200 3GZ A CAA 1 
HETATM 1402 C CAG A 3GZ B 2 .   ? 0.608   6.407   -6.731  0.70 17.77 ? 200 3GZ A CAG 1 
HETATM 1403 C CAH A 3GZ B 2 .   ? 0.906   7.477   -5.669  0.70 14.09 ? 200 3GZ A CAH 1 
HETATM 1404 C CAI A 3GZ B 2 .   ? 1.853   8.563   -6.205  0.70 14.20 ? 200 3GZ A CAI 1 
HETATM 1405 C CAJ A 3GZ B 2 .   ? 2.191   9.641   -5.155  0.70 12.25 ? 200 3GZ A CAJ 1 
HETATM 1406 C CAK A 3GZ B 2 .   ? 2.926   9.077   -3.931  0.70 15.28 ? 200 3GZ A CAK 1 
HETATM 1407 C CAL A 3GZ B 2 .   ? 4.258   8.424   -4.344  0.70 12.25 ? 200 3GZ A CAL 1 
HETATM 1408 C CAE A 3GZ B 2 .   ? 5.383   9.201   -4.581  0.70 13.94 ? 200 3GZ A CAE 1 
HETATM 1409 C CAC A 3GZ B 2 .   ? 6.576   8.598   -4.965  0.70 12.64 ? 200 3GZ A CAC 1 
HETATM 1410 C CAB A 3GZ B 2 .   ? 6.644   7.221   -5.107  0.70 14.03 ? 200 3GZ A CAB 1 
HETATM 1411 C CAD A 3GZ B 2 .   ? 5.518   6.445   -4.873  0.70 15.25 ? 200 3GZ A CAD 1 
HETATM 1412 C CAF A 3GZ B 2 .   ? 4.328   7.047   -4.490  0.70 15.52 ? 200 3GZ A CAF 1 
HETATM 1413 N N1  . EPE C 3 .   ? -1.689  -4.681  -5.451  1.00 21.96 ? 201 EPE A N1  1 
HETATM 1414 C C2  . EPE C 3 .   ? -2.637  -4.365  -4.411  1.00 19.22 ? 201 EPE A C2  1 
HETATM 1415 C C3  . EPE C 3 .   ? -2.310  -5.030  -3.082  1.00 20.57 ? 201 EPE A C3  1 
HETATM 1416 N N4  . EPE C 3 .   ? -0.917  -4.808  -2.719  1.00 16.49 ? 201 EPE A N4  1 
HETATM 1417 C C5  . EPE C 3 .   ? 0.008   -4.885  -3.794  1.00 19.03 ? 201 EPE A C5  1 
HETATM 1418 C C6  . EPE C 3 .   ? -0.476  -4.087  -4.982  1.00 20.42 ? 201 EPE A C6  1 
HETATM 1419 C C7  . EPE C 3 .   ? -0.535  -5.403  -1.457  1.00 16.68 ? 201 EPE A C7  1 
HETATM 1420 C C8  . EPE C 3 .   ? -0.012  -6.824  -1.531  1.00 17.31 ? 201 EPE A C8  1 
HETATM 1421 O O8  . EPE C 3 .   ? -1.003  -7.675  -2.007  1.00 14.50 ? 201 EPE A O8  1 
HETATM 1422 C C9  . EPE C 3 .   ? -1.998  -3.941  -6.662  1.00 31.36 ? 201 EPE A C9  1 
HETATM 1423 C C10 . EPE C 3 .   ? -2.306  -4.905  -7.734  1.00 45.99 ? 201 EPE A C10 1 
HETATM 1424 S S   . EPE C 3 .   ? -3.187  -4.250  -9.153  1.00 36.42 ? 201 EPE A S   1 
HETATM 1425 O O1S . EPE C 3 .   ? -3.661  -2.987  -9.021  1.00 42.94 ? 201 EPE A O1S 1 
HETATM 1426 O O2S . EPE C 3 .   ? -4.307  -5.053  -9.440  1.00 39.38 ? 201 EPE A O2S 1 
HETATM 1427 O O3S . EPE C 3 .   ? -2.161  -4.375  -9.975  1.00 33.94 ? 201 EPE A O3S 1 
HETATM 1428 O O   . HOH D 4 .   ? 1.938   24.243  -6.889  1.00 36.45 ? 301 HOH A O   1 
HETATM 1429 O O   . HOH D 4 .   ? -4.688  -25.918 -3.654  0.50 27.57 ? 302 HOH A O   1 
HETATM 1430 O O   . HOH D 4 .   ? 5.374   -14.342 14.122  1.00 37.73 ? 303 HOH A O   1 
HETATM 1431 O O   . HOH D 4 .   ? -2.533  -13.991 -6.141  1.00 24.40 ? 304 HOH A O   1 
HETATM 1432 O O   . HOH D 4 .   ? 7.389   -20.734 11.364  0.80 33.08 ? 305 HOH A O   1 
HETATM 1433 O O   . HOH D 4 .   ? 9.063   24.249  -4.850  1.00 27.44 ? 306 HOH A O   1 
HETATM 1434 O O   A HOH D 4 .   ? -6.251  -25.703 0.413   0.70 20.72 ? 307 HOH A O   1 
HETATM 1435 O O   . HOH D 4 .   ? 13.196  17.529  -5.103  1.00 25.42 ? 308 HOH A O   1 
HETATM 1436 O O   . HOH D 4 .   ? -8.510  15.851  5.217   0.80 26.87 ? 309 HOH A O   1 
HETATM 1437 O O   . HOH D 4 .   ? -13.134 1.585   0.665   0.50 16.27 ? 310 HOH A O   1 
HETATM 1438 O O   . HOH D 4 .   ? -2.593  14.478  -10.148 1.00 18.80 ? 311 HOH A O   1 
HETATM 1439 O O   . HOH D 4 .   ? 9.848   1.924   15.287  1.00 24.92 ? 312 HOH A O   1 
HETATM 1440 O O   . HOH D 4 .   ? 10.355  -7.899  -5.079  0.50 24.93 ? 313 HOH A O   1 
HETATM 1441 O O   B HOH D 4 .   ? -12.541 10.649  7.884   0.60 20.94 ? 314 HOH A O   1 
HETATM 1442 O O   . HOH D 4 .   ? 11.966  -7.171  6.170   1.00 15.49 ? 315 HOH A O   1 
HETATM 1443 O O   . HOH D 4 .   ? 5.818   -10.970 15.134  1.00 37.46 ? 316 HOH A O   1 
HETATM 1444 O O   . HOH D 4 .   ? 7.902   -17.465 -0.446  1.00 14.43 ? 317 HOH A O   1 
HETATM 1445 O O   . HOH D 4 .   ? 10.672  -15.375 0.150   1.00 20.38 ? 318 HOH A O   1 
HETATM 1446 O O   . HOH D 4 .   ? 1.578   22.050  7.114   1.00 25.20 ? 319 HOH A O   1 
HETATM 1447 O O   . HOH D 4 .   ? 11.152  13.776  7.542   1.00 16.90 ? 320 HOH A O   1 
HETATM 1448 O O   . HOH D 4 .   ? -0.652  -14.214 -3.927  1.00 32.79 ? 321 HOH A O   1 
HETATM 1449 O O   A HOH D 4 .   ? 18.242  10.821  -3.322  0.50 24.31 ? 322 HOH A O   1 
HETATM 1450 O O   . HOH D 4 .   ? 7.899   -14.963 8.770   1.00 23.21 ? 323 HOH A O   1 
HETATM 1451 O O   . HOH D 4 .   ? 7.046   -8.939  7.848   1.00 19.59 ? 324 HOH A O   1 
HETATM 1452 O O   . HOH D 4 .   ? 9.452   -0.057  17.415  1.00 31.65 ? 325 HOH A O   1 
HETATM 1453 O O   . HOH D 4 .   ? -5.182  7.531   -10.480 1.00 26.72 ? 326 HOH A O   1 
HETATM 1454 O O   . HOH D 4 .   ? -12.701 -13.860 7.284   1.00 28.10 ? 327 HOH A O   1 
HETATM 1455 O O   . HOH D 4 .   ? 7.974   -13.915 11.145  1.00 30.07 ? 328 HOH A O   1 
HETATM 1456 O O   . HOH D 4 .   ? 5.539   20.760  6.280   1.00 18.22 ? 329 HOH A O   1 
HETATM 1457 O O   . HOH D 4 .   ? 4.819   -23.727 2.973   1.00 26.97 ? 330 HOH A O   1 
HETATM 1458 O O   . HOH D 4 .   ? -15.687 -0.577  -3.344  0.50 20.61 ? 331 HOH A O   1 
HETATM 1459 O O   . HOH D 4 .   ? -15.541 3.260   2.449   1.00 18.20 ? 332 HOH A O   1 
HETATM 1460 O O   . HOH D 4 .   ? 15.077  12.981  -7.677  1.00 21.23 ? 333 HOH A O   1 
HETATM 1461 O O   . HOH D 4 .   ? 0.059   17.542  -15.383 1.00 27.85 ? 334 HOH A O   1 
HETATM 1462 O O   . HOH D 4 .   ? 16.372  11.498  1.496   1.00 16.33 ? 335 HOH A O   1 
HETATM 1463 O O   . HOH D 4 .   ? 6.134   -25.645 -1.354  1.00 38.64 ? 336 HOH A O   1 
HETATM 1464 O O   . HOH D 4 .   ? -16.578 -2.289  -1.159  1.00 16.99 ? 337 HOH A O   1 
HETATM 1465 O O   . HOH D 4 .   ? 6.699   19.159  10.110  1.00 26.90 ? 338 HOH A O   1 
HETATM 1466 O O   . HOH D 4 .   ? 10.698  13.262  11.083  1.00 21.07 ? 339 HOH A O   1 
HETATM 1467 O O   . HOH D 4 .   ? -0.756  -16.270 -5.224  1.00 23.28 ? 340 HOH A O   1 
HETATM 1468 O O   . HOH D 4 .   ? 9.497   -2.582  13.992  1.00 16.87 ? 341 HOH A O   1 
HETATM 1469 O O   . HOH D 4 .   ? -12.148 -5.224  5.012   1.00 19.72 ? 342 HOH A O   1 
HETATM 1470 O O   . HOH D 4 .   ? -19.109 -13.629 -1.641  1.00 37.62 ? 343 HOH A O   1 
HETATM 1471 O O   . HOH D 4 .   ? -17.128 -15.875 0.418   0.60 26.22 ? 344 HOH A O   1 
HETATM 1472 O O   A HOH D 4 .   ? -9.430  -23.885 -4.593  0.70 26.22 ? 345 HOH A O   1 
HETATM 1473 O O   . HOH D 4 .   ? -15.280 1.349   -0.936  1.00 28.95 ? 346 HOH A O   1 
HETATM 1474 O O   . HOH D 4 .   ? -13.660 -8.341  5.973   1.00 29.79 ? 347 HOH A O   1 
HETATM 1475 O O   . HOH D 4 .   ? 7.978   11.745  13.872  1.00 17.85 ? 348 HOH A O   1 
HETATM 1476 O O   . HOH D 4 .   ? 3.948   -12.153 -1.409  1.00 18.39 ? 349 HOH A O   1 
HETATM 1477 O O   . HOH D 4 .   ? -17.207 -9.022  -2.758  1.00 21.70 ? 350 HOH A O   1 
HETATM 1478 O O   . HOH D 4 .   ? 6.236   -3.044  16.433  1.00 28.28 ? 351 HOH A O   1 
HETATM 1479 O O   . HOH D 4 .   ? -0.902  5.285   -14.868 1.00 28.04 ? 352 HOH A O   1 
HETATM 1480 O O   . HOH D 4 .   ? -9.739  -22.661 -8.037  1.00 31.02 ? 353 HOH A O   1 
HETATM 1481 O O   . HOH D 4 .   ? -16.791 2.631   -5.459  1.00 30.05 ? 354 HOH A O   1 
HETATM 1482 O O   . HOH D 4 .   ? 4.749   -16.071 -2.218  1.00 11.81 ? 355 HOH A O   1 
HETATM 1483 O O   . HOH D 4 .   ? -8.679  4.852   11.729  1.00 28.76 ? 356 HOH A O   1 
HETATM 1484 O O   . HOH D 4 .   ? 4.542   -22.033 -5.102  1.00 13.44 ? 357 HOH A O   1 
HETATM 1485 O O   . HOH D 4 .   ? -12.682 14.614  -2.960  1.00 26.28 ? 358 HOH A O   1 
HETATM 1486 O O   . HOH D 4 .   ? -2.186  -26.991 -4.083  1.00 32.84 ? 359 HOH A O   1 
HETATM 1487 O O   . HOH D 4 .   ? -12.920 13.321  5.020   0.70 31.48 ? 360 HOH A O   1 
HETATM 1488 O O   . HOH D 4 .   ? 5.690   -18.234 0.961   1.00 19.65 ? 361 HOH A O   1 
HETATM 1489 O O   . HOH D 4 .   ? -7.159  -10.885 -9.864  1.00 33.25 ? 362 HOH A O   1 
HETATM 1490 O O   . HOH D 4 .   ? 1.367   27.733  -1.370  1.00 35.91 ? 363 HOH A O   1 
HETATM 1491 O O   . HOH D 4 .   ? 7.610   -20.076 2.475   1.00 33.41 ? 364 HOH A O   1 
HETATM 1492 O O   . HOH D 4 .   ? 12.009  1.052   13.837  1.00 22.06 ? 365 HOH A O   1 
HETATM 1493 O O   . HOH D 4 .   ? -15.307 -6.125  3.096   1.00 16.37 ? 366 HOH A O   1 
HETATM 1494 O O   . HOH D 4 .   ? 4.366   22.687  4.684   1.00 18.95 ? 367 HOH A O   1 
HETATM 1495 O O   . HOH D 4 .   ? -6.373  -6.635  12.492  1.00 30.11 ? 368 HOH A O   1 
HETATM 1496 O O   . HOH D 4 .   ? 3.011   -8.397  12.476  1.00 37.29 ? 369 HOH A O   1 
HETATM 1497 O O   . HOH D 4 .   ? -14.858 -11.027 4.778   1.00 28.06 ? 370 HOH A O   1 
HETATM 1498 O O   . HOH D 4 .   ? -10.534 -6.372  7.559   1.00 29.17 ? 371 HOH A O   1 
HETATM 1499 O O   B HOH D 4 .   ? 15.474  -3.235  -7.676  0.50 25.56 ? 372 HOH A O   1 
HETATM 1500 O O   B HOH D 4 .   ? 11.403  6.747   12.141  0.60 24.04 ? 373 HOH A O   1 
HETATM 1501 O O   . HOH D 4 .   ? 0.017   26.589  2.963   1.00 38.91 ? 374 HOH A O   1 
HETATM 1502 O O   . HOH D 4 .   ? 9.847   16.889  9.411   1.00 34.77 ? 375 HOH A O   1 
HETATM 1503 O O   . HOH D 4 .   ? -1.832  21.017  -11.880 0.70 35.51 ? 376 HOH A O   1 
HETATM 1504 O O   . HOH D 4 .   ? -4.963  20.723  -6.017  1.00 15.27 ? 377 HOH A O   1 
HETATM 1505 O O   A HOH D 4 .   ? 11.613  8.260   11.069  0.70 18.07 ? 378 HOH A O   1 
HETATM 1506 O O   . HOH D 4 .   ? 18.896  8.115   -0.067  1.00 36.40 ? 379 HOH A O   1 
HETATM 1507 O O   . HOH D 4 .   ? 0.237   -25.596 -2.763  1.00 29.01 ? 380 HOH A O   1 
HETATM 1508 O O   . HOH D 4 .   ? -9.104  4.220   -5.966  1.00 30.53 ? 381 HOH A O   1 
HETATM 1509 O O   A HOH D 4 .   ? -11.872 5.258   6.965   1.00 17.42 ? 382 HOH A O   1 
HETATM 1510 O O   B HOH D 4 .   ? -9.974  4.361   6.001   1.00 11.93 ? 383 HOH A O   1 
HETATM 1511 O O   . HOH D 4 .   ? -8.366  -4.034  7.633   0.50 31.14 ? 384 HOH A O   1 
HETATM 1512 O O   . HOH D 4 .   ? -8.115  -6.477  8.322   1.00 35.96 ? 385 HOH A O   1 
HETATM 1513 O O   . HOH D 4 .   ? 5.107   -4.314  12.193  1.00 20.70 ? 386 HOH A O   1 
HETATM 1514 O O   . HOH D 4 .   ? -6.184  -15.213 -9.903  1.00 30.12 ? 387 HOH A O   1 
HETATM 1515 O O   . HOH D 4 .   ? 19.211  9.043   -5.661  0.50 23.95 ? 388 HOH A O   1 
HETATM 1516 O O   B HOH D 4 .   ? -6.522  -24.804 -4.447  0.80 32.02 ? 389 HOH A O   1 
HETATM 1517 O O   . HOH D 4 .   ? 2.280   -1.574  14.063  1.00 24.08 ? 390 HOH A O   1 
HETATM 1518 O O   . HOH D 4 .   ? 1.351   -8.098  14.600  1.00 34.86 ? 391 HOH A O   1 
HETATM 1519 O O   . HOH D 4 .   ? -6.553  1.527   7.308   1.00 19.98 ? 392 HOH A O   1 
HETATM 1520 O O   . HOH D 4 .   ? -7.242  0.501   3.577   1.00 25.92 ? 393 HOH A O   1 
HETATM 1521 O O   . HOH D 4 .   ? -6.502  -5.048  5.048   1.00 19.78 ? 394 HOH A O   1 
HETATM 1522 O O   . HOH D 4 .   ? -6.215  -4.927  2.249   1.00 25.69 ? 395 HOH A O   1 
HETATM 1523 O O   . HOH D 4 .   ? -4.101  -5.142  -0.312  1.00 22.86 ? 396 HOH A O   1 
HETATM 1524 O O   A HOH D 4 .   ? -4.440  -2.534  0.604   0.50 16.45 ? 397 HOH A O   1 
HETATM 1525 O O   B HOH D 4 .   ? -4.839  -2.840  -1.220  0.50 27.04 ? 398 HOH A O   1 
HETATM 1526 O O   . HOH D 4 .   ? -5.805  -7.620  8.080   1.00 21.34 ? 399 HOH A O   1 
HETATM 1527 O O   . HOH D 4 .   ? -12.324 -17.152 5.748   1.00 28.94 ? 400 HOH A O   1 
HETATM 1528 O O   . HOH D 4 .   ? -16.978 -12.399 -3.747  1.00 30.07 ? 401 HOH A O   1 
HETATM 1529 O O   . HOH D 4 .   ? -14.616 -10.960 -3.987  1.00 25.93 ? 402 HOH A O   1 
HETATM 1530 O O   . HOH D 4 .   ? -11.808 -11.136 -4.791  1.00 16.79 ? 403 HOH A O   1 
HETATM 1531 O O   . HOH D 4 .   ? -10.673 1.351   -1.095  1.00 24.13 ? 404 HOH A O   1 
HETATM 1532 O O   . HOH D 4 .   ? -8.717  -3.558  3.163   1.00 30.62 ? 405 HOH A O   1 
HETATM 1533 O O   . HOH D 4 .   ? -14.827 -2.622  -5.327  0.80 31.33 ? 406 HOH A O   1 
HETATM 1534 O O   . HOH D 4 .   ? -7.876  -3.531  -3.014  1.00 35.20 ? 407 HOH A O   1 
HETATM 1535 O O   . HOH D 4 .   ? -6.476  -6.320  -0.517  1.00 17.53 ? 408 HOH A O   1 
HETATM 1536 O O   . HOH D 4 .   ? 0.446   -10.783 4.740   1.00 10.62 ? 409 HOH A O   1 
HETATM 1537 O O   . HOH D 4 .   ? 1.135   -8.687  3.016   1.00 11.35 ? 410 HOH A O   1 
HETATM 1538 O O   . HOH D 4 .   ? -0.805  -9.799  -3.800  0.50 23.32 ? 411 HOH A O   1 
HETATM 1539 O O   . HOH D 4 .   ? -14.634 -9.600  -6.479  1.00 37.99 ? 412 HOH A O   1 
HETATM 1540 O O   . HOH D 4 .   ? -17.298 -17.843 -4.452  1.00 36.26 ? 413 HOH A O   1 
HETATM 1541 O O   . HOH D 4 .   ? -15.816 -20.450 -5.193  1.00 30.39 ? 414 HOH A O   1 
HETATM 1542 O O   . HOH D 4 .   ? -6.312  -22.183 0.625   1.00 18.46 ? 415 HOH A O   1 
HETATM 1543 O O   . HOH D 4 .   ? -0.791  -27.711 4.962   1.00 25.37 ? 416 HOH A O   1 
HETATM 1544 O O   A HOH D 4 .   ? -3.741  -24.134 7.141   1.00 20.54 ? 417 HOH A O   1 
HETATM 1545 O O   B HOH D 4 .   ? -2.526  -22.762 9.314   1.00 28.22 ? 418 HOH A O   1 
HETATM 1546 O O   . HOH D 4 .   ? 4.947   -22.237 5.556   1.00 24.43 ? 419 HOH A O   1 
HETATM 1547 O O   . HOH D 4 .   ? 4.157   -21.284 10.192  1.00 27.49 ? 420 HOH A O   1 
HETATM 1548 O O   . HOH D 4 .   ? -0.139  -18.189 14.098  1.00 25.56 ? 421 HOH A O   1 
HETATM 1549 O O   . HOH D 4 .   ? 3.306   -18.345 13.360  1.00 23.92 ? 422 HOH A O   1 
HETATM 1550 O O   . HOH D 4 .   ? 3.155   -5.037  -2.955  1.00 19.82 ? 423 HOH A O   1 
HETATM 1551 O O   . HOH D 4 .   ? 7.566   -5.186  -7.857  1.00 27.11 ? 424 HOH A O   1 
HETATM 1552 O O   . HOH D 4 .   ? 7.377   -0.533  -11.689 1.00 22.45 ? 425 HOH A O   1 
HETATM 1553 O O   . HOH D 4 .   ? 7.731   -3.066  -11.696 1.00 31.27 ? 426 HOH A O   1 
HETATM 1554 O O   . HOH D 4 .   ? 15.809  1.655   -10.846 1.00 35.51 ? 427 HOH A O   1 
HETATM 1555 O O   . HOH D 4 .   ? 8.254   3.235   -16.080 1.00 33.22 ? 428 HOH A O   1 
HETATM 1556 O O   . HOH D 4 .   ? 13.123  8.489   -14.320 0.70 27.26 ? 429 HOH A O   1 
HETATM 1557 O O   . HOH D 4 .   ? 7.596   11.956  -12.038 1.00 25.79 ? 430 HOH A O   1 
HETATM 1558 O O   . HOH D 4 .   ? 16.155  9.391   -9.204  0.50 25.08 ? 431 HOH A O   1 
HETATM 1559 O O   . HOH D 4 .   ? 10.569  15.842  -2.556  1.00 14.64 ? 432 HOH A O   1 
HETATM 1560 O O   . HOH D 4 .   ? 2.160   11.028  10.247  1.00 15.11 ? 433 HOH A O   1 
HETATM 1561 O O   . HOH D 4 .   ? -4.329  9.594   13.261  1.00 23.07 ? 434 HOH A O   1 
HETATM 1562 O O   . HOH D 4 .   ? -2.074  4.505   1.112   1.00 11.59 ? 435 HOH A O   1 
HETATM 1563 O O   . HOH D 4 .   ? -8.087  0.008   -0.446  0.80 28.62 ? 436 HOH A O   1 
HETATM 1564 O O   . HOH D 4 .   ? -2.625  -0.601  -9.648  1.00 26.07 ? 437 HOH A O   1 
HETATM 1565 O O   . HOH D 4 .   ? 4.747   16.473  -14.258 0.80 33.56 ? 438 HOH A O   1 
HETATM 1566 O O   A HOH D 4 .   ? 7.825   16.156  -11.303 1.00 41.24 ? 439 HOH A O   1 
HETATM 1567 O O   B HOH D 4 .   ? 6.821   14.432  -10.747 0.70 20.12 ? 440 HOH A O   1 
HETATM 1568 O O   . HOH D 4 .   ? -2.607  20.917  3.256   1.00 22.81 ? 441 HOH A O   1 
HETATM 1569 O O   . HOH D 4 .   ? -3.043  21.864  -4.214  1.00 19.98 ? 442 HOH A O   1 
HETATM 1570 O O   . HOH D 4 .   ? -1.516  23.741  -5.918  1.00 36.50 ? 443 HOH A O   1 
HETATM 1571 O O   . HOH D 4 .   ? -8.394  18.827  -0.876  1.00 19.77 ? 444 HOH A O   1 
HETATM 1572 O O   . HOH D 4 .   ? -5.505  17.194  2.473   1.00 16.88 ? 445 HOH A O   1 
HETATM 1573 O O   . HOH D 4 .   ? -11.570 15.148  -0.803  0.60 24.65 ? 446 HOH A O   1 
HETATM 1574 O O   . HOH D 4 .   ? -9.336  3.747   -1.366  1.00 18.21 ? 447 HOH A O   1 
HETATM 1575 O O   . HOH D 4 .   ? -7.075  9.605   10.017  1.00 17.92 ? 448 HOH A O   1 
HETATM 1576 O O   . HOH D 4 .   ? -6.247  7.999   12.192  1.00 15.23 ? 449 HOH A O   1 
HETATM 1577 O O   . HOH D 4 .   ? -4.509  14.711  6.528   1.00 18.68 ? 450 HOH A O   1 
HETATM 1578 O O   . HOH D 4 .   ? -2.731  16.874  6.096   1.00 26.82 ? 451 HOH A O   1 
HETATM 1579 O O   . HOH D 4 .   ? 1.122   20.390  11.514  1.00 41.66 ? 452 HOH A O   1 
HETATM 1580 O O   . HOH D 4 .   ? -10.303 -13.220 8.695   1.00 30.14 ? 453 HOH A O   1 
HETATM 1581 O O   . HOH D 4 .   ? -3.865  -19.885 11.920  1.00 28.12 ? 454 HOH A O   1 
HETATM 1582 O O   . HOH D 4 .   ? 0.043   -29.340 1.765   1.00 30.59 ? 455 HOH A O   1 
HETATM 1583 O O   . HOH D 4 .   ? 7.576   0.396   -14.486 1.00 36.35 ? 456 HOH A O   1 
HETATM 1584 O O   . HOH D 4 .   ? 2.993   22.264  -8.895  1.00 33.34 ? 457 HOH A O   1 
HETATM 1585 O O   . HOH D 4 .   ? 0.127   12.849  17.349  1.00 42.50 ? 458 HOH A O   1 
HETATM 1586 O O   . HOH D 4 .   ? -14.344 -22.672 -1.030  1.00 44.19 ? 459 HOH A O   1 
HETATM 1587 O O   . HOH D 4 .   ? -10.708 -19.442 5.991   0.50 20.78 ? 460 HOH A O   1 
HETATM 1588 O O   . HOH D 4 .   ? 2.636   -23.509 8.581   1.00 29.39 ? 461 HOH A O   1 
HETATM 1589 O O   . HOH D 4 .   ? -4.798  -2.374  12.440  1.00 34.96 ? 462 HOH A O   1 
HETATM 1590 O O   A HOH D 4 .   ? -4.622  -6.316  14.665  1.00 46.97 ? 463 HOH A O   1 
HETATM 1591 O O   B HOH D 4 .   ? -4.830  -4.516  14.140  1.00 38.46 ? 464 HOH A O   1 
HETATM 1592 O O   B HOH D 4 .   ? -7.075  -13.841 12.561  1.00 28.30 ? 465 HOH A O   1 
HETATM 1593 O O   A HOH D 4 .   ? -8.792  -13.948 11.073  0.80 35.19 ? 466 HOH A O   1 
HETATM 1594 O O   . HOH D 4 .   ? -15.623 -6.657  -5.223  0.70 35.55 ? 467 HOH A O   1 
HETATM 1595 O O   . HOH D 4 .   ? 4.737   -17.613 3.571   1.00 32.52 ? 468 HOH A O   1 
HETATM 1596 O O   B HOH D 4 .   ? 4.909   -0.386  -6.340  0.40 13.93 ? 469 HOH A O   1 
HETATM 1597 O O   . HOH D 4 .   ? 13.159  4.084   -12.980 0.60 24.58 ? 470 HOH A O   1 
HETATM 1598 O O   . HOH D 4 .   ? 0.457   -2.110  -10.434 1.00 29.24 ? 471 HOH A O   1 
HETATM 1599 O O   . HOH D 4 .   ? 4.621   14.785  -12.286 1.00 21.47 ? 472 HOH A O   1 
HETATM 1600 O O   . HOH D 4 .   ? -9.401  10.615  11.002  0.70 29.99 ? 473 HOH A O   1 
HETATM 1601 O O   . HOH D 4 .   ? 2.705   10.625  -14.095 1.00 34.89 ? 474 HOH A O   1 
HETATM 1602 O O   . HOH D 4 .   ? -8.391  3.439   8.737   1.00 31.78 ? 475 HOH A O   1 
HETATM 1603 O O   . HOH D 4 .   ? 6.365   15.961  15.642  1.00 37.33 ? 476 HOH A O   1 
HETATM 1604 O O   A HOH D 4 .   ? -2.021  3.217   -8.888  0.60 18.57 ? 477 HOH A O   1 
HETATM 1605 O O   . HOH D 4 .   ? -8.212  0.894   -3.423  1.00 36.57 ? 478 HOH A O   1 
HETATM 1606 O O   . HOH D 4 .   ? -4.906  -10.083 14.742  0.50 30.03 ? 479 HOH A O   1 
HETATM 1607 O O   . HOH D 4 .   ? 9.151   -4.654  -10.047 1.00 37.61 ? 480 HOH A O   1 
HETATM 1608 O O   A HOH D 4 .   ? 2.610   -2.696  -4.679  0.50 13.67 ? 481 HOH A O   1 
HETATM 1609 O O   B HOH D 4 .   ? 2.819   -1.832  -5.772  0.50 19.55 ? 482 HOH A O   1 
HETATM 1610 O O   A HOH D 4 .   ? 13.580  -2.461  -8.682  0.50 25.35 ? 483 HOH A O   1 
HETATM 1611 O O   A HOH D 4 .   ? 3.592   4.138   -14.826 0.50 29.39 ? 484 HOH A O   1 
HETATM 1612 O O   B HOH D 4 .   ? 2.814   3.455   -13.803 0.50 24.32 ? 485 HOH A O   1 
# 
loop_
_pdbx_poly_seq_scheme.asym_id 
_pdbx_poly_seq_scheme.entity_id 
_pdbx_poly_seq_scheme.seq_id 
_pdbx_poly_seq_scheme.mon_id 
_pdbx_poly_seq_scheme.ndb_seq_num 
_pdbx_poly_seq_scheme.pdb_seq_num 
_pdbx_poly_seq_scheme.auth_seq_num 
_pdbx_poly_seq_scheme.pdb_mon_id 
_pdbx_poly_seq_scheme.auth_mon_id 
_pdbx_poly_seq_scheme.pdb_strand_id 
_pdbx_poly_seq_scheme.pdb_ins_code 
_pdbx_poly_seq_scheme.hetero 
A 1 1   MET 1   1   1   MET MET A . n 
A 1 2   ASN 2   2   2   ASN ASN A . n 
A 1 3   ILE 3   3   3   ILE ILE A . n 
A 1 4   PHE 4   4   4   PHE PHE A . n 
A 1 5   GLU 5   5   5   GLU GLU A . n 
A 1 6   MET 6   6   6   MET MET A . n 
A 1 7   LEU 7   7   7   LEU LEU A . n 
A 1 8   ARG 8   8   8   ARG ARG A . n 
A 1 9   ILE 9   9   9   ILE ILE A . n 
A 1 10  ASP 10  10  10  ASP ASP A . n 
A 1 11  GLU 11  11  11  GLU GLU A . n 
A 1 12  GLY 12  12  12  GLY GLY A . n 
A 1 13  LEU 13  13  13  LEU LEU A . n 
A 1 14  ARG 14  14  14  ARG ARG A . n 
A 1 15  LEU 15  15  15  LEU LEU A . n 
A 1 16  LYS 16  16  16  LYS LYS A . n 
A 1 17  ILE 17  17  17  ILE ILE A . n 
A 1 18  TYR 18  18  18  TYR TYR A . n 
A 1 19  LYS 19  19  19  LYS LYS A . n 
A 1 20  ASP 20  20  20  ASP ASP A . n 
A 1 21  THR 21  21  21  THR THR A . n 
A 1 22  GLU 22  22  22  GLU GLU A . n 
A 1 23  GLY 23  23  23  GLY GLY A . n 
A 1 24  TYR 24  24  24  TYR TYR A . n 
A 1 25  TYR 25  25  25  TYR TYR A . n 
A 1 26  THR 26  26  26  THR THR A . n 
A 1 27  ILE 27  27  27  ILE ILE A . n 
A 1 28  GLY 28  28  28  GLY GLY A . n 
A 1 29  ILE 29  29  29  ILE ILE A . n 
A 1 30  GLY 30  30  30  GLY GLY A . n 
A 1 31  HIS 31  31  31  HIS HIS A . n 
A 1 32  LEU 32  32  32  LEU LEU A . n 
A 1 33  LEU 33  33  33  LEU LEU A . n 
A 1 34  THR 34  34  34  THR THR A . n 
A 1 35  LYS 35  35  35  LYS LYS A . n 
A 1 36  SER 36  36  36  SER SER A . n 
A 1 37  PRO 37  37  37  PRO PRO A . n 
A 1 38  SER 38  38  38  SER SER A . n 
A 1 39  LEU 39  39  39  LEU LEU A . n 
A 1 40  ASN 40  40  40  ASN ASN A . n 
A 1 41  ALA 41  41  41  ALA ALA A . n 
A 1 42  ALA 42  42  42  ALA ALA A . n 
A 1 43  LYS 43  43  43  LYS LYS A . n 
A 1 44  SER 44  44  44  SER SER A . n 
A 1 45  GLU 45  45  45  GLU GLU A . n 
A 1 46  LEU 46  46  46  LEU LEU A . n 
A 1 47  ASP 47  47  47  ASP ASP A . n 
A 1 48  LYS 48  48  48  LYS LYS A . n 
A 1 49  ALA 49  49  49  ALA ALA A . n 
A 1 50  ILE 50  50  50  ILE ILE A . n 
A 1 51  GLY 51  51  51  GLY GLY A . n 
A 1 52  ARG 52  52  52  ARG ARG A . n 
A 1 53  ASN 53  53  53  ASN ASN A . n 
A 1 54  CYS 54  54  54  CYS CYS A . n 
A 1 55  ASN 55  55  55  ASN ASN A . n 
A 1 56  GLY 56  56  56  GLY GLY A . n 
A 1 57  VAL 57  57  57  VAL VAL A . n 
A 1 58  ILE 58  58  58  ILE ILE A . n 
A 1 59  THR 59  59  59  THR THR A . n 
A 1 60  LYS 60  60  60  LYS LYS A . n 
A 1 61  ASP 61  61  61  ASP ASP A . n 
A 1 62  GLU 62  62  62  GLU GLU A . n 
A 1 63  ALA 63  63  63  ALA ALA A . n 
A 1 64  GLU 64  64  64  GLU GLU A . n 
A 1 65  LYS 65  65  65  LYS LYS A . n 
A 1 66  LEU 66  66  66  LEU LEU A . n 
A 1 67  PHE 67  67  67  PHE PHE A . n 
A 1 68  ASN 68  68  68  ASN ASN A . n 
A 1 69  GLN 69  69  69  GLN GLN A . n 
A 1 70  ASP 70  70  70  ASP ASP A . n 
A 1 71  VAL 71  71  71  VAL VAL A . n 
A 1 72  ASP 72  72  72  ASP ASP A . n 
A 1 73  ALA 73  73  73  ALA ALA A . n 
A 1 74  ALA 74  74  74  ALA ALA A . n 
A 1 75  VAL 75  75  75  VAL VAL A . n 
A 1 76  ARG 76  76  76  ARG ARG A . n 
A 1 77  GLY 77  77  77  GLY GLY A . n 
A 1 78  ILE 78  78  78  ILE ILE A . n 
A 1 79  LEU 79  79  79  LEU LEU A . n 
A 1 80  ARG 80  80  80  ARG ARG A . n 
A 1 81  ASN 81  81  81  ASN ASN A . n 
A 1 82  ALA 82  82  82  ALA ALA A . n 
A 1 83  LYS 83  83  83  LYS LYS A . n 
A 1 84  LEU 84  84  84  LEU LEU A . n 
A 1 85  LYS 85  85  85  LYS LYS A . n 
A 1 86  PRO 86  86  86  PRO PRO A . n 
A 1 87  VAL 87  87  87  VAL VAL A . n 
A 1 88  TYR 88  88  88  TYR TYR A . n 
A 1 89  ASP 89  89  89  ASP ASP A . n 
A 1 90  SER 90  90  90  SER SER A . n 
A 1 91  LEU 91  91  91  LEU LEU A . n 
A 1 92  ASP 92  92  92  ASP ASP A . n 
A 1 93  ALA 93  93  93  ALA ALA A . n 
A 1 94  VAL 94  94  94  VAL VAL A . n 
A 1 95  ARG 95  95  95  ARG ARG A . n 
A 1 96  ARG 96  96  96  ARG ARG A . n 
A 1 97  CYS 97  97  97  CYS CYS A . n 
A 1 98  ALA 98  98  98  ALA ALA A . n 
A 1 99  ALA 99  99  99  ALA ALA A . n 
A 1 100 ILE 100 100 100 ILE ILE A . n 
A 1 101 ASN 101 101 101 ASN ASN A . n 
A 1 102 MET 102 102 102 MET MET A . n 
A 1 103 VAL 103 103 103 VAL VAL A . n 
A 1 104 PHE 104 104 104 PHE PHE A . n 
A 1 105 GLN 105 105 105 GLN GLN A . n 
A 1 106 MET 106 106 106 MET MET A . n 
A 1 107 GLY 107 107 107 GLY GLY A . n 
A 1 108 GLU 108 108 108 GLU GLU A . n 
A 1 109 THR 109 109 109 THR THR A . n 
A 1 110 GLY 110 110 110 GLY GLY A . n 
A 1 111 VAL 111 111 111 VAL VAL A . n 
A 1 112 ALA 112 112 112 ALA ALA A . n 
A 1 113 GLY 113 113 113 GLY GLY A . n 
A 1 114 PHE 114 114 114 PHE PHE A . n 
A 1 115 THR 115 115 115 THR THR A . n 
A 1 116 ASN 116 116 116 ASN ASN A . n 
A 1 117 SER 117 117 117 SER SER A . n 
A 1 118 LEU 118 118 118 LEU LEU A . n 
A 1 119 ARG 119 119 119 ARG ARG A . n 
A 1 120 MET 120 120 120 MET MET A . n 
A 1 121 LEU 121 121 121 LEU LEU A . n 
A 1 122 GLN 122 122 122 GLN GLN A . n 
A 1 123 GLN 123 123 123 GLN GLN A . n 
A 1 124 LYS 124 124 124 LYS LYS A . n 
A 1 125 ARG 125 125 125 ARG ARG A . n 
A 1 126 TRP 126 126 126 TRP TRP A . n 
A 1 127 ASP 127 127 127 ASP ASP A . n 
A 1 128 GLU 128 128 128 GLU GLU A . n 
A 1 129 ALA 129 129 129 ALA ALA A . n 
A 1 130 ALA 130 130 130 ALA ALA A . n 
A 1 131 VAL 131 131 131 VAL VAL A . n 
A 1 132 ASN 132 132 132 ASN ASN A . n 
A 1 133 LEU 133 133 133 LEU LEU A . n 
A 1 134 ALA 134 134 134 ALA ALA A . n 
A 1 135 LYS 135 135 135 LYS LYS A . n 
A 1 136 SER 136 136 136 SER SER A . n 
A 1 137 ARG 137 137 137 ARG ARG A . n 
A 1 138 TRP 138 138 138 TRP TRP A . n 
A 1 139 TYR 139 139 139 TYR TYR A . n 
A 1 140 ASN 140 140 140 ASN ASN A . n 
A 1 141 GLN 141 141 141 GLN GLN A . n 
A 1 142 THR 142 142 142 THR THR A . n 
A 1 143 PRO 143 143 143 PRO PRO A . n 
A 1 144 ASN 144 144 144 ASN ASN A . n 
A 1 145 ARG 145 145 145 ARG ARG A . n 
A 1 146 ALA 146 146 146 ALA ALA A . n 
A 1 147 LYS 147 147 147 LYS LYS A . n 
A 1 148 ARG 148 148 148 ARG ARG A . n 
A 1 149 VAL 149 149 149 VAL VAL A . n 
A 1 150 ILE 150 150 150 ILE ILE A . n 
A 1 151 THR 151 151 151 THR THR A . n 
A 1 152 THR 152 152 152 THR THR A . n 
A 1 153 PHE 153 153 153 PHE PHE A . n 
A 1 154 ARG 154 154 154 ARG ARG A . n 
A 1 155 THR 155 155 155 THR THR A . n 
A 1 156 GLY 156 156 156 GLY GLY A . n 
A 1 157 THR 157 157 157 THR THR A . n 
A 1 158 TRP 158 158 158 TRP TRP A . n 
A 1 159 ASP 159 159 159 ASP ASP A . n 
A 1 160 ALA 160 160 160 ALA ALA A . n 
A 1 161 TYR 161 161 161 TYR TYR A . n 
A 1 162 LYS 162 162 162 LYS LYS A . n 
A 1 163 ASN 163 163 163 ASN ASN A . n 
A 1 164 LEU 164 164 164 LEU LEU A . n 
A 1 165 LEU 165 165 ?   ?   ?   A . n 
A 1 166 GLU 166 166 ?   ?   ?   A . n 
A 1 167 HIS 167 167 ?   ?   ?   A . n 
A 1 168 HIS 168 168 ?   ?   ?   A . n 
A 1 169 HIS 169 169 ?   ?   ?   A . n 
A 1 170 HIS 170 170 ?   ?   ?   A . n 
A 1 171 HIS 171 171 ?   ?   ?   A . n 
A 1 172 HIS 172 172 ?   ?   ?   A . n 
# 
loop_
_pdbx_nonpoly_scheme.asym_id 
_pdbx_nonpoly_scheme.entity_id 
_pdbx_nonpoly_scheme.mon_id 
_pdbx_nonpoly_scheme.ndb_seq_num 
_pdbx_nonpoly_scheme.pdb_seq_num 
_pdbx_nonpoly_scheme.auth_seq_num 
_pdbx_nonpoly_scheme.pdb_mon_id 
_pdbx_nonpoly_scheme.auth_mon_id 
_pdbx_nonpoly_scheme.pdb_strand_id 
_pdbx_nonpoly_scheme.pdb_ins_code 
B 2 3GZ 1   200 200 3GZ DRG A . 
C 3 EPE 1   201 201 EPE EPE A . 
D 4 HOH 1   301 162 HOH HOH A . 
D 4 HOH 2   302 59  HOH HOH A . 
D 4 HOH 3   303 68  HOH HOH A . 
D 4 HOH 4   304 43  HOH HOH A . 
D 4 HOH 5   305 69  HOH HOH A . 
D 4 HOH 6   306 104 HOH HOH A . 
D 4 HOH 7   307 55  HOH HOH A . 
D 4 HOH 8   308 87  HOH HOH A . 
D 4 HOH 9   309 115 HOH HOH A . 
D 4 HOH 10  310 149 HOH HOH A . 
D 4 HOH 11  311 46  HOH HOH A . 
D 4 HOH 12  312 2   HOH HOH A . 
D 4 HOH 13  313 177 HOH HOH A . 
D 4 HOH 14  314 166 HOH HOH A . 
D 4 HOH 15  315 4   HOH HOH A . 
D 4 HOH 16  316 154 HOH HOH A . 
D 4 HOH 17  317 73  HOH HOH A . 
D 4 HOH 18  318 74  HOH HOH A . 
D 4 HOH 19  319 105 HOH HOH A . 
D 4 HOH 20  320 89  HOH HOH A . 
D 4 HOH 21  321 40  HOH HOH A . 
D 4 HOH 22  322 165 HOH HOH A . 
D 4 HOH 23  323 132 HOH HOH A . 
D 4 HOH 24  324 72  HOH HOH A . 
D 4 HOH 25  325 123 HOH HOH A . 
D 4 HOH 26  326 160 HOH HOH A . 
D 4 HOH 27  327 20  HOH HOH A . 
D 4 HOH 28  328 1   HOH HOH A . 
D 4 HOH 29  329 91  HOH HOH A . 
D 4 HOH 30  330 62  HOH HOH A . 
D 4 HOH 31  331 35  HOH HOH A . 
D 4 HOH 32  332 88  HOH HOH A . 
D 4 HOH 33  333 84  HOH HOH A . 
D 4 HOH 34  334 100 HOH HOH A . 
D 4 HOH 35  335 90  HOH HOH A . 
D 4 HOH 36  336 61  HOH HOH A . 
D 4 HOH 37  337 34  HOH HOH A . 
D 4 HOH 38  338 92  HOH HOH A . 
D 4 HOH 39  339 71  HOH HOH A . 
D 4 HOH 40  340 52  HOH HOH A . 
D 4 HOH 41  341 6   HOH HOH A . 
D 4 HOH 42  342 31  HOH HOH A . 
D 4 HOH 43  343 23  HOH HOH A . 
D 4 HOH 44  344 128 HOH HOH A . 
D 4 HOH 45  345 129 HOH HOH A . 
D 4 HOH 46  346 116 HOH HOH A . 
D 4 HOH 47  347 19  HOH HOH A . 
D 4 HOH 48  348 94  HOH HOH A . 
D 4 HOH 49  349 41  HOH HOH A . 
D 4 HOH 50  350 25  HOH HOH A . 
D 4 HOH 51  351 124 HOH HOH A . 
D 4 HOH 52  352 158 HOH HOH A . 
D 4 HOH 53  353 50  HOH HOH A . 
D 4 HOH 54  354 70  HOH HOH A . 
D 4 HOH 55  355 53  HOH HOH A . 
D 4 HOH 56  356 171 HOH HOH A . 
D 4 HOH 57  357 60  HOH HOH A . 
D 4 HOH 58  358 112 HOH HOH A . 
D 4 HOH 59  359 65  HOH HOH A . 
D 4 HOH 60  360 142 HOH HOH A . 
D 4 HOH 61  361 54  HOH HOH A . 
D 4 HOH 62  362 44  HOH HOH A . 
D 4 HOH 63  363 125 HOH HOH A . 
D 4 HOH 64  364 153 HOH HOH A . 
D 4 HOH 65  365 3   HOH HOH A . 
D 4 HOH 66  366 28  HOH HOH A . 
D 4 HOH 67  367 29  HOH HOH A . 
D 4 HOH 68  368 146 HOH HOH A . 
D 4 HOH 69  369 155 HOH HOH A . 
D 4 HOH 70  370 22  HOH HOH A . 
D 4 HOH 71  371 18  HOH HOH A . 
D 4 HOH 72  372 183 HOH HOH A . 
D 4 HOH 73  373 137 HOH HOH A . 
D 4 HOH 74  374 163 HOH HOH A . 
D 4 HOH 75  375 93  HOH HOH A . 
D 4 HOH 76  376 168 HOH HOH A . 
D 4 HOH 77  377 111 HOH HOH A . 
D 4 HOH 78  378 136 HOH HOH A . 
D 4 HOH 79  379 134 HOH HOH A . 
D 4 HOH 80  380 151 HOH HOH A . 
D 4 HOH 81  381 169 HOH HOH A . 
D 4 HOH 82  382 86  HOH HOH A . 
D 4 HOH 83  383 117 HOH HOH A . 
D 4 HOH 84  384 174 HOH HOH A . 
D 4 HOH 85  385 17  HOH HOH A . 
D 4 HOH 86  386 5   HOH HOH A . 
D 4 HOH 87  387 45  HOH HOH A . 
D 4 HOH 88  388 176 HOH HOH A . 
D 4 HOH 89  389 130 HOH HOH A . 
D 4 HOH 90  390 7   HOH HOH A . 
D 4 HOH 91  391 8   HOH HOH A . 
D 4 HOH 92  392 9   HOH HOH A . 
D 4 HOH 93  393 10  HOH HOH A . 
D 4 HOH 94  394 11  HOH HOH A . 
D 4 HOH 95  395 12  HOH HOH A . 
D 4 HOH 96  396 13  HOH HOH A . 
D 4 HOH 97  397 14  HOH HOH A . 
D 4 HOH 98  398 15  HOH HOH A . 
D 4 HOH 99  399 16  HOH HOH A . 
D 4 HOH 100 400 21  HOH HOH A . 
D 4 HOH 101 401 24  HOH HOH A . 
D 4 HOH 102 402 26  HOH HOH A . 
D 4 HOH 103 403 27  HOH HOH A . 
D 4 HOH 104 404 30  HOH HOH A . 
D 4 HOH 105 405 32  HOH HOH A . 
D 4 HOH 106 406 33  HOH HOH A . 
D 4 HOH 107 407 36  HOH HOH A . 
D 4 HOH 108 408 37  HOH HOH A . 
D 4 HOH 109 409 38  HOH HOH A . 
D 4 HOH 110 410 39  HOH HOH A . 
D 4 HOH 111 411 42  HOH HOH A . 
D 4 HOH 112 412 47  HOH HOH A . 
D 4 HOH 113 413 48  HOH HOH A . 
D 4 HOH 114 414 49  HOH HOH A . 
D 4 HOH 115 415 51  HOH HOH A . 
D 4 HOH 116 416 56  HOH HOH A . 
D 4 HOH 117 417 57  HOH HOH A . 
D 4 HOH 118 418 58  HOH HOH A . 
D 4 HOH 119 419 63  HOH HOH A . 
D 4 HOH 120 420 64  HOH HOH A . 
D 4 HOH 121 421 66  HOH HOH A . 
D 4 HOH 122 422 67  HOH HOH A . 
D 4 HOH 123 423 75  HOH HOH A . 
D 4 HOH 124 424 76  HOH HOH A . 
D 4 HOH 125 425 77  HOH HOH A . 
D 4 HOH 126 426 78  HOH HOH A . 
D 4 HOH 127 427 79  HOH HOH A . 
D 4 HOH 128 428 80  HOH HOH A . 
D 4 HOH 129 429 81  HOH HOH A . 
D 4 HOH 130 430 82  HOH HOH A . 
D 4 HOH 131 431 83  HOH HOH A . 
D 4 HOH 132 432 85  HOH HOH A . 
D 4 HOH 133 433 95  HOH HOH A . 
D 4 HOH 134 434 96  HOH HOH A . 
D 4 HOH 135 435 97  HOH HOH A . 
D 4 HOH 136 436 98  HOH HOH A . 
D 4 HOH 137 437 99  HOH HOH A . 
D 4 HOH 138 438 101 HOH HOH A . 
D 4 HOH 139 439 102 HOH HOH A . 
D 4 HOH 140 440 103 HOH HOH A . 
D 4 HOH 141 441 106 HOH HOH A . 
D 4 HOH 142 442 107 HOH HOH A . 
D 4 HOH 143 443 108 HOH HOH A . 
D 4 HOH 144 444 109 HOH HOH A . 
D 4 HOH 145 445 110 HOH HOH A . 
D 4 HOH 146 446 113 HOH HOH A . 
D 4 HOH 147 447 114 HOH HOH A . 
D 4 HOH 148 448 118 HOH HOH A . 
D 4 HOH 149 449 119 HOH HOH A . 
D 4 HOH 150 450 120 HOH HOH A . 
D 4 HOH 151 451 121 HOH HOH A . 
D 4 HOH 152 452 122 HOH HOH A . 
D 4 HOH 153 453 126 HOH HOH A . 
D 4 HOH 154 454 127 HOH HOH A . 
D 4 HOH 155 455 131 HOH HOH A . 
D 4 HOH 156 456 133 HOH HOH A . 
D 4 HOH 157 457 135 HOH HOH A . 
D 4 HOH 158 458 138 HOH HOH A . 
D 4 HOH 159 459 139 HOH HOH A . 
D 4 HOH 160 460 140 HOH HOH A . 
D 4 HOH 161 461 141 HOH HOH A . 
D 4 HOH 162 462 143 HOH HOH A . 
D 4 HOH 163 463 144 HOH HOH A . 
D 4 HOH 164 464 145 HOH HOH A . 
D 4 HOH 165 465 147 HOH HOH A . 
D 4 HOH 166 466 148 HOH HOH A . 
D 4 HOH 167 467 150 HOH HOH A . 
D 4 HOH 168 468 152 HOH HOH A . 
D 4 HOH 169 469 156 HOH HOH A . 
D 4 HOH 170 470 157 HOH HOH A . 
D 4 HOH 171 471 159 HOH HOH A . 
D 4 HOH 172 472 161 HOH HOH A . 
D 4 HOH 173 473 164 HOH HOH A . 
D 4 HOH 174 474 167 HOH HOH A . 
D 4 HOH 175 475 170 HOH HOH A . 
D 4 HOH 176 476 172 HOH HOH A . 
D 4 HOH 177 477 173 HOH HOH A . 
D 4 HOH 178 478 175 HOH HOH A . 
D 4 HOH 179 479 178 HOH HOH A . 
D 4 HOH 180 480 179 HOH HOH A . 
D 4 HOH 181 481 180 HOH HOH A . 
D 4 HOH 182 482 181 HOH HOH A . 
D 4 HOH 183 483 182 HOH HOH A . 
D 4 HOH 184 484 184 HOH HOH A . 
D 4 HOH 185 485 185 HOH HOH A . 
# 
_pdbx_struct_assembly.id                   1 
_pdbx_struct_assembly.details              author_and_software_defined_assembly 
_pdbx_struct_assembly.method_details       PISA 
_pdbx_struct_assembly.oligomeric_details   monomeric 
_pdbx_struct_assembly.oligomeric_count     1 
# 
_pdbx_struct_assembly_gen.assembly_id       1 
_pdbx_struct_assembly_gen.oper_expression   1 
_pdbx_struct_assembly_gen.asym_id_list      A,B,C,D 
# 
loop_
_pdbx_struct_assembly_prop.biol_id 
_pdbx_struct_assembly_prop.type 
_pdbx_struct_assembly_prop.value 
_pdbx_struct_assembly_prop.details 
1 'ABSA (A^2)' 470  ? 
1 MORE         6    ? 
1 'SSA (A^2)'  8570 ? 
# 
_pdbx_struct_oper_list.id                   1 
_pdbx_struct_oper_list.type                 'identity operation' 
_pdbx_struct_oper_list.name                 1_555 
_pdbx_struct_oper_list.symmetry_operation   x,y,z 
_pdbx_struct_oper_list.matrix[1][1]         1.0000000000 
_pdbx_struct_oper_list.matrix[1][2]         0.0000000000 
_pdbx_struct_oper_list.matrix[1][3]         0.0000000000 
_pdbx_struct_oper_list.vector[1]            0.0000000000 
_pdbx_struct_oper_list.matrix[2][1]         0.0000000000 
_pdbx_struct_oper_list.matrix[2][2]         1.0000000000 
_pdbx_struct_oper_list.matrix[2][3]         0.0000000000 
_pdbx_struct_oper_list.vector[2]            0.0000000000 
_pdbx_struct_oper_list.matrix[3][1]         0.0000000000 
_pdbx_struct_oper_list.matrix[3][2]         0.0000000000 
_pdbx_struct_oper_list.matrix[3][3]         1.0000000000 
_pdbx_struct_oper_list.vector[3]            0.0000000000 
# 
loop_
_pdbx_audit_revision_history.ordinal 
_pdbx_audit_revision_history.data_content_type 
_pdbx_audit_revision_history.major_revision 
_pdbx_audit_revision_history.minor_revision 
_pdbx_audit_revision_history.revision_date 
1 'Structure model' 1 0 2015-04-01 
2 'Structure model' 1 1 2015-04-22 
3 'Structure model' 1 2 2015-05-06 
4 'Structure model' 1 3 2017-09-06 
5 'Structure model' 1 4 2017-11-22 
6 'Structure model' 1 5 2019-12-25 
7 'Structure model' 1 6 2023-09-27 
# 
_pdbx_audit_revision_details.ordinal             1 
_pdbx_audit_revision_details.revision_ordinal    1 
_pdbx_audit_revision_details.data_content_type   'Structure model' 
_pdbx_audit_revision_details.provider            repository 
_pdbx_audit_revision_details.type                'Initial release' 
_pdbx_audit_revision_details.description         ? 
_pdbx_audit_revision_details.details             ? 
# 
loop_
_pdbx_audit_revision_group.ordinal 
_pdbx_audit_revision_group.revision_ordinal 
_pdbx_audit_revision_group.data_content_type 
_pdbx_audit_revision_group.group 
1  2 'Structure model' 'Database references'        
2  3 'Structure model' 'Database references'        
3  4 'Structure model' 'Author supporting evidence' 
4  4 'Structure model' 'Database references'        
5  4 'Structure model' 'Derived calculations'       
6  4 'Structure model' Other                        
7  4 'Structure model' 'Source and taxonomy'        
8  5 'Structure model' 'Refinement description'     
9  6 'Structure model' 'Author supporting evidence' 
10 7 'Structure model' 'Data collection'            
11 7 'Structure model' 'Database references'        
12 7 'Structure model' 'Refinement description'     
# 
loop_
_pdbx_audit_revision_category.ordinal 
_pdbx_audit_revision_category.revision_ordinal 
_pdbx_audit_revision_category.data_content_type 
_pdbx_audit_revision_category.category 
1  4 'Structure model' citation                      
2  4 'Structure model' entity_src_gen                
3  4 'Structure model' pdbx_audit_support            
4  4 'Structure model' pdbx_database_status          
5  4 'Structure model' pdbx_struct_oper_list         
6  5 'Structure model' software                      
7  6 'Structure model' pdbx_audit_support            
8  7 'Structure model' chem_comp_atom                
9  7 'Structure model' chem_comp_bond                
10 7 'Structure model' database_2                    
11 7 'Structure model' pdbx_initial_refinement_model 
12 7 'Structure model' refine_hist                   
# 
loop_
_pdbx_audit_revision_item.ordinal 
_pdbx_audit_revision_item.revision_ordinal 
_pdbx_audit_revision_item.data_content_type 
_pdbx_audit_revision_item.item 
1  4 'Structure model' '_citation.journal_id_CSD'                    
2  4 'Structure model' '_entity_src_gen.pdbx_alt_source_flag'        
3  4 'Structure model' '_pdbx_audit_support.funding_organization'    
4  4 'Structure model' '_pdbx_database_status.pdb_format_compatible' 
5  4 'Structure model' '_pdbx_struct_oper_list.symmetry_operation'   
6  6 'Structure model' '_pdbx_audit_support.funding_organization'    
7  7 'Structure model' '_database_2.pdbx_DOI'                        
8  7 'Structure model' '_database_2.pdbx_database_accession'         
9  7 'Structure model' '_refine_hist.number_atoms_total'             
10 7 'Structure model' '_refine_hist.pdbx_number_atoms_nucleic_acid' 
11 7 'Structure model' '_refine_hist.pdbx_number_atoms_protein'      
# 
loop_
_software.citation_id 
_software.classification 
_software.compiler_name 
_software.compiler_version 
_software.contact_author 
_software.contact_author_email 
_software.date 
_software.description 
_software.dependencies 
_software.hardware 
_software.language 
_software.location 
_software.mods 
_software.name 
_software.os 
_software.os_version 
_software.type 
_software.version 
_software.pdbx_ordinal 
? 'data scaling'    ? ? ? ? ? ? ? ? ? ? ? XSCALE      ? ? ? .                            1 
? 'data extraction' ? ? ? ? ? ? ? ? ? ? ? PDB_EXTRACT ? ? ? 3.15                         2 
? refinement        ? ? ? ? ? ? ? ? ? ? ? PHENIX      ? ? ? '(phenix.refine: 1.7.1_743)' 3 
? 'model building'  ? ? ? ? ? ? ? ? ? ? ? Coot        ? ? ? .                            4 
# 
_pdbx_validate_torsion.id              1 
_pdbx_validate_torsion.PDB_model_num   1 
_pdbx_validate_torsion.auth_comp_id    ILE 
_pdbx_validate_torsion.auth_asym_id    A 
_pdbx_validate_torsion.auth_seq_id     29 
_pdbx_validate_torsion.PDB_ins_code    ? 
_pdbx_validate_torsion.label_alt_id    ? 
_pdbx_validate_torsion.phi             -103.74 
_pdbx_validate_torsion.psi             72.76 
# 
loop_
_pdbx_unobs_or_zero_occ_atoms.id 
_pdbx_unobs_or_zero_occ_atoms.PDB_model_num 
_pdbx_unobs_or_zero_occ_atoms.polymer_flag 
_pdbx_unobs_or_zero_occ_atoms.occupancy_flag 
_pdbx_unobs_or_zero_occ_atoms.auth_asym_id 
_pdbx_unobs_or_zero_occ_atoms.auth_comp_id 
_pdbx_unobs_or_zero_occ_atoms.auth_seq_id 
_pdbx_unobs_or_zero_occ_atoms.PDB_ins_code 
_pdbx_unobs_or_zero_occ_atoms.auth_atom_id 
_pdbx_unobs_or_zero_occ_atoms.label_alt_id 
_pdbx_unobs_or_zero_occ_atoms.label_asym_id 
_pdbx_unobs_or_zero_occ_atoms.label_comp_id 
_pdbx_unobs_or_zero_occ_atoms.label_seq_id 
_pdbx_unobs_or_zero_occ_atoms.label_atom_id 
1  1 Y 1 A LYS 16  ? CD  ? A LYS 16  CD  
2  1 Y 1 A LYS 16  ? CE  ? A LYS 16  CE  
3  1 Y 1 A LYS 16  ? NZ  ? A LYS 16  NZ  
4  1 Y 1 A LYS 60  ? NZ  ? A LYS 60  NZ  
5  1 Y 1 A LYS 83  ? CE  ? A LYS 83  CE  
6  1 Y 1 A LYS 83  ? NZ  ? A LYS 83  NZ  
7  1 Y 1 A LYS 147 ? NZ  ? A LYS 147 NZ  
8  1 Y 1 A ASN 163 ? CG  ? A ASN 163 CG  
9  1 Y 1 A ASN 163 ? OD1 ? A ASN 163 OD1 
10 1 Y 1 A ASN 163 ? ND2 ? A ASN 163 ND2 
# 
loop_
_pdbx_unobs_or_zero_occ_residues.id 
_pdbx_unobs_or_zero_occ_residues.PDB_model_num 
_pdbx_unobs_or_zero_occ_residues.polymer_flag 
_pdbx_unobs_or_zero_occ_residues.occupancy_flag 
_pdbx_unobs_or_zero_occ_residues.auth_asym_id 
_pdbx_unobs_or_zero_occ_residues.auth_comp_id 
_pdbx_unobs_or_zero_occ_residues.auth_seq_id 
_pdbx_unobs_or_zero_occ_residues.PDB_ins_code 
_pdbx_unobs_or_zero_occ_residues.label_asym_id 
_pdbx_unobs_or_zero_occ_residues.label_comp_id 
_pdbx_unobs_or_zero_occ_residues.label_seq_id 
1 1 Y 1 A LEU 165 ? A LEU 165 
2 1 Y 1 A GLU 166 ? A GLU 166 
3 1 Y 1 A HIS 167 ? A HIS 167 
4 1 Y 1 A HIS 168 ? A HIS 168 
5 1 Y 1 A HIS 169 ? A HIS 169 
6 1 Y 1 A HIS 170 ? A HIS 170 
7 1 Y 1 A HIS 171 ? A HIS 171 
8 1 Y 1 A HIS 172 ? A HIS 172 
# 
loop_
_chem_comp_atom.comp_id 
_chem_comp_atom.atom_id 
_chem_comp_atom.type_symbol 
_chem_comp_atom.pdbx_aromatic_flag 
_chem_comp_atom.pdbx_stereo_config 
_chem_comp_atom.pdbx_ordinal 
3GZ CAA  C N N 1   
3GZ CAG  C N N 2   
3GZ CAH  C N N 3   
3GZ CAI  C N N 4   
3GZ CAJ  C N N 5   
3GZ CAK  C N N 6   
3GZ CAL  C Y N 7   
3GZ CAE  C Y N 8   
3GZ CAC  C Y N 9   
3GZ CAB  C Y N 10  
3GZ CAD  C Y N 11  
3GZ CAF  C Y N 12  
3GZ H1   H N N 13  
3GZ H2   H N N 14  
3GZ H3   H N N 15  
3GZ H4   H N N 16  
3GZ H5   H N N 17  
3GZ H6   H N N 18  
3GZ H7   H N N 19  
3GZ H8   H N N 20  
3GZ H9   H N N 21  
3GZ H10  H N N 22  
3GZ H11  H N N 23  
3GZ H12  H N N 24  
3GZ H13  H N N 25  
3GZ H14  H N N 26  
3GZ H15  H N N 27  
3GZ H16  H N N 28  
3GZ H17  H N N 29  
3GZ H18  H N N 30  
ALA N    N N N 31  
ALA CA   C N S 32  
ALA C    C N N 33  
ALA O    O N N 34  
ALA CB   C N N 35  
ALA OXT  O N N 36  
ALA H    H N N 37  
ALA H2   H N N 38  
ALA HA   H N N 39  
ALA HB1  H N N 40  
ALA HB2  H N N 41  
ALA HB3  H N N 42  
ALA HXT  H N N 43  
ARG N    N N N 44  
ARG CA   C N S 45  
ARG C    C N N 46  
ARG O    O N N 47  
ARG CB   C N N 48  
ARG CG   C N N 49  
ARG CD   C N N 50  
ARG NE   N N N 51  
ARG CZ   C N N 52  
ARG NH1  N N N 53  
ARG NH2  N N N 54  
ARG OXT  O N N 55  
ARG H    H N N 56  
ARG H2   H N N 57  
ARG HA   H N N 58  
ARG HB2  H N N 59  
ARG HB3  H N N 60  
ARG HG2  H N N 61  
ARG HG3  H N N 62  
ARG HD2  H N N 63  
ARG HD3  H N N 64  
ARG HE   H N N 65  
ARG HH11 H N N 66  
ARG HH12 H N N 67  
ARG HH21 H N N 68  
ARG HH22 H N N 69  
ARG HXT  H N N 70  
ASN N    N N N 71  
ASN CA   C N S 72  
ASN C    C N N 73  
ASN O    O N N 74  
ASN CB   C N N 75  
ASN CG   C N N 76  
ASN OD1  O N N 77  
ASN ND2  N N N 78  
ASN OXT  O N N 79  
ASN H    H N N 80  
ASN H2   H N N 81  
ASN HA   H N N 82  
ASN HB2  H N N 83  
ASN HB3  H N N 84  
ASN HD21 H N N 85  
ASN HD22 H N N 86  
ASN HXT  H N N 87  
ASP N    N N N 88  
ASP CA   C N S 89  
ASP C    C N N 90  
ASP O    O N N 91  
ASP CB   C N N 92  
ASP CG   C N N 93  
ASP OD1  O N N 94  
ASP OD2  O N N 95  
ASP OXT  O N N 96  
ASP H    H N N 97  
ASP H2   H N N 98  
ASP HA   H N N 99  
ASP HB2  H N N 100 
ASP HB3  H N N 101 
ASP HD2  H N N 102 
ASP HXT  H N N 103 
CYS N    N N N 104 
CYS CA   C N R 105 
CYS C    C N N 106 
CYS O    O N N 107 
CYS CB   C N N 108 
CYS SG   S N N 109 
CYS OXT  O N N 110 
CYS H    H N N 111 
CYS H2   H N N 112 
CYS HA   H N N 113 
CYS HB2  H N N 114 
CYS HB3  H N N 115 
CYS HG   H N N 116 
CYS HXT  H N N 117 
EPE N1   N N N 118 
EPE C2   C N N 119 
EPE C3   C N N 120 
EPE N4   N N N 121 
EPE C5   C N N 122 
EPE C6   C N N 123 
EPE C7   C N N 124 
EPE C8   C N N 125 
EPE O8   O N N 126 
EPE C9   C N N 127 
EPE C10  C N N 128 
EPE S    S N N 129 
EPE O1S  O N N 130 
EPE O2S  O N N 131 
EPE O3S  O N N 132 
EPE H21  H N N 133 
EPE H22  H N N 134 
EPE H31  H N N 135 
EPE H32  H N N 136 
EPE H51  H N N 137 
EPE H52  H N N 138 
EPE H61  H N N 139 
EPE H62  H N N 140 
EPE H71  H N N 141 
EPE H72  H N N 142 
EPE H81  H N N 143 
EPE H82  H N N 144 
EPE HO8  H N N 145 
EPE H91  H N N 146 
EPE H92  H N N 147 
EPE H101 H N N 148 
EPE H102 H N N 149 
EPE HOS3 H N N 150 
GLN N    N N N 151 
GLN CA   C N S 152 
GLN C    C N N 153 
GLN O    O N N 154 
GLN CB   C N N 155 
GLN CG   C N N 156 
GLN CD   C N N 157 
GLN OE1  O N N 158 
GLN NE2  N N N 159 
GLN OXT  O N N 160 
GLN H    H N N 161 
GLN H2   H N N 162 
GLN HA   H N N 163 
GLN HB2  H N N 164 
GLN HB3  H N N 165 
GLN HG2  H N N 166 
GLN HG3  H N N 167 
GLN HE21 H N N 168 
GLN HE22 H N N 169 
GLN HXT  H N N 170 
GLU N    N N N 171 
GLU CA   C N S 172 
GLU C    C N N 173 
GLU O    O N N 174 
GLU CB   C N N 175 
GLU CG   C N N 176 
GLU CD   C N N 177 
GLU OE1  O N N 178 
GLU OE2  O N N 179 
GLU OXT  O N N 180 
GLU H    H N N 181 
GLU H2   H N N 182 
GLU HA   H N N 183 
GLU HB2  H N N 184 
GLU HB3  H N N 185 
GLU HG2  H N N 186 
GLU HG3  H N N 187 
GLU HE2  H N N 188 
GLU HXT  H N N 189 
GLY N    N N N 190 
GLY CA   C N N 191 
GLY C    C N N 192 
GLY O    O N N 193 
GLY OXT  O N N 194 
GLY H    H N N 195 
GLY H2   H N N 196 
GLY HA2  H N N 197 
GLY HA3  H N N 198 
GLY HXT  H N N 199 
HIS N    N N N 200 
HIS CA   C N S 201 
HIS C    C N N 202 
HIS O    O N N 203 
HIS CB   C N N 204 
HIS CG   C Y N 205 
HIS ND1  N Y N 206 
HIS CD2  C Y N 207 
HIS CE1  C Y N 208 
HIS NE2  N Y N 209 
HIS OXT  O N N 210 
HIS H    H N N 211 
HIS H2   H N N 212 
HIS HA   H N N 213 
HIS HB2  H N N 214 
HIS HB3  H N N 215 
HIS HD1  H N N 216 
HIS HD2  H N N 217 
HIS HE1  H N N 218 
HIS HE2  H N N 219 
HIS HXT  H N N 220 
HOH O    O N N 221 
HOH H1   H N N 222 
HOH H2   H N N 223 
ILE N    N N N 224 
ILE CA   C N S 225 
ILE C    C N N 226 
ILE O    O N N 227 
ILE CB   C N S 228 
ILE CG1  C N N 229 
ILE CG2  C N N 230 
ILE CD1  C N N 231 
ILE OXT  O N N 232 
ILE H    H N N 233 
ILE H2   H N N 234 
ILE HA   H N N 235 
ILE HB   H N N 236 
ILE HG12 H N N 237 
ILE HG13 H N N 238 
ILE HG21 H N N 239 
ILE HG22 H N N 240 
ILE HG23 H N N 241 
ILE HD11 H N N 242 
ILE HD12 H N N 243 
ILE HD13 H N N 244 
ILE HXT  H N N 245 
LEU N    N N N 246 
LEU CA   C N S 247 
LEU C    C N N 248 
LEU O    O N N 249 
LEU CB   C N N 250 
LEU CG   C N N 251 
LEU CD1  C N N 252 
LEU CD2  C N N 253 
LEU OXT  O N N 254 
LEU H    H N N 255 
LEU H2   H N N 256 
LEU HA   H N N 257 
LEU HB2  H N N 258 
LEU HB3  H N N 259 
LEU HG   H N N 260 
LEU HD11 H N N 261 
LEU HD12 H N N 262 
LEU HD13 H N N 263 
LEU HD21 H N N 264 
LEU HD22 H N N 265 
LEU HD23 H N N 266 
LEU HXT  H N N 267 
LYS N    N N N 268 
LYS CA   C N S 269 
LYS C    C N N 270 
LYS O    O N N 271 
LYS CB   C N N 272 
LYS CG   C N N 273 
LYS CD   C N N 274 
LYS CE   C N N 275 
LYS NZ   N N N 276 
LYS OXT  O N N 277 
LYS H    H N N 278 
LYS H2   H N N 279 
LYS HA   H N N 280 
LYS HB2  H N N 281 
LYS HB3  H N N 282 
LYS HG2  H N N 283 
LYS HG3  H N N 284 
LYS HD2  H N N 285 
LYS HD3  H N N 286 
LYS HE2  H N N 287 
LYS HE3  H N N 288 
LYS HZ1  H N N 289 
LYS HZ2  H N N 290 
LYS HZ3  H N N 291 
LYS HXT  H N N 292 
MET N    N N N 293 
MET CA   C N S 294 
MET C    C N N 295 
MET O    O N N 296 
MET CB   C N N 297 
MET CG   C N N 298 
MET SD   S N N 299 
MET CE   C N N 300 
MET OXT  O N N 301 
MET H    H N N 302 
MET H2   H N N 303 
MET HA   H N N 304 
MET HB2  H N N 305 
MET HB3  H N N 306 
MET HG2  H N N 307 
MET HG3  H N N 308 
MET HE1  H N N 309 
MET HE2  H N N 310 
MET HE3  H N N 311 
MET HXT  H N N 312 
PHE N    N N N 313 
PHE CA   C N S 314 
PHE C    C N N 315 
PHE O    O N N 316 
PHE CB   C N N 317 
PHE CG   C Y N 318 
PHE CD1  C Y N 319 
PHE CD2  C Y N 320 
PHE CE1  C Y N 321 
PHE CE2  C Y N 322 
PHE CZ   C Y N 323 
PHE OXT  O N N 324 
PHE H    H N N 325 
PHE H2   H N N 326 
PHE HA   H N N 327 
PHE HB2  H N N 328 
PHE HB3  H N N 329 
PHE HD1  H N N 330 
PHE HD2  H N N 331 
PHE HE1  H N N 332 
PHE HE2  H N N 333 
PHE HZ   H N N 334 
PHE HXT  H N N 335 
PRO N    N N N 336 
PRO CA   C N S 337 
PRO C    C N N 338 
PRO O    O N N 339 
PRO CB   C N N 340 
PRO CG   C N N 341 
PRO CD   C N N 342 
PRO OXT  O N N 343 
PRO H    H N N 344 
PRO HA   H N N 345 
PRO HB2  H N N 346 
PRO HB3  H N N 347 
PRO HG2  H N N 348 
PRO HG3  H N N 349 
PRO HD2  H N N 350 
PRO HD3  H N N 351 
PRO HXT  H N N 352 
SER N    N N N 353 
SER CA   C N S 354 
SER C    C N N 355 
SER O    O N N 356 
SER CB   C N N 357 
SER OG   O N N 358 
SER OXT  O N N 359 
SER H    H N N 360 
SER H2   H N N 361 
SER HA   H N N 362 
SER HB2  H N N 363 
SER HB3  H N N 364 
SER HG   H N N 365 
SER HXT  H N N 366 
THR N    N N N 367 
THR CA   C N S 368 
THR C    C N N 369 
THR O    O N N 370 
THR CB   C N R 371 
THR OG1  O N N 372 
THR CG2  C N N 373 
THR OXT  O N N 374 
THR H    H N N 375 
THR H2   H N N 376 
THR HA   H N N 377 
THR HB   H N N 378 
THR HG1  H N N 379 
THR HG21 H N N 380 
THR HG22 H N N 381 
THR HG23 H N N 382 
THR HXT  H N N 383 
TRP N    N N N 384 
TRP CA   C N S 385 
TRP C    C N N 386 
TRP O    O N N 387 
TRP CB   C N N 388 
TRP CG   C Y N 389 
TRP CD1  C Y N 390 
TRP CD2  C Y N 391 
TRP NE1  N Y N 392 
TRP CE2  C Y N 393 
TRP CE3  C Y N 394 
TRP CZ2  C Y N 395 
TRP CZ3  C Y N 396 
TRP CH2  C Y N 397 
TRP OXT  O N N 398 
TRP H    H N N 399 
TRP H2   H N N 400 
TRP HA   H N N 401 
TRP HB2  H N N 402 
TRP HB3  H N N 403 
TRP HD1  H N N 404 
TRP HE1  H N N 405 
TRP HE3  H N N 406 
TRP HZ2  H N N 407 
TRP HZ3  H N N 408 
TRP HH2  H N N 409 
TRP HXT  H N N 410 
TYR N    N N N 411 
TYR CA   C N S 412 
TYR C    C N N 413 
TYR O    O N N 414 
TYR CB   C N N 415 
TYR CG   C Y N 416 
TYR CD1  C Y N 417 
TYR CD2  C Y N 418 
TYR CE1  C Y N 419 
TYR CE2  C Y N 420 
TYR CZ   C Y N 421 
TYR OH   O N N 422 
TYR OXT  O N N 423 
TYR H    H N N 424 
TYR H2   H N N 425 
TYR HA   H N N 426 
TYR HB2  H N N 427 
TYR HB3  H N N 428 
TYR HD1  H N N 429 
TYR HD2  H N N 430 
TYR HE1  H N N 431 
TYR HE2  H N N 432 
TYR HH   H N N 433 
TYR HXT  H N N 434 
VAL N    N N N 435 
VAL CA   C N S 436 
VAL C    C N N 437 
VAL O    O N N 438 
VAL CB   C N N 439 
VAL CG1  C N N 440 
VAL CG2  C N N 441 
VAL OXT  O N N 442 
VAL H    H N N 443 
VAL H2   H N N 444 
VAL HA   H N N 445 
VAL HB   H N N 446 
VAL HG11 H N N 447 
VAL HG12 H N N 448 
VAL HG13 H N N 449 
VAL HG21 H N N 450 
VAL HG22 H N N 451 
VAL HG23 H N N 452 
VAL HXT  H N N 453 
# 
loop_
_chem_comp_bond.comp_id 
_chem_comp_bond.atom_id_1 
_chem_comp_bond.atom_id_2 
_chem_comp_bond.value_order 
_chem_comp_bond.pdbx_aromatic_flag 
_chem_comp_bond.pdbx_stereo_config 
_chem_comp_bond.pdbx_ordinal 
3GZ CAJ CAK  sing N N 1   
3GZ CAJ CAI  sing N N 2   
3GZ CAK CAL  sing N N 3   
3GZ CAI CAH  sing N N 4   
3GZ CAH CAG  sing N N 5   
3GZ CAE CAL  doub Y N 6   
3GZ CAE CAC  sing Y N 7   
3GZ CAL CAF  sing Y N 8   
3GZ CAG CAA  sing N N 9   
3GZ CAC CAB  doub Y N 10  
3GZ CAF CAD  doub Y N 11  
3GZ CAB CAD  sing Y N 12  
3GZ CAA H1   sing N N 13  
3GZ CAA H2   sing N N 14  
3GZ CAA H3   sing N N 15  
3GZ CAG H4   sing N N 16  
3GZ CAG H5   sing N N 17  
3GZ CAH H6   sing N N 18  
3GZ CAH H7   sing N N 19  
3GZ CAI H8   sing N N 20  
3GZ CAI H9   sing N N 21  
3GZ CAJ H10  sing N N 22  
3GZ CAJ H11  sing N N 23  
3GZ CAK H12  sing N N 24  
3GZ CAK H13  sing N N 25  
3GZ CAE H14  sing N N 26  
3GZ CAC H15  sing N N 27  
3GZ CAB H16  sing N N 28  
3GZ CAD H17  sing N N 29  
3GZ CAF H18  sing N N 30  
ALA N   CA   sing N N 31  
ALA N   H    sing N N 32  
ALA N   H2   sing N N 33  
ALA CA  C    sing N N 34  
ALA CA  CB   sing N N 35  
ALA CA  HA   sing N N 36  
ALA C   O    doub N N 37  
ALA C   OXT  sing N N 38  
ALA CB  HB1  sing N N 39  
ALA CB  HB2  sing N N 40  
ALA CB  HB3  sing N N 41  
ALA OXT HXT  sing N N 42  
ARG N   CA   sing N N 43  
ARG N   H    sing N N 44  
ARG N   H2   sing N N 45  
ARG CA  C    sing N N 46  
ARG CA  CB   sing N N 47  
ARG CA  HA   sing N N 48  
ARG C   O    doub N N 49  
ARG C   OXT  sing N N 50  
ARG CB  CG   sing N N 51  
ARG CB  HB2  sing N N 52  
ARG CB  HB3  sing N N 53  
ARG CG  CD   sing N N 54  
ARG CG  HG2  sing N N 55  
ARG CG  HG3  sing N N 56  
ARG CD  NE   sing N N 57  
ARG CD  HD2  sing N N 58  
ARG CD  HD3  sing N N 59  
ARG NE  CZ   sing N N 60  
ARG NE  HE   sing N N 61  
ARG CZ  NH1  sing N N 62  
ARG CZ  NH2  doub N N 63  
ARG NH1 HH11 sing N N 64  
ARG NH1 HH12 sing N N 65  
ARG NH2 HH21 sing N N 66  
ARG NH2 HH22 sing N N 67  
ARG OXT HXT  sing N N 68  
ASN N   CA   sing N N 69  
ASN N   H    sing N N 70  
ASN N   H2   sing N N 71  
ASN CA  C    sing N N 72  
ASN CA  CB   sing N N 73  
ASN CA  HA   sing N N 74  
ASN C   O    doub N N 75  
ASN C   OXT  sing N N 76  
ASN CB  CG   sing N N 77  
ASN CB  HB2  sing N N 78  
ASN CB  HB3  sing N N 79  
ASN CG  OD1  doub N N 80  
ASN CG  ND2  sing N N 81  
ASN ND2 HD21 sing N N 82  
ASN ND2 HD22 sing N N 83  
ASN OXT HXT  sing N N 84  
ASP N   CA   sing N N 85  
ASP N   H    sing N N 86  
ASP N   H2   sing N N 87  
ASP CA  C    sing N N 88  
ASP CA  CB   sing N N 89  
ASP CA  HA   sing N N 90  
ASP C   O    doub N N 91  
ASP C   OXT  sing N N 92  
ASP CB  CG   sing N N 93  
ASP CB  HB2  sing N N 94  
ASP CB  HB3  sing N N 95  
ASP CG  OD1  doub N N 96  
ASP CG  OD2  sing N N 97  
ASP OD2 HD2  sing N N 98  
ASP OXT HXT  sing N N 99  
CYS N   CA   sing N N 100 
CYS N   H    sing N N 101 
CYS N   H2   sing N N 102 
CYS CA  C    sing N N 103 
CYS CA  CB   sing N N 104 
CYS CA  HA   sing N N 105 
CYS C   O    doub N N 106 
CYS C   OXT  sing N N 107 
CYS CB  SG   sing N N 108 
CYS CB  HB2  sing N N 109 
CYS CB  HB3  sing N N 110 
CYS SG  HG   sing N N 111 
CYS OXT HXT  sing N N 112 
EPE N1  C2   sing N N 113 
EPE N1  C6   sing N N 114 
EPE N1  C9   sing N N 115 
EPE C2  C3   sing N N 116 
EPE C2  H21  sing N N 117 
EPE C2  H22  sing N N 118 
EPE C3  N4   sing N N 119 
EPE C3  H31  sing N N 120 
EPE C3  H32  sing N N 121 
EPE N4  C5   sing N N 122 
EPE N4  C7   sing N N 123 
EPE C5  C6   sing N N 124 
EPE C5  H51  sing N N 125 
EPE C5  H52  sing N N 126 
EPE C6  H61  sing N N 127 
EPE C6  H62  sing N N 128 
EPE C7  C8   sing N N 129 
EPE C7  H71  sing N N 130 
EPE C7  H72  sing N N 131 
EPE C8  O8   sing N N 132 
EPE C8  H81  sing N N 133 
EPE C8  H82  sing N N 134 
EPE O8  HO8  sing N N 135 
EPE C9  C10  sing N N 136 
EPE C9  H91  sing N N 137 
EPE C9  H92  sing N N 138 
EPE C10 S    sing N N 139 
EPE C10 H101 sing N N 140 
EPE C10 H102 sing N N 141 
EPE S   O1S  doub N N 142 
EPE S   O2S  doub N N 143 
EPE S   O3S  sing N N 144 
EPE O3S HOS3 sing N N 145 
GLN N   CA   sing N N 146 
GLN N   H    sing N N 147 
GLN N   H2   sing N N 148 
GLN CA  C    sing N N 149 
GLN CA  CB   sing N N 150 
GLN CA  HA   sing N N 151 
GLN C   O    doub N N 152 
GLN C   OXT  sing N N 153 
GLN CB  CG   sing N N 154 
GLN CB  HB2  sing N N 155 
GLN CB  HB3  sing N N 156 
GLN CG  CD   sing N N 157 
GLN CG  HG2  sing N N 158 
GLN CG  HG3  sing N N 159 
GLN CD  OE1  doub N N 160 
GLN CD  NE2  sing N N 161 
GLN NE2 HE21 sing N N 162 
GLN NE2 HE22 sing N N 163 
GLN OXT HXT  sing N N 164 
GLU N   CA   sing N N 165 
GLU N   H    sing N N 166 
GLU N   H2   sing N N 167 
GLU CA  C    sing N N 168 
GLU CA  CB   sing N N 169 
GLU CA  HA   sing N N 170 
GLU C   O    doub N N 171 
GLU C   OXT  sing N N 172 
GLU CB  CG   sing N N 173 
GLU CB  HB2  sing N N 174 
GLU CB  HB3  sing N N 175 
GLU CG  CD   sing N N 176 
GLU CG  HG2  sing N N 177 
GLU CG  HG3  sing N N 178 
GLU CD  OE1  doub N N 179 
GLU CD  OE2  sing N N 180 
GLU OE2 HE2  sing N N 181 
GLU OXT HXT  sing N N 182 
GLY N   CA   sing N N 183 
GLY N   H    sing N N 184 
GLY N   H2   sing N N 185 
GLY CA  C    sing N N 186 
GLY CA  HA2  sing N N 187 
GLY CA  HA3  sing N N 188 
GLY C   O    doub N N 189 
GLY C   OXT  sing N N 190 
GLY OXT HXT  sing N N 191 
HIS N   CA   sing N N 192 
HIS N   H    sing N N 193 
HIS N   H2   sing N N 194 
HIS CA  C    sing N N 195 
HIS CA  CB   sing N N 196 
HIS CA  HA   sing N N 197 
HIS C   O    doub N N 198 
HIS C   OXT  sing N N 199 
HIS CB  CG   sing N N 200 
HIS CB  HB2  sing N N 201 
HIS CB  HB3  sing N N 202 
HIS CG  ND1  sing Y N 203 
HIS CG  CD2  doub Y N 204 
HIS ND1 CE1  doub Y N 205 
HIS ND1 HD1  sing N N 206 
HIS CD2 NE2  sing Y N 207 
HIS CD2 HD2  sing N N 208 
HIS CE1 NE2  sing Y N 209 
HIS CE1 HE1  sing N N 210 
HIS NE2 HE2  sing N N 211 
HIS OXT HXT  sing N N 212 
HOH O   H1   sing N N 213 
HOH O   H2   sing N N 214 
ILE N   CA   sing N N 215 
ILE N   H    sing N N 216 
ILE N   H2   sing N N 217 
ILE CA  C    sing N N 218 
ILE CA  CB   sing N N 219 
ILE CA  HA   sing N N 220 
ILE C   O    doub N N 221 
ILE C   OXT  sing N N 222 
ILE CB  CG1  sing N N 223 
ILE CB  CG2  sing N N 224 
ILE CB  HB   sing N N 225 
ILE CG1 CD1  sing N N 226 
ILE CG1 HG12 sing N N 227 
ILE CG1 HG13 sing N N 228 
ILE CG2 HG21 sing N N 229 
ILE CG2 HG22 sing N N 230 
ILE CG2 HG23 sing N N 231 
ILE CD1 HD11 sing N N 232 
ILE CD1 HD12 sing N N 233 
ILE CD1 HD13 sing N N 234 
ILE OXT HXT  sing N N 235 
LEU N   CA   sing N N 236 
LEU N   H    sing N N 237 
LEU N   H2   sing N N 238 
LEU CA  C    sing N N 239 
LEU CA  CB   sing N N 240 
LEU CA  HA   sing N N 241 
LEU C   O    doub N N 242 
LEU C   OXT  sing N N 243 
LEU CB  CG   sing N N 244 
LEU CB  HB2  sing N N 245 
LEU CB  HB3  sing N N 246 
LEU CG  CD1  sing N N 247 
LEU CG  CD2  sing N N 248 
LEU CG  HG   sing N N 249 
LEU CD1 HD11 sing N N 250 
LEU CD1 HD12 sing N N 251 
LEU CD1 HD13 sing N N 252 
LEU CD2 HD21 sing N N 253 
LEU CD2 HD22 sing N N 254 
LEU CD2 HD23 sing N N 255 
LEU OXT HXT  sing N N 256 
LYS N   CA   sing N N 257 
LYS N   H    sing N N 258 
LYS N   H2   sing N N 259 
LYS CA  C    sing N N 260 
LYS CA  CB   sing N N 261 
LYS CA  HA   sing N N 262 
LYS C   O    doub N N 263 
LYS C   OXT  sing N N 264 
LYS CB  CG   sing N N 265 
LYS CB  HB2  sing N N 266 
LYS CB  HB3  sing N N 267 
LYS CG  CD   sing N N 268 
LYS CG  HG2  sing N N 269 
LYS CG  HG3  sing N N 270 
LYS CD  CE   sing N N 271 
LYS CD  HD2  sing N N 272 
LYS CD  HD3  sing N N 273 
LYS CE  NZ   sing N N 274 
LYS CE  HE2  sing N N 275 
LYS CE  HE3  sing N N 276 
LYS NZ  HZ1  sing N N 277 
LYS NZ  HZ2  sing N N 278 
LYS NZ  HZ3  sing N N 279 
LYS OXT HXT  sing N N 280 
MET N   CA   sing N N 281 
MET N   H    sing N N 282 
MET N   H2   sing N N 283 
MET CA  C    sing N N 284 
MET CA  CB   sing N N 285 
MET CA  HA   sing N N 286 
MET C   O    doub N N 287 
MET C   OXT  sing N N 288 
MET CB  CG   sing N N 289 
MET CB  HB2  sing N N 290 
MET CB  HB3  sing N N 291 
MET CG  SD   sing N N 292 
MET CG  HG2  sing N N 293 
MET CG  HG3  sing N N 294 
MET SD  CE   sing N N 295 
MET CE  HE1  sing N N 296 
MET CE  HE2  sing N N 297 
MET CE  HE3  sing N N 298 
MET OXT HXT  sing N N 299 
PHE N   CA   sing N N 300 
PHE N   H    sing N N 301 
PHE N   H2   sing N N 302 
PHE CA  C    sing N N 303 
PHE CA  CB   sing N N 304 
PHE CA  HA   sing N N 305 
PHE C   O    doub N N 306 
PHE C   OXT  sing N N 307 
PHE CB  CG   sing N N 308 
PHE CB  HB2  sing N N 309 
PHE CB  HB3  sing N N 310 
PHE CG  CD1  doub Y N 311 
PHE CG  CD2  sing Y N 312 
PHE CD1 CE1  sing Y N 313 
PHE CD1 HD1  sing N N 314 
PHE CD2 CE2  doub Y N 315 
PHE CD2 HD2  sing N N 316 
PHE CE1 CZ   doub Y N 317 
PHE CE1 HE1  sing N N 318 
PHE CE2 CZ   sing Y N 319 
PHE CE2 HE2  sing N N 320 
PHE CZ  HZ   sing N N 321 
PHE OXT HXT  sing N N 322 
PRO N   CA   sing N N 323 
PRO N   CD   sing N N 324 
PRO N   H    sing N N 325 
PRO CA  C    sing N N 326 
PRO CA  CB   sing N N 327 
PRO CA  HA   sing N N 328 
PRO C   O    doub N N 329 
PRO C   OXT  sing N N 330 
PRO CB  CG   sing N N 331 
PRO CB  HB2  sing N N 332 
PRO CB  HB3  sing N N 333 
PRO CG  CD   sing N N 334 
PRO CG  HG2  sing N N 335 
PRO CG  HG3  sing N N 336 
PRO CD  HD2  sing N N 337 
PRO CD  HD3  sing N N 338 
PRO OXT HXT  sing N N 339 
SER N   CA   sing N N 340 
SER N   H    sing N N 341 
SER N   H2   sing N N 342 
SER CA  C    sing N N 343 
SER CA  CB   sing N N 344 
SER CA  HA   sing N N 345 
SER C   O    doub N N 346 
SER C   OXT  sing N N 347 
SER CB  OG   sing N N 348 
SER CB  HB2  sing N N 349 
SER CB  HB3  sing N N 350 
SER OG  HG   sing N N 351 
SER OXT HXT  sing N N 352 
THR N   CA   sing N N 353 
THR N   H    sing N N 354 
THR N   H2   sing N N 355 
THR CA  C    sing N N 356 
THR CA  CB   sing N N 357 
THR CA  HA   sing N N 358 
THR C   O    doub N N 359 
THR C   OXT  sing N N 360 
THR CB  OG1  sing N N 361 
THR CB  CG2  sing N N 362 
THR CB  HB   sing N N 363 
THR OG1 HG1  sing N N 364 
THR CG2 HG21 sing N N 365 
THR CG2 HG22 sing N N 366 
THR CG2 HG23 sing N N 367 
THR OXT HXT  sing N N 368 
TRP N   CA   sing N N 369 
TRP N   H    sing N N 370 
TRP N   H2   sing N N 371 
TRP CA  C    sing N N 372 
TRP CA  CB   sing N N 373 
TRP CA  HA   sing N N 374 
TRP C   O    doub N N 375 
TRP C   OXT  sing N N 376 
TRP CB  CG   sing N N 377 
TRP CB  HB2  sing N N 378 
TRP CB  HB3  sing N N 379 
TRP CG  CD1  doub Y N 380 
TRP CG  CD2  sing Y N 381 
TRP CD1 NE1  sing Y N 382 
TRP CD1 HD1  sing N N 383 
TRP CD2 CE2  doub Y N 384 
TRP CD2 CE3  sing Y N 385 
TRP NE1 CE2  sing Y N 386 
TRP NE1 HE1  sing N N 387 
TRP CE2 CZ2  sing Y N 388 
TRP CE3 CZ3  doub Y N 389 
TRP CE3 HE3  sing N N 390 
TRP CZ2 CH2  doub Y N 391 
TRP CZ2 HZ2  sing N N 392 
TRP CZ3 CH2  sing Y N 393 
TRP CZ3 HZ3  sing N N 394 
TRP CH2 HH2  sing N N 395 
TRP OXT HXT  sing N N 396 
TYR N   CA   sing N N 397 
TYR N   H    sing N N 398 
TYR N   H2   sing N N 399 
TYR CA  C    sing N N 400 
TYR CA  CB   sing N N 401 
TYR CA  HA   sing N N 402 
TYR C   O    doub N N 403 
TYR C   OXT  sing N N 404 
TYR CB  CG   sing N N 405 
TYR CB  HB2  sing N N 406 
TYR CB  HB3  sing N N 407 
TYR CG  CD1  doub Y N 408 
TYR CG  CD2  sing Y N 409 
TYR CD1 CE1  sing Y N 410 
TYR CD1 HD1  sing N N 411 
TYR CD2 CE2  doub Y N 412 
TYR CD2 HD2  sing N N 413 
TYR CE1 CZ   doub Y N 414 
TYR CE1 HE1  sing N N 415 
TYR CE2 CZ   sing Y N 416 
TYR CE2 HE2  sing N N 417 
TYR CZ  OH   sing N N 418 
TYR OH  HH   sing N N 419 
TYR OXT HXT  sing N N 420 
VAL N   CA   sing N N 421 
VAL N   H    sing N N 422 
VAL N   H2   sing N N 423 
VAL CA  C    sing N N 424 
VAL CA  CB   sing N N 425 
VAL CA  HA   sing N N 426 
VAL C   O    doub N N 427 
VAL C   OXT  sing N N 428 
VAL CB  CG1  sing N N 429 
VAL CB  CG2  sing N N 430 
VAL CB  HB   sing N N 431 
VAL CG1 HG11 sing N N 432 
VAL CG1 HG12 sing N N 433 
VAL CG1 HG13 sing N N 434 
VAL CG2 HG21 sing N N 435 
VAL CG2 HG22 sing N N 436 
VAL CG2 HG23 sing N N 437 
VAL OXT HXT  sing N N 438 
# 
_pdbx_audit_support.funding_organization   
'National Institutes of Health/National Institute of General Medical Sciences (NIH/NIGMS)' 
_pdbx_audit_support.country                'United States' 
_pdbx_audit_support.grant_number           GM59957 
_pdbx_audit_support.ordinal                1 
# 
loop_
_pdbx_entity_nonpoly.entity_id 
_pdbx_entity_nonpoly.name 
_pdbx_entity_nonpoly.comp_id 
2 hexylbenzene                                          3GZ 
3 '4-(2-HYDROXYETHYL)-1-PIPERAZINE ETHANESULFONIC ACID' EPE 
4 water                                                 HOH 
# 
_pdbx_initial_refinement_model.id               1 
_pdbx_initial_refinement_model.entity_id_list   ? 
_pdbx_initial_refinement_model.type             'experimental model' 
_pdbx_initial_refinement_model.source_name      PDB 
_pdbx_initial_refinement_model.accession_code   181L 
_pdbx_initial_refinement_model.details          ? 
# 
